data_2HFQ
#
_entry.id   2HFQ
#
_cell.length_a   1.000
_cell.length_b   1.000
_cell.length_c   1.000
_cell.angle_alpha   90.00
_cell.angle_beta   90.00
_cell.angle_gamma   90.00
#
_symmetry.space_group_name_H-M   'P 1'
#
_entity_poly.entity_id   1
_entity_poly.type   'polypeptide(L)'
_entity_poly.pdbx_seq_one_letter_code
;MGSSHHHHHHSSGRENLYFQGHMQIHVYDTYVKAKDGHVMHFDVFTDVRDDKKAIEFAKQWLSSIGEEGATVTSEECRFC
HSEKAPDEVIEAIKQNGYFIYKMEGCNGS
;
_entity_poly.pdbx_strand_id   A
#
# COMPACT_ATOMS: atom_id res chain seq x y z
N MET A 23 7.33 16.78 3.47
CA MET A 23 7.48 15.33 3.25
C MET A 23 6.68 14.92 2.02
N GLN A 24 7.29 14.14 1.15
CA GLN A 24 6.63 13.71 -0.08
C GLN A 24 6.12 12.28 0.06
N ILE A 25 4.82 12.12 -0.01
CA ILE A 25 4.23 10.80 0.07
C ILE A 25 4.28 10.10 -1.28
N HIS A 26 4.89 8.92 -1.29
CA HIS A 26 4.97 8.12 -2.49
C HIS A 26 3.76 7.22 -2.57
N VAL A 27 2.88 7.50 -3.53
CA VAL A 27 1.64 6.77 -3.66
C VAL A 27 1.85 5.51 -4.49
N TYR A 28 1.87 4.37 -3.81
CA TYR A 28 2.02 3.09 -4.50
C TYR A 28 0.68 2.39 -4.62
N ASP A 29 0.08 2.50 -5.80
CA ASP A 29 -1.19 1.86 -6.12
C ASP A 29 -0.99 0.35 -6.16
N THR A 30 -1.58 -0.37 -5.22
CA THR A 30 -1.33 -1.79 -5.10
C THR A 30 -2.56 -2.60 -5.49
N TYR A 31 -2.36 -3.58 -6.37
CA TYR A 31 -3.42 -4.49 -6.77
C TYR A 31 -3.27 -5.82 -6.02
N VAL A 32 -4.21 -6.10 -5.13
CA VAL A 32 -4.24 -7.38 -4.45
C VAL A 32 -5.54 -8.10 -4.77
N LYS A 33 -5.45 -9.16 -5.54
CA LYS A 33 -6.62 -9.86 -6.04
C LYS A 33 -7.14 -10.88 -5.03
N ALA A 34 -8.23 -10.52 -4.36
CA ALA A 34 -8.95 -11.47 -3.53
C ALA A 34 -9.86 -12.32 -4.42
N LYS A 35 -10.19 -13.52 -3.99
CA LYS A 35 -10.96 -14.43 -4.82
C LYS A 35 -12.40 -13.94 -5.00
N ASP A 36 -13.18 -13.96 -3.93
CA ASP A 36 -14.59 -13.62 -4.02
C ASP A 36 -14.93 -12.40 -3.18
N GLY A 37 -14.01 -11.98 -2.34
CA GLY A 37 -14.23 -10.80 -1.52
C GLY A 37 -14.32 -9.55 -2.37
N HIS A 38 -13.16 -9.07 -2.82
CA HIS A 38 -13.07 -7.93 -3.72
C HIS A 38 -11.61 -7.67 -4.08
N VAL A 39 -11.36 -7.24 -5.31
CA VAL A 39 -10.04 -6.79 -5.69
C VAL A 39 -9.60 -5.67 -4.78
N MET A 40 -8.57 -5.93 -4.00
CA MET A 40 -8.07 -4.98 -3.04
C MET A 40 -7.21 -3.94 -3.73
N HIS A 41 -7.85 -2.87 -4.16
CA HIS A 41 -7.17 -1.79 -4.82
C HIS A 41 -6.91 -0.68 -3.82
N PHE A 42 -5.73 -0.69 -3.23
CA PHE A 42 -5.39 0.28 -2.21
C PHE A 42 -4.03 0.89 -2.51
N ASP A 43 -3.84 2.12 -2.08
CA ASP A 43 -2.57 2.80 -2.30
C ASP A 43 -1.78 2.86 -1.01
N VAL A 44 -0.49 2.57 -1.11
CA VAL A 44 0.40 2.57 0.04
C VAL A 44 1.15 3.89 0.11
N PHE A 45 0.89 4.65 1.16
CA PHE A 45 1.63 5.89 1.40
C PHE A 45 2.92 5.57 2.13
N THR A 46 4.05 5.75 1.46
CA THR A 46 5.33 5.53 2.10
C THR A 46 6.34 6.58 1.70
N ASP A 47 7.39 6.70 2.49
CA ASP A 47 8.47 7.63 2.23
C ASP A 47 9.58 6.93 1.45
N VAL A 48 9.53 5.61 1.44
CA VAL A 48 10.52 4.80 0.73
C VAL A 48 10.27 4.85 -0.77
N ARG A 49 11.35 4.88 -1.56
CA ARG A 49 11.22 4.95 -3.01
C ARG A 49 11.49 3.60 -3.66
N ASP A 50 11.32 2.55 -2.89
CA ASP A 50 11.61 1.21 -3.38
C ASP A 50 10.33 0.45 -3.69
N ASP A 51 10.23 0.00 -4.94
CA ASP A 51 9.08 -0.77 -5.41
C ASP A 51 9.00 -2.11 -4.70
N LYS A 52 10.14 -2.71 -4.43
CA LYS A 52 10.20 -3.97 -3.70
C LYS A 52 9.66 -3.78 -2.28
N LYS A 53 10.07 -2.69 -1.65
CA LYS A 53 9.57 -2.32 -0.32
C LYS A 53 8.06 -2.10 -0.35
N ALA A 54 7.57 -1.51 -1.42
CA ALA A 54 6.13 -1.32 -1.60
C ALA A 54 5.43 -2.67 -1.57
N ILE A 55 5.99 -3.63 -2.30
CA ILE A 55 5.47 -5.00 -2.30
C ILE A 55 5.57 -5.60 -0.90
N GLU A 56 6.74 -5.47 -0.30
CA GLU A 56 7.02 -6.05 1.01
C GLU A 56 6.07 -5.50 2.08
N PHE A 57 5.91 -4.18 2.13
CA PHE A 57 5.05 -3.55 3.12
C PHE A 57 3.61 -3.99 2.95
N ALA A 58 3.18 -4.11 1.69
CA ALA A 58 1.83 -4.55 1.38
C ALA A 58 1.61 -5.98 1.85
N LYS A 59 2.59 -6.84 1.61
CA LYS A 59 2.49 -8.25 1.99
C LYS A 59 2.48 -8.40 3.51
N GLN A 60 3.33 -7.64 4.20
CA GLN A 60 3.35 -7.66 5.65
C GLN A 60 2.00 -7.22 6.20
N TRP A 61 1.41 -6.22 5.55
CA TRP A 61 0.10 -5.70 5.92
C TRP A 61 -0.99 -6.73 5.66
N LEU A 62 -0.92 -7.40 4.52
CA LEU A 62 -1.88 -8.45 4.17
C LEU A 62 -1.85 -9.56 5.20
N SER A 63 -0.66 -10.02 5.54
CA SER A 63 -0.49 -11.06 6.55
C SER A 63 -0.99 -10.59 7.91
N SER A 64 -0.90 -9.28 8.14
CA SER A 64 -1.34 -8.68 9.40
C SER A 64 -2.87 -8.71 9.50
N ILE A 65 -3.55 -8.22 8.47
CA ILE A 65 -5.00 -8.13 8.49
C ILE A 65 -5.67 -9.47 8.23
N GLY A 66 -4.98 -10.37 7.52
CA GLY A 66 -5.51 -11.69 7.29
C GLY A 66 -5.83 -11.96 5.83
N GLU A 67 -5.58 -10.97 4.98
CA GLU A 67 -5.85 -11.10 3.55
C GLU A 67 -4.56 -11.42 2.81
N GLU A 68 -3.81 -12.38 3.35
CA GLU A 68 -2.51 -12.77 2.82
C GLU A 68 -2.66 -13.62 1.56
N GLY A 69 -3.88 -14.09 1.30
CA GLY A 69 -4.11 -15.00 0.19
C GLY A 69 -4.16 -14.31 -1.15
N ALA A 70 -3.04 -13.75 -1.55
CA ALA A 70 -2.91 -13.11 -2.86
C ALA A 70 -1.45 -13.06 -3.27
N THR A 71 -1.22 -13.01 -4.58
CA THR A 71 0.13 -12.95 -5.11
C THR A 71 0.44 -11.54 -5.60
N VAL A 72 1.47 -10.92 -5.03
CA VAL A 72 1.86 -9.57 -5.41
C VAL A 72 3.14 -9.60 -6.23
N THR A 73 3.01 -9.29 -7.51
CA THR A 73 4.15 -9.25 -8.41
C THR A 73 4.48 -7.81 -8.79
N SER A 74 5.43 -7.64 -9.71
CA SER A 74 5.77 -6.32 -10.22
C SER A 74 4.60 -5.72 -10.99
N GLU A 75 3.68 -6.58 -11.40
CA GLU A 75 2.48 -6.14 -12.11
C GLU A 75 1.43 -5.65 -11.14
N GLU A 76 1.44 -6.22 -9.95
CA GLU A 76 0.46 -5.87 -8.93
C GLU A 76 0.88 -4.60 -8.20
N CYS A 77 2.19 -4.40 -8.07
CA CYS A 77 2.72 -3.19 -7.46
C CYS A 77 2.83 -2.09 -8.52
N ARG A 78 2.32 -0.92 -8.20
CA ARG A 78 2.26 0.18 -9.14
C ARG A 78 2.61 1.48 -8.44
N PHE A 79 3.31 2.36 -9.13
CA PHE A 79 3.64 3.67 -8.59
C PHE A 79 2.86 4.75 -9.32
N CYS A 80 2.08 5.52 -8.58
CA CYS A 80 1.31 6.60 -9.16
C CYS A 80 2.16 7.86 -9.29
N HIS A 81 2.52 8.44 -8.15
CA HIS A 81 3.25 9.69 -8.11
C HIS A 81 3.57 10.08 -6.68
N SER A 82 4.23 11.22 -6.54
CA SER A 82 4.49 11.80 -5.23
C SER A 82 3.81 13.15 -5.13
N GLU A 83 3.07 13.37 -4.04
CA GLU A 83 2.31 14.60 -3.89
C GLU A 83 2.48 15.17 -2.49
N LYS A 84 1.85 16.32 -2.24
CA LYS A 84 1.88 16.95 -0.93
C LYS A 84 1.20 16.07 0.10
N ALA A 85 1.67 16.14 1.33
CA ALA A 85 1.20 15.25 2.37
C ALA A 85 0.53 16.00 3.51
N PRO A 86 -0.73 15.63 3.82
CA PRO A 86 -1.44 16.16 4.99
C PRO A 86 -0.80 15.73 6.30
N ASP A 87 -1.01 16.51 7.35
CA ASP A 87 -0.39 16.26 8.66
C ASP A 87 -0.64 14.84 9.15
N GLU A 88 -1.84 14.33 8.85
CA GLU A 88 -2.25 13.00 9.26
C GLU A 88 -1.27 11.93 8.78
N VAL A 89 -1.01 11.89 7.47
CA VAL A 89 -0.15 10.85 6.91
C VAL A 89 1.30 11.06 7.31
N ILE A 90 1.67 12.30 7.61
CA ILE A 90 3.02 12.62 8.09
C ILE A 90 3.32 11.81 9.34
N GLU A 91 2.41 11.86 10.29
CA GLU A 91 2.57 11.15 11.55
C GLU A 91 2.57 9.65 11.31
N ALA A 92 1.62 9.18 10.50
CA ALA A 92 1.47 7.76 10.24
C ALA A 92 2.74 7.14 9.67
N ILE A 93 3.26 7.72 8.60
CA ILE A 93 4.44 7.18 7.92
C ILE A 93 5.70 7.37 8.77
N LYS A 94 5.72 8.44 9.55
CA LYS A 94 6.86 8.71 10.43
C LYS A 94 6.94 7.68 11.56
N GLN A 95 5.79 7.23 12.02
CA GLN A 95 5.73 6.31 13.15
C GLN A 95 5.74 4.85 12.72
N ASN A 96 4.94 4.50 11.71
CA ASN A 96 4.81 3.10 11.28
C ASN A 96 5.71 2.77 10.11
N GLY A 97 6.19 3.80 9.42
CA GLY A 97 7.02 3.58 8.25
C GLY A 97 6.23 3.61 6.96
N TYR A 98 4.95 3.23 7.05
CA TYR A 98 4.07 3.21 5.90
C TYR A 98 2.62 3.27 6.35
N PHE A 99 1.74 3.71 5.45
CA PHE A 99 0.32 3.79 5.73
C PHE A 99 -0.49 3.33 4.53
N ILE A 100 -1.32 2.33 4.73
CA ILE A 100 -2.18 1.82 3.66
C ILE A 100 -3.57 2.44 3.78
N TYR A 101 -4.07 2.97 2.67
CA TYR A 101 -5.42 3.51 2.63
C TYR A 101 -6.33 2.60 1.81
N LYS A 102 -7.52 2.30 2.34
CA LYS A 102 -8.48 1.49 1.62
C LYS A 102 -9.16 2.32 0.53
N MET A 103 -8.54 2.37 -0.65
CA MET A 103 -9.10 3.10 -1.77
C MET A 103 -10.39 2.44 -2.24
N GLU A 104 -10.27 1.23 -2.76
CA GLU A 104 -11.43 0.47 -3.19
C GLU A 104 -11.82 -0.54 -2.13
N GLY A 105 -13.09 -0.92 -2.11
CA GLY A 105 -13.58 -1.82 -1.08
C GLY A 105 -14.05 -1.06 0.13
N CYS A 106 -14.17 0.26 -0.02
CA CYS A 106 -14.60 1.13 1.05
C CYS A 106 -16.11 1.14 1.19
N ASN A 107 -16.80 1.22 0.05
CA ASN A 107 -18.25 1.21 0.03
C ASN A 107 -18.75 0.92 -1.37
N MET A 23 8.91 17.09 1.94
CA MET A 23 8.33 15.76 2.19
C MET A 23 7.02 15.61 1.43
N GLN A 24 6.99 14.65 0.53
CA GLN A 24 5.80 14.34 -0.24
C GLN A 24 5.62 12.84 -0.27
N ILE A 25 4.36 12.39 -0.26
CA ILE A 25 4.08 10.97 -0.16
C ILE A 25 4.23 10.28 -1.51
N HIS A 26 4.94 9.18 -1.49
CA HIS A 26 5.12 8.36 -2.66
C HIS A 26 3.99 7.35 -2.69
N VAL A 27 3.04 7.58 -3.59
CA VAL A 27 1.81 6.80 -3.63
C VAL A 27 1.98 5.53 -4.46
N TYR A 28 1.77 4.39 -3.84
CA TYR A 28 1.84 3.12 -4.53
C TYR A 28 0.45 2.55 -4.74
N ASP A 29 0.07 2.44 -6.00
CA ASP A 29 -1.21 1.90 -6.40
C ASP A 29 -1.15 0.38 -6.37
N THR A 30 -1.72 -0.20 -5.32
CA THR A 30 -1.60 -1.63 -5.11
C THR A 30 -2.91 -2.35 -5.38
N TYR A 31 -2.89 -3.24 -6.37
CA TYR A 31 -4.02 -4.09 -6.69
C TYR A 31 -3.80 -5.49 -6.13
N VAL A 32 -4.54 -5.83 -5.09
CA VAL A 32 -4.47 -7.15 -4.52
C VAL A 32 -5.73 -7.93 -4.85
N LYS A 33 -5.60 -8.92 -5.71
CA LYS A 33 -6.74 -9.70 -6.15
C LYS A 33 -6.95 -10.89 -5.22
N ALA A 34 -7.83 -10.71 -4.25
CA ALA A 34 -8.12 -11.76 -3.27
C ALA A 34 -9.16 -12.73 -3.84
N LYS A 35 -9.13 -13.97 -3.37
CA LYS A 35 -10.05 -15.00 -3.85
C LYS A 35 -11.50 -14.53 -3.77
N ASP A 36 -11.97 -14.36 -2.54
CA ASP A 36 -13.37 -14.02 -2.30
C ASP A 36 -13.44 -12.74 -1.48
N GLY A 37 -12.30 -12.08 -1.34
CA GLY A 37 -12.24 -10.86 -0.57
C GLY A 37 -12.24 -9.63 -1.45
N HIS A 38 -12.60 -9.83 -2.72
CA HIS A 38 -12.72 -8.74 -3.69
C HIS A 38 -11.34 -8.25 -4.12
N VAL A 39 -11.25 -7.71 -5.34
CA VAL A 39 -10.01 -7.10 -5.80
C VAL A 39 -9.75 -5.82 -5.03
N MET A 40 -8.84 -5.89 -4.08
CA MET A 40 -8.56 -4.81 -3.17
C MET A 40 -7.48 -3.90 -3.74
N HIS A 41 -7.88 -2.73 -4.19
CA HIS A 41 -6.92 -1.74 -4.66
C HIS A 41 -6.92 -0.52 -3.77
N PHE A 42 -5.74 -0.19 -3.26
CA PHE A 42 -5.59 0.88 -2.27
C PHE A 42 -4.30 1.66 -2.50
N ASP A 43 -4.16 2.75 -1.77
CA ASP A 43 -3.01 3.64 -1.90
C ASP A 43 -2.05 3.42 -0.75
N VAL A 44 -0.86 2.94 -1.06
CA VAL A 44 0.19 2.81 -0.04
C VAL A 44 1.03 4.07 -0.02
N PHE A 45 0.94 4.81 1.07
CA PHE A 45 1.70 6.04 1.22
C PHE A 45 2.97 5.78 2.02
N THR A 46 4.12 6.01 1.40
CA THR A 46 5.39 5.87 2.10
C THR A 46 6.42 6.82 1.50
N ASP A 47 7.59 6.87 2.14
CA ASP A 47 8.67 7.74 1.69
C ASP A 47 9.66 6.95 0.84
N VAL A 48 9.77 5.67 1.14
CA VAL A 48 10.74 4.80 0.47
C VAL A 48 10.33 4.56 -0.98
N ARG A 49 11.22 4.91 -1.91
CA ARG A 49 10.96 4.70 -3.33
C ARG A 49 11.73 3.48 -3.81
N ASP A 50 11.38 2.33 -3.24
CA ASP A 50 12.02 1.07 -3.59
C ASP A 50 10.96 0.07 -4.04
N ASP A 51 11.23 -0.59 -5.17
CA ASP A 51 10.29 -1.54 -5.77
C ASP A 51 9.80 -2.58 -4.76
N LYS A 52 10.71 -3.39 -4.26
CA LYS A 52 10.32 -4.53 -3.44
C LYS A 52 9.93 -4.10 -2.02
N LYS A 53 10.60 -3.08 -1.52
CA LYS A 53 10.36 -2.62 -0.14
C LYS A 53 8.91 -2.17 0.03
N ALA A 54 8.41 -1.41 -0.93
CA ALA A 54 7.04 -0.91 -0.88
C ALA A 54 6.03 -2.05 -0.93
N ILE A 55 6.31 -3.02 -1.79
CA ILE A 55 5.43 -4.17 -1.95
C ILE A 55 5.39 -4.99 -0.66
N GLU A 56 6.54 -5.09 0.00
CA GLU A 56 6.64 -5.84 1.24
C GLU A 56 5.80 -5.18 2.33
N PHE A 57 5.72 -3.85 2.31
CA PHE A 57 4.88 -3.11 3.25
C PHE A 57 3.42 -3.48 3.06
N ALA A 58 3.01 -3.58 1.80
CA ALA A 58 1.64 -3.94 1.46
C ALA A 58 1.30 -5.34 1.94
N LYS A 59 2.25 -6.25 1.82
CA LYS A 59 2.05 -7.64 2.25
C LYS A 59 1.84 -7.72 3.76
N GLN A 60 2.52 -6.84 4.49
CA GLN A 60 2.35 -6.78 5.94
C GLN A 60 0.89 -6.52 6.31
N TRP A 61 0.26 -5.63 5.56
CA TRP A 61 -1.14 -5.30 5.77
C TRP A 61 -2.02 -6.49 5.37
N LEU A 62 -1.71 -7.09 4.22
CA LEU A 62 -2.44 -8.25 3.73
C LEU A 62 -2.33 -9.41 4.70
N SER A 63 -1.16 -9.60 5.28
CA SER A 63 -0.92 -10.68 6.23
C SER A 63 -1.76 -10.45 7.49
N SER A 64 -1.96 -9.18 7.82
CA SER A 64 -2.70 -8.82 9.02
C SER A 64 -4.20 -9.04 8.83
N ILE A 65 -4.66 -8.97 7.58
CA ILE A 65 -6.07 -9.19 7.28
C ILE A 65 -6.31 -10.62 6.79
N GLY A 66 -5.24 -11.39 6.71
CA GLY A 66 -5.36 -12.80 6.37
C GLY A 66 -5.21 -13.09 4.89
N GLU A 67 -5.43 -12.07 4.07
CA GLU A 67 -5.46 -12.26 2.61
C GLU A 67 -4.06 -12.27 1.98
N GLU A 68 -3.06 -12.69 2.75
CA GLU A 68 -1.73 -12.86 2.20
C GLU A 68 -1.64 -14.21 1.48
N GLY A 69 -2.26 -14.27 0.31
CA GLY A 69 -2.22 -15.48 -0.49
C GLY A 69 -2.26 -15.17 -1.97
N ALA A 70 -2.01 -13.92 -2.31
CA ALA A 70 -2.01 -13.48 -3.69
C ALA A 70 -0.59 -13.11 -4.12
N THR A 71 -0.31 -13.25 -5.41
CA THR A 71 1.00 -12.92 -5.93
C THR A 71 1.11 -11.41 -6.17
N VAL A 72 1.60 -10.69 -5.18
CA VAL A 72 1.70 -9.25 -5.27
C VAL A 72 3.12 -8.84 -5.67
N THR A 73 3.28 -8.46 -6.93
CA THR A 73 4.58 -8.05 -7.44
C THR A 73 4.49 -6.63 -8.00
N SER A 74 5.46 -6.24 -8.82
CA SER A 74 5.52 -4.89 -9.37
C SER A 74 4.33 -4.58 -10.29
N GLU A 75 3.68 -5.63 -10.79
CA GLU A 75 2.54 -5.46 -11.68
C GLU A 75 1.26 -5.28 -10.86
N GLU A 76 1.33 -5.66 -9.59
CA GLU A 76 0.22 -5.49 -8.68
C GLU A 76 0.39 -4.18 -7.90
N CYS A 77 1.60 -3.96 -7.42
CA CYS A 77 1.94 -2.73 -6.73
C CYS A 77 2.71 -1.81 -7.66
N ARG A 78 2.04 -0.78 -8.16
CA ARG A 78 2.65 0.14 -9.11
C ARG A 78 2.88 1.50 -8.46
N PHE A 79 3.94 2.17 -8.85
CA PHE A 79 4.15 3.53 -8.39
C PHE A 79 3.16 4.44 -9.09
N CYS A 80 2.21 4.96 -8.33
CA CYS A 80 1.15 5.78 -8.90
C CYS A 80 1.69 7.16 -9.26
N HIS A 81 2.13 7.90 -8.24
CA HIS A 81 2.69 9.24 -8.42
C HIS A 81 3.11 9.82 -7.08
N SER A 82 3.68 11.01 -7.12
CA SER A 82 4.05 11.72 -5.91
C SER A 82 2.94 12.70 -5.56
N GLU A 83 2.57 12.76 -4.29
CA GLU A 83 1.45 13.59 -3.89
C GLU A 83 1.78 14.38 -2.63
N LYS A 84 1.04 15.47 -2.43
CA LYS A 84 1.16 16.28 -1.24
C LYS A 84 0.84 15.44 0.00
N ALA A 85 1.71 15.51 1.00
CA ALA A 85 1.61 14.65 2.16
C ALA A 85 0.82 15.31 3.29
N PRO A 86 -0.33 14.72 3.66
CA PRO A 86 -1.12 15.17 4.81
C PRO A 86 -0.43 14.82 6.12
N ASP A 87 -0.63 15.67 7.13
CA ASP A 87 -0.02 15.46 8.45
C ASP A 87 -0.42 14.11 9.03
N GLU A 88 -1.58 13.62 8.64
CA GLU A 88 -2.08 12.32 9.10
C GLU A 88 -1.08 11.20 8.83
N VAL A 89 -0.41 11.29 7.69
CA VAL A 89 0.44 10.19 7.24
C VAL A 89 1.91 10.45 7.59
N ILE A 90 2.22 11.70 7.92
CA ILE A 90 3.59 12.08 8.25
C ILE A 90 4.07 11.36 9.51
N GLU A 91 3.30 11.47 10.58
CA GLU A 91 3.68 10.85 11.85
C GLU A 91 3.43 9.34 11.79
N ALA A 92 2.60 8.92 10.86
CA ALA A 92 2.33 7.50 10.64
C ALA A 92 3.55 6.83 10.03
N ILE A 93 4.08 7.42 8.97
CA ILE A 93 5.29 6.89 8.34
C ILE A 93 6.49 7.04 9.28
N LYS A 94 6.39 7.99 10.20
CA LYS A 94 7.40 8.17 11.24
C LYS A 94 7.34 7.02 12.25
N GLN A 95 6.16 6.43 12.36
CA GLN A 95 5.93 5.34 13.31
C GLN A 95 6.16 3.98 12.65
N ASN A 96 5.34 3.66 11.66
CA ASN A 96 5.40 2.35 11.02
C ASN A 96 6.18 2.41 9.70
N GLY A 97 6.03 3.50 8.97
CA GLY A 97 6.75 3.67 7.73
C GLY A 97 5.91 3.38 6.51
N TYR A 98 4.64 3.04 6.72
CA TYR A 98 3.75 2.68 5.63
C TYR A 98 2.29 2.92 6.01
N PHE A 99 1.65 3.83 5.31
CA PHE A 99 0.25 4.14 5.57
C PHE A 99 -0.63 3.61 4.44
N ILE A 100 -1.50 2.67 4.77
CA ILE A 100 -2.41 2.10 3.78
C ILE A 100 -3.71 2.91 3.75
N TYR A 101 -3.91 3.64 2.67
CA TYR A 101 -5.15 4.36 2.45
C TYR A 101 -6.07 3.51 1.61
N LYS A 102 -7.26 3.25 2.13
CA LYS A 102 -8.22 2.42 1.43
C LYS A 102 -8.87 3.19 0.29
N MET A 103 -8.27 3.06 -0.89
CA MET A 103 -8.78 3.68 -2.11
C MET A 103 -10.24 3.32 -2.33
N GLU A 104 -10.47 2.07 -2.69
CA GLU A 104 -11.82 1.56 -2.84
C GLU A 104 -11.88 0.15 -2.25
N GLY A 105 -10.78 -0.24 -1.62
CA GLY A 105 -10.67 -1.56 -1.06
C GLY A 105 -10.95 -1.58 0.43
N CYS A 106 -12.22 -1.74 0.77
CA CYS A 106 -12.64 -1.85 2.15
C CYS A 106 -13.78 -2.84 2.25
N ASN A 107 -13.73 -3.86 1.40
CA ASN A 107 -14.78 -4.86 1.33
C ASN A 107 -14.65 -5.86 2.48
N MET A 23 9.17 15.08 3.75
CA MET A 23 8.92 13.73 3.21
C MET A 23 7.84 13.79 2.15
N GLN A 24 8.12 13.22 0.99
CA GLN A 24 7.16 13.17 -0.09
C GLN A 24 6.56 11.77 -0.19
N ILE A 25 5.24 11.70 -0.28
CA ILE A 25 4.57 10.42 -0.28
C ILE A 25 4.57 9.77 -1.65
N HIS A 26 5.02 8.54 -1.69
CA HIS A 26 5.02 7.76 -2.91
C HIS A 26 3.71 7.00 -2.99
N VAL A 27 2.93 7.28 -4.03
CA VAL A 27 1.63 6.67 -4.20
C VAL A 27 1.72 5.38 -5.00
N TYR A 28 1.57 4.26 -4.30
CA TYR A 28 1.55 2.96 -4.95
C TYR A 28 0.13 2.42 -4.98
N ASP A 29 -0.56 2.64 -6.10
CA ASP A 29 -1.89 2.09 -6.30
C ASP A 29 -1.82 0.58 -6.28
N THR A 30 -2.32 -0.02 -5.22
CA THR A 30 -2.19 -1.45 -5.03
C THR A 30 -3.53 -2.15 -5.27
N TYR A 31 -3.53 -3.05 -6.25
CA TYR A 31 -4.73 -3.80 -6.61
C TYR A 31 -4.56 -5.27 -6.26
N VAL A 32 -4.73 -5.60 -4.99
CA VAL A 32 -4.56 -6.99 -4.54
C VAL A 32 -5.79 -7.80 -4.91
N LYS A 33 -5.59 -8.82 -5.73
CA LYS A 33 -6.68 -9.64 -6.21
C LYS A 33 -6.90 -10.84 -5.31
N ALA A 34 -7.78 -10.68 -4.32
CA ALA A 34 -8.08 -11.74 -3.39
C ALA A 34 -8.98 -12.78 -4.02
N LYS A 35 -8.58 -14.05 -3.88
CA LYS A 35 -9.28 -15.17 -4.50
C LYS A 35 -10.75 -15.20 -4.09
N ASP A 36 -10.98 -15.42 -2.80
CA ASP A 36 -12.34 -15.47 -2.29
C ASP A 36 -12.63 -14.22 -1.48
N GLY A 37 -12.44 -13.08 -2.11
CA GLY A 37 -12.73 -11.81 -1.48
C GLY A 37 -13.16 -10.79 -2.50
N HIS A 38 -12.23 -9.94 -2.89
CA HIS A 38 -12.49 -8.89 -3.87
C HIS A 38 -11.18 -8.25 -4.28
N VAL A 39 -11.21 -7.41 -5.31
CA VAL A 39 -10.02 -6.68 -5.71
C VAL A 39 -9.79 -5.53 -4.74
N MET A 40 -8.83 -5.72 -3.87
CA MET A 40 -8.51 -4.74 -2.84
C MET A 40 -7.90 -3.50 -3.46
N HIS A 41 -8.74 -2.48 -3.66
CA HIS A 41 -8.30 -1.21 -4.20
C HIS A 41 -7.87 -0.28 -3.07
N PHE A 42 -6.56 -0.13 -2.89
CA PHE A 42 -6.05 0.76 -1.85
C PHE A 42 -4.70 1.34 -2.25
N ASP A 43 -4.36 2.47 -1.65
CA ASP A 43 -3.10 3.14 -1.92
C ASP A 43 -2.09 2.85 -0.82
N VAL A 44 -0.90 2.40 -1.20
CA VAL A 44 0.16 2.23 -0.24
C VAL A 44 1.09 3.44 -0.26
N PHE A 45 0.93 4.29 0.74
CA PHE A 45 1.76 5.48 0.85
C PHE A 45 3.03 5.16 1.62
N THR A 46 4.16 5.28 0.95
CA THR A 46 5.45 5.04 1.58
C THR A 46 6.44 6.13 1.18
N ASP A 47 7.51 6.27 1.97
CA ASP A 47 8.61 7.13 1.59
C ASP A 47 9.63 6.34 0.77
N VAL A 48 9.63 5.04 0.99
CA VAL A 48 10.58 4.15 0.34
C VAL A 48 10.38 4.13 -1.16
N ARG A 49 11.46 4.39 -1.90
CA ARG A 49 11.41 4.44 -3.35
C ARG A 49 11.86 3.12 -3.95
N ASP A 50 11.79 2.08 -3.15
CA ASP A 50 12.21 0.75 -3.57
C ASP A 50 11.00 -0.14 -3.80
N ASP A 51 10.93 -0.74 -4.98
CA ASP A 51 9.75 -1.50 -5.39
C ASP A 51 9.54 -2.74 -4.51
N LYS A 52 10.64 -3.30 -4.01
CA LYS A 52 10.55 -4.49 -3.18
C LYS A 52 10.07 -4.14 -1.78
N LYS A 53 10.70 -3.14 -1.18
CA LYS A 53 10.42 -2.79 0.20
C LYS A 53 9.00 -2.21 0.35
N ALA A 54 8.54 -1.49 -0.67
CA ALA A 54 7.17 -1.02 -0.70
C ALA A 54 6.20 -2.20 -0.65
N ILE A 55 6.50 -3.23 -1.42
CA ILE A 55 5.70 -4.45 -1.42
C ILE A 55 5.78 -5.14 -0.07
N GLU A 56 6.97 -5.15 0.53
CA GLU A 56 7.18 -5.76 1.83
C GLU A 56 6.23 -5.16 2.86
N PHE A 57 6.14 -3.83 2.89
CA PHE A 57 5.26 -3.14 3.84
C PHE A 57 3.80 -3.45 3.54
N ALA A 58 3.48 -3.60 2.26
CA ALA A 58 2.13 -3.98 1.86
C ALA A 58 1.82 -5.40 2.34
N LYS A 59 2.79 -6.29 2.21
CA LYS A 59 2.62 -7.68 2.64
C LYS A 59 2.60 -7.78 4.16
N GLN A 60 3.26 -6.83 4.83
CA GLN A 60 3.21 -6.75 6.28
C GLN A 60 1.77 -6.57 6.74
N TRP A 61 1.04 -5.72 6.04
CA TRP A 61 -0.37 -5.48 6.35
C TRP A 61 -1.21 -6.69 5.94
N LEU A 62 -0.90 -7.25 4.77
CA LEU A 62 -1.62 -8.42 4.27
C LEU A 62 -1.49 -9.61 5.23
N SER A 63 -0.28 -9.85 5.71
CA SER A 63 -0.06 -10.94 6.66
C SER A 63 -0.72 -10.66 8.00
N SER A 64 -0.93 -9.37 8.29
CA SER A 64 -1.57 -8.97 9.53
C SER A 64 -3.09 -9.18 9.45
N ILE A 65 -3.66 -8.99 8.28
CA ILE A 65 -5.09 -9.20 8.10
C ILE A 65 -5.40 -10.63 7.70
N GLY A 66 -4.40 -11.51 7.88
CA GLY A 66 -4.59 -12.92 7.65
C GLY A 66 -4.70 -13.27 6.17
N GLU A 67 -4.25 -12.38 5.31
CA GLU A 67 -4.35 -12.60 3.87
C GLU A 67 -3.09 -13.29 3.35
N GLU A 68 -2.07 -13.35 4.21
CA GLU A 68 -0.81 -14.04 3.91
C GLU A 68 -0.06 -13.33 2.78
N GLY A 69 0.87 -14.05 2.16
CA GLY A 69 1.65 -13.50 1.09
C GLY A 69 1.00 -13.70 -0.26
N ALA A 70 0.00 -12.88 -0.54
CA ALA A 70 -0.70 -12.92 -1.81
C ALA A 70 0.22 -12.51 -2.95
N THR A 71 -0.19 -12.82 -4.19
CA THR A 71 0.57 -12.45 -5.36
C THR A 71 0.61 -10.93 -5.52
N VAL A 72 1.69 -10.32 -5.05
CA VAL A 72 1.85 -8.88 -5.14
C VAL A 72 3.21 -8.53 -5.72
N THR A 73 3.20 -8.01 -6.93
CA THR A 73 4.41 -7.48 -7.54
C THR A 73 4.12 -6.10 -8.12
N SER A 74 5.01 -5.64 -9.00
CA SER A 74 4.92 -4.33 -9.61
C SER A 74 3.62 -4.11 -10.40
N GLU A 75 2.91 -5.19 -10.70
CA GLU A 75 1.65 -5.11 -11.42
C GLU A 75 0.50 -4.78 -10.46
N GLU A 76 0.64 -5.21 -9.22
CA GLU A 76 -0.38 -4.97 -8.21
C GLU A 76 -0.20 -3.59 -7.60
N CYS A 77 1.01 -3.30 -7.14
CA CYS A 77 1.31 -2.00 -6.56
C CYS A 77 2.03 -1.13 -7.56
N ARG A 78 1.30 -0.25 -8.21
CA ARG A 78 1.86 0.60 -9.25
C ARG A 78 2.24 1.96 -8.68
N PHE A 79 3.52 2.31 -8.81
CA PHE A 79 3.98 3.64 -8.45
C PHE A 79 3.54 4.63 -9.53
N CYS A 80 2.46 5.34 -9.28
CA CYS A 80 1.94 6.27 -10.26
C CYS A 80 2.61 7.63 -10.14
N HIS A 81 2.74 8.13 -8.92
CA HIS A 81 3.33 9.44 -8.70
C HIS A 81 3.67 9.70 -7.24
N SER A 82 4.18 10.89 -6.99
CA SER A 82 4.37 11.40 -5.64
C SER A 82 3.74 12.77 -5.56
N GLU A 83 3.18 13.12 -4.41
CA GLU A 83 2.41 14.36 -4.30
C GLU A 83 2.64 15.02 -2.95
N LYS A 84 1.93 16.12 -2.71
CA LYS A 84 1.99 16.83 -1.44
C LYS A 84 1.53 15.91 -0.31
N ALA A 85 2.36 15.76 0.70
CA ALA A 85 2.06 14.87 1.79
C ALA A 85 1.32 15.59 2.91
N PRO A 86 0.04 15.22 3.14
CA PRO A 86 -0.75 15.74 4.25
C PRO A 86 -0.22 15.23 5.60
N ASP A 87 -0.49 15.97 6.66
CA ASP A 87 0.02 15.63 7.99
C ASP A 87 -0.46 14.24 8.42
N GLU A 88 -1.66 13.87 7.99
CA GLU A 88 -2.22 12.55 8.28
C GLU A 88 -1.27 11.43 7.87
N VAL A 89 -0.82 11.47 6.61
CA VAL A 89 0.02 10.42 6.09
C VAL A 89 1.43 10.53 6.64
N ILE A 90 1.81 11.74 7.03
CA ILE A 90 3.10 11.97 7.67
C ILE A 90 3.16 11.18 8.97
N GLU A 91 2.10 11.29 9.76
CA GLU A 91 2.01 10.61 11.04
C GLU A 91 2.18 9.09 10.86
N ALA A 92 1.41 8.54 9.93
CA ALA A 92 1.40 7.11 9.70
C ALA A 92 2.78 6.59 9.27
N ILE A 93 3.38 7.23 8.28
CA ILE A 93 4.67 6.79 7.77
C ILE A 93 5.79 7.07 8.77
N LYS A 94 5.53 7.99 9.70
CA LYS A 94 6.50 8.36 10.72
C LYS A 94 6.49 7.36 11.88
N GLN A 95 5.35 6.73 12.12
CA GLN A 95 5.23 5.79 13.23
C GLN A 95 5.21 4.34 12.77
N ASN A 96 4.61 4.08 11.62
CA ASN A 96 4.47 2.71 11.12
C ASN A 96 5.47 2.44 10.00
N GLY A 97 5.86 3.50 9.30
CA GLY A 97 6.74 3.35 8.14
C GLY A 97 5.95 3.18 6.86
N TYR A 98 4.65 2.96 7.00
CA TYR A 98 3.76 2.76 5.87
C TYR A 98 2.37 3.28 6.18
N PHE A 99 1.61 3.58 5.15
CA PHE A 99 0.22 3.97 5.31
C PHE A 99 -0.64 3.35 4.21
N ILE A 100 -1.54 2.46 4.61
CA ILE A 100 -2.48 1.86 3.68
C ILE A 100 -3.78 2.65 3.71
N TYR A 101 -4.06 3.36 2.62
CA TYR A 101 -5.32 4.08 2.49
C TYR A 101 -6.29 3.26 1.66
N LYS A 102 -7.37 2.81 2.28
CA LYS A 102 -8.39 2.07 1.58
C LYS A 102 -9.16 3.00 0.66
N MET A 103 -8.80 2.92 -0.62
CA MET A 103 -9.37 3.77 -1.65
C MET A 103 -10.85 3.45 -1.86
N GLU A 104 -11.15 2.17 -1.92
CA GLU A 104 -12.49 1.72 -2.27
C GLU A 104 -12.93 0.59 -1.35
N GLY A 105 -12.14 -0.48 -1.31
CA GLY A 105 -12.49 -1.63 -0.52
C GLY A 105 -12.33 -1.38 0.96
N CYS A 106 -13.23 -1.93 1.76
CA CYS A 106 -13.18 -1.75 3.22
C CYS A 106 -12.15 -2.69 3.81
N ASN A 107 -11.58 -3.55 2.97
CA ASN A 107 -10.54 -4.47 3.38
C ASN A 107 -9.82 -4.97 2.13
N MET A 23 8.55 15.84 2.36
CA MET A 23 8.49 14.37 2.38
C MET A 23 7.64 13.87 1.22
N GLN A 24 8.27 13.15 0.31
CA GLN A 24 7.58 12.63 -0.88
C GLN A 24 6.75 11.40 -0.52
N ILE A 25 5.43 11.54 -0.54
CA ILE A 25 4.58 10.38 -0.35
C ILE A 25 4.50 9.57 -1.63
N HIS A 26 5.16 8.43 -1.61
CA HIS A 26 5.11 7.51 -2.73
C HIS A 26 3.79 6.78 -2.72
N VAL A 27 2.89 7.20 -3.59
CA VAL A 27 1.57 6.60 -3.67
C VAL A 27 1.62 5.35 -4.53
N TYR A 28 1.68 4.20 -3.89
CA TYR A 28 1.70 2.93 -4.59
C TYR A 28 0.30 2.34 -4.65
N ASP A 29 -0.32 2.51 -5.81
CA ASP A 29 -1.65 2.02 -6.07
C ASP A 29 -1.59 0.51 -6.28
N THR A 30 -2.08 -0.24 -5.30
CA THR A 30 -1.87 -1.68 -5.28
C THR A 30 -3.15 -2.43 -5.66
N TYR A 31 -3.02 -3.35 -6.61
CA TYR A 31 -4.11 -4.23 -7.00
C TYR A 31 -3.91 -5.62 -6.41
N VAL A 32 -4.44 -5.84 -5.21
CA VAL A 32 -4.28 -7.14 -4.55
C VAL A 32 -5.47 -8.04 -4.87
N LYS A 33 -5.24 -9.00 -5.75
CA LYS A 33 -6.27 -9.95 -6.13
C LYS A 33 -6.52 -10.91 -4.97
N ALA A 34 -7.63 -10.71 -4.27
CA ALA A 34 -7.95 -11.51 -3.11
C ALA A 34 -8.48 -12.87 -3.50
N LYS A 35 -8.74 -13.72 -2.51
CA LYS A 35 -9.25 -15.05 -2.76
C LYS A 35 -10.65 -14.96 -3.36
N ASP A 36 -11.56 -14.36 -2.63
CA ASP A 36 -12.92 -14.15 -3.13
C ASP A 36 -13.46 -12.80 -2.67
N GLY A 37 -12.70 -12.13 -1.82
CA GLY A 37 -13.16 -10.90 -1.20
C GLY A 37 -12.89 -9.67 -2.06
N HIS A 38 -12.99 -9.83 -3.38
CA HIS A 38 -12.86 -8.72 -4.33
C HIS A 38 -11.40 -8.30 -4.46
N VAL A 39 -11.02 -7.81 -5.63
CA VAL A 39 -9.69 -7.28 -5.84
C VAL A 39 -9.47 -6.04 -4.99
N MET A 40 -8.67 -6.20 -3.95
CA MET A 40 -8.40 -5.12 -3.01
C MET A 40 -7.61 -4.02 -3.70
N HIS A 41 -8.30 -2.94 -4.04
CA HIS A 41 -7.66 -1.81 -4.68
C HIS A 41 -7.48 -0.69 -3.68
N PHE A 42 -6.25 -0.54 -3.21
CA PHE A 42 -5.92 0.47 -2.23
C PHE A 42 -4.56 1.05 -2.53
N ASP A 43 -4.27 2.21 -1.97
CA ASP A 43 -2.97 2.83 -2.17
C ASP A 43 -2.18 2.87 -0.88
N VAL A 44 -0.88 2.63 -1.00
CA VAL A 44 0.00 2.58 0.15
C VAL A 44 0.91 3.81 0.18
N PHE A 45 0.76 4.62 1.23
CA PHE A 45 1.61 5.78 1.42
C PHE A 45 2.92 5.36 2.06
N THR A 46 4.00 5.47 1.31
CA THR A 46 5.33 5.15 1.81
C THR A 46 6.32 6.24 1.42
N ASP A 47 7.40 6.37 2.17
CA ASP A 47 8.46 7.32 1.84
C ASP A 47 9.59 6.60 1.13
N VAL A 48 9.44 5.29 1.02
CA VAL A 48 10.45 4.45 0.41
C VAL A 48 10.46 4.65 -1.10
N ARG A 49 11.64 4.58 -1.69
CA ARG A 49 11.80 4.82 -3.12
C ARG A 49 11.88 3.51 -3.88
N ASP A 50 11.44 2.46 -3.23
CA ASP A 50 11.57 1.11 -3.74
C ASP A 50 10.21 0.46 -3.93
N ASP A 51 9.93 0.02 -5.14
CA ASP A 51 8.66 -0.64 -5.45
C ASP A 51 8.58 -1.97 -4.72
N LYS A 52 9.68 -2.71 -4.76
CA LYS A 52 9.77 -4.03 -4.14
C LYS A 52 9.64 -3.92 -2.63
N LYS A 53 10.16 -2.82 -2.08
CA LYS A 53 10.08 -2.58 -0.65
C LYS A 53 8.66 -2.16 -0.27
N ALA A 54 8.02 -1.36 -1.13
CA ALA A 54 6.63 -0.97 -0.94
C ALA A 54 5.73 -2.21 -0.92
N ILE A 55 6.04 -3.16 -1.81
CA ILE A 55 5.36 -4.45 -1.82
C ILE A 55 5.44 -5.09 -0.46
N GLU A 56 6.64 -5.09 0.12
CA GLU A 56 6.87 -5.68 1.43
C GLU A 56 5.99 -5.03 2.50
N PHE A 57 5.85 -3.71 2.44
CA PHE A 57 5.00 -2.98 3.39
C PHE A 57 3.53 -3.34 3.18
N ALA A 58 3.12 -3.43 1.92
CA ALA A 58 1.75 -3.81 1.59
C ALA A 58 1.48 -5.24 2.05
N LYS A 59 2.44 -6.11 1.83
CA LYS A 59 2.30 -7.52 2.23
C LYS A 59 2.30 -7.66 3.75
N GLN A 60 2.99 -6.76 4.43
CA GLN A 60 2.96 -6.74 5.89
C GLN A 60 1.52 -6.53 6.38
N TRP A 61 0.82 -5.64 5.71
CA TRP A 61 -0.59 -5.39 6.02
C TRP A 61 -1.42 -6.60 5.65
N LEU A 62 -1.20 -7.11 4.43
CA LEU A 62 -1.93 -8.26 3.92
C LEU A 62 -1.76 -9.48 4.83
N SER A 63 -0.52 -9.83 5.15
CA SER A 63 -0.22 -11.02 5.94
C SER A 63 -0.88 -10.94 7.31
N SER A 64 -1.06 -9.73 7.82
CA SER A 64 -1.67 -9.52 9.12
C SER A 64 -3.19 -9.68 9.04
N ILE A 65 -3.81 -9.16 7.97
CA ILE A 65 -5.25 -9.22 7.83
C ILE A 65 -5.74 -10.59 7.38
N GLY A 66 -4.85 -11.38 6.78
CA GLY A 66 -5.22 -12.72 6.37
C GLY A 66 -4.58 -13.15 5.06
N GLU A 67 -4.17 -12.18 4.27
CA GLU A 67 -3.58 -12.45 2.96
C GLU A 67 -2.07 -12.68 3.09
N GLU A 68 -1.73 -13.75 3.78
CA GLU A 68 -0.34 -14.17 3.92
C GLU A 68 0.06 -15.04 2.72
N GLY A 69 -0.75 -14.98 1.68
CA GLY A 69 -0.48 -15.72 0.46
C GLY A 69 -1.21 -15.10 -0.71
N ALA A 70 -0.66 -14.01 -1.22
CA ALA A 70 -1.26 -13.30 -2.34
C ALA A 70 -0.19 -12.91 -3.35
N THR A 71 -0.59 -12.79 -4.60
CA THR A 71 0.34 -12.45 -5.67
C THR A 71 0.43 -10.95 -5.84
N VAL A 72 1.47 -10.36 -5.26
CA VAL A 72 1.76 -8.96 -5.43
C VAL A 72 3.20 -8.78 -5.93
N THR A 73 3.34 -8.59 -7.22
CA THR A 73 4.65 -8.37 -7.82
C THR A 73 4.80 -6.90 -8.19
N SER A 74 5.84 -6.57 -8.95
CA SER A 74 6.07 -5.20 -9.40
C SER A 74 4.99 -4.80 -10.42
N GLU A 75 4.12 -5.75 -10.74
CA GLU A 75 3.01 -5.52 -11.65
C GLU A 75 1.78 -5.04 -10.88
N GLU A 76 1.62 -5.56 -9.66
CA GLU A 76 0.46 -5.24 -8.84
C GLU A 76 0.63 -3.91 -8.12
N CYS A 77 1.87 -3.56 -7.83
CA CYS A 77 2.17 -2.30 -7.17
C CYS A 77 2.45 -1.20 -8.19
N ARG A 78 1.46 -0.35 -8.41
CA ARG A 78 1.58 0.72 -9.39
C ARG A 78 1.97 2.04 -8.74
N PHE A 79 3.20 2.47 -8.97
CA PHE A 79 3.64 3.78 -8.54
C PHE A 79 2.95 4.85 -9.37
N CYS A 80 1.95 5.49 -8.79
CA CYS A 80 1.21 6.53 -9.49
C CYS A 80 1.97 7.84 -9.47
N HIS A 81 2.34 8.29 -8.29
CA HIS A 81 3.02 9.58 -8.16
C HIS A 81 3.56 9.79 -6.75
N SER A 82 4.19 10.93 -6.57
CA SER A 82 4.61 11.40 -5.26
C SER A 82 4.37 12.90 -5.19
N GLU A 83 3.43 13.31 -4.35
CA GLU A 83 3.02 14.70 -4.30
C GLU A 83 3.15 15.27 -2.90
N LYS A 84 2.58 16.44 -2.68
CA LYS A 84 2.63 17.09 -1.37
C LYS A 84 1.95 16.23 -0.32
N ALA A 85 2.74 15.81 0.66
CA ALA A 85 2.25 14.96 1.73
C ALA A 85 1.47 15.76 2.77
N PRO A 86 0.24 15.34 3.06
CA PRO A 86 -0.55 15.92 4.15
C PRO A 86 0.03 15.56 5.51
N ASP A 87 0.01 16.51 6.43
CA ASP A 87 0.59 16.32 7.76
C ASP A 87 -0.07 15.17 8.51
N GLU A 88 -1.29 14.82 8.08
CA GLU A 88 -2.02 13.70 8.65
C GLU A 88 -1.22 12.39 8.50
N VAL A 89 -0.81 12.08 7.28
CA VAL A 89 -0.14 10.82 7.00
C VAL A 89 1.30 10.82 7.50
N ILE A 90 1.87 12.02 7.67
CA ILE A 90 3.24 12.15 8.16
C ILE A 90 3.40 11.47 9.51
N GLU A 91 2.45 11.72 10.40
CA GLU A 91 2.49 11.14 11.73
C GLU A 91 2.31 9.63 11.66
N ALA A 92 1.39 9.19 10.81
CA ALA A 92 1.09 7.77 10.66
C ALA A 92 2.29 7.00 10.12
N ILE A 93 2.91 7.52 9.07
CA ILE A 93 4.05 6.87 8.45
C ILE A 93 5.26 6.89 9.39
N LYS A 94 5.32 7.88 10.27
CA LYS A 94 6.41 7.98 11.23
C LYS A 94 6.29 6.89 12.30
N GLN A 95 5.06 6.52 12.60
CA GLN A 95 4.79 5.53 13.64
C GLN A 95 4.86 4.11 13.09
N ASN A 96 4.21 3.88 11.96
CA ASN A 96 4.09 2.52 11.42
C ASN A 96 5.17 2.23 10.38
N GLY A 97 5.64 3.27 9.71
CA GLY A 97 6.58 3.07 8.62
C GLY A 97 5.88 2.99 7.28
N TYR A 98 4.56 2.92 7.35
CA TYR A 98 3.72 2.79 6.17
C TYR A 98 2.30 3.22 6.51
N PHE A 99 1.50 3.49 5.48
CA PHE A 99 0.09 3.81 5.68
C PHE A 99 -0.74 3.30 4.52
N ILE A 100 -1.48 2.24 4.75
CA ILE A 100 -2.38 1.70 3.74
C ILE A 100 -3.72 2.42 3.81
N TYR A 101 -4.09 3.10 2.72
CA TYR A 101 -5.37 3.75 2.67
C TYR A 101 -6.39 2.82 2.00
N LYS A 102 -7.44 2.50 2.72
CA LYS A 102 -8.49 1.65 2.21
C LYS A 102 -9.33 2.41 1.19
N MET A 103 -9.00 2.22 -0.09
CA MET A 103 -9.62 2.98 -1.16
C MET A 103 -11.00 2.43 -1.51
N GLU A 104 -11.05 1.37 -2.31
CA GLU A 104 -12.32 0.82 -2.78
C GLU A 104 -12.40 -0.66 -2.49
N GLY A 105 -13.63 -1.16 -2.31
CA GLY A 105 -13.82 -2.57 -1.99
C GLY A 105 -13.35 -2.89 -0.58
N CYS A 106 -12.96 -1.86 0.15
CA CYS A 106 -12.40 -2.03 1.48
C CYS A 106 -13.38 -1.50 2.52
N ASN A 107 -13.92 -2.40 3.31
CA ASN A 107 -14.88 -2.02 4.34
C ASN A 107 -14.23 -2.16 5.72
N MET A 23 8.30 15.62 3.89
CA MET A 23 8.24 14.23 3.38
C MET A 23 7.38 14.16 2.12
N GLN A 24 7.84 13.38 1.15
CA GLN A 24 7.08 13.19 -0.08
C GLN A 24 6.51 11.78 -0.12
N ILE A 25 5.19 11.69 -0.10
CA ILE A 25 4.53 10.40 -0.11
C ILE A 25 4.49 9.81 -1.52
N HIS A 26 4.96 8.58 -1.63
CA HIS A 26 4.92 7.86 -2.89
C HIS A 26 3.63 7.06 -2.98
N VAL A 27 2.79 7.44 -3.93
CA VAL A 27 1.47 6.85 -4.05
C VAL A 27 1.52 5.55 -4.85
N TYR A 28 1.27 4.43 -4.19
CA TYR A 28 1.23 3.14 -4.87
C TYR A 28 -0.19 2.58 -4.93
N ASP A 29 -0.67 2.35 -6.14
CA ASP A 29 -1.97 1.72 -6.37
C ASP A 29 -1.78 0.22 -6.50
N THR A 30 -2.10 -0.51 -5.44
CA THR A 30 -1.83 -1.93 -5.40
C THR A 30 -3.07 -2.74 -5.76
N TYR A 31 -2.94 -3.59 -6.77
CA TYR A 31 -4.05 -4.42 -7.21
C TYR A 31 -4.02 -5.77 -6.50
N VAL A 32 -4.64 -5.83 -5.34
CA VAL A 32 -4.71 -7.08 -4.61
C VAL A 32 -6.05 -7.74 -4.86
N LYS A 33 -6.05 -8.75 -5.73
CA LYS A 33 -7.26 -9.49 -6.02
C LYS A 33 -7.54 -10.47 -4.89
N ALA A 34 -8.34 -10.02 -3.93
CA ALA A 34 -8.63 -10.80 -2.74
C ALA A 34 -9.42 -12.05 -3.08
N LYS A 35 -9.23 -13.10 -2.29
CA LYS A 35 -9.90 -14.39 -2.53
C LYS A 35 -11.41 -14.27 -2.39
N ASP A 36 -11.87 -13.12 -1.92
CA ASP A 36 -13.30 -12.82 -1.89
C ASP A 36 -13.86 -12.74 -3.31
N GLY A 37 -13.02 -12.25 -4.23
CA GLY A 37 -13.43 -12.13 -5.61
C GLY A 37 -13.13 -10.75 -6.17
N HIS A 38 -13.38 -9.72 -5.38
CA HIS A 38 -13.20 -8.35 -5.85
C HIS A 38 -11.74 -7.93 -5.73
N VAL A 39 -11.32 -7.06 -6.63
CA VAL A 39 -9.96 -6.54 -6.61
C VAL A 39 -9.88 -5.37 -5.63
N MET A 40 -9.19 -5.60 -4.53
CA MET A 40 -9.08 -4.61 -3.47
C MET A 40 -8.02 -3.57 -3.84
N HIS A 41 -8.44 -2.32 -3.93
CA HIS A 41 -7.54 -1.23 -4.29
C HIS A 41 -7.30 -0.33 -3.10
N PHE A 42 -6.04 -0.11 -2.78
CA PHE A 42 -5.69 0.76 -1.66
C PHE A 42 -4.39 1.50 -1.95
N ASP A 43 -4.31 2.72 -1.44
CA ASP A 43 -3.14 3.56 -1.63
C ASP A 43 -2.08 3.24 -0.60
N VAL A 44 -0.96 2.73 -1.05
CA VAL A 44 0.16 2.50 -0.18
C VAL A 44 1.06 3.72 -0.16
N PHE A 45 0.90 4.55 0.85
CA PHE A 45 1.71 5.74 0.99
C PHE A 45 3.02 5.41 1.68
N THR A 46 4.10 5.57 0.95
CA THR A 46 5.42 5.27 1.47
C THR A 46 6.31 6.50 1.45
N ASP A 47 7.26 6.55 2.37
CA ASP A 47 8.25 7.63 2.39
C ASP A 47 9.47 7.24 1.58
N VAL A 48 9.91 5.99 1.74
CA VAL A 48 11.06 5.49 1.02
C VAL A 48 10.80 5.45 -0.48
N ARG A 49 11.79 5.84 -1.27
CA ARG A 49 11.66 5.85 -2.73
C ARG A 49 12.07 4.49 -3.31
N ASP A 50 11.74 3.44 -2.58
CA ASP A 50 12.07 2.09 -3.00
C ASP A 50 10.79 1.33 -3.33
N ASP A 51 10.77 0.64 -4.47
CA ASP A 51 9.57 -0.04 -4.93
C ASP A 51 9.41 -1.42 -4.29
N LYS A 52 10.53 -2.05 -3.96
CA LYS A 52 10.49 -3.40 -3.41
C LYS A 52 10.10 -3.36 -1.94
N LYS A 53 10.69 -2.42 -1.20
CA LYS A 53 10.40 -2.27 0.22
C LYS A 53 8.93 -1.94 0.42
N ALA A 54 8.35 -1.23 -0.55
CA ALA A 54 6.94 -0.89 -0.53
C ALA A 54 6.08 -2.15 -0.68
N ILE A 55 6.59 -3.10 -1.47
CA ILE A 55 5.92 -4.37 -1.65
C ILE A 55 5.85 -5.13 -0.34
N GLU A 56 6.95 -5.16 0.39
CA GLU A 56 7.00 -5.79 1.71
C GLU A 56 5.93 -5.20 2.62
N PHE A 57 5.77 -3.88 2.57
CA PHE A 57 4.78 -3.19 3.39
C PHE A 57 3.37 -3.73 3.10
N ALA A 58 3.05 -3.85 1.82
CA ALA A 58 1.75 -4.34 1.39
C ALA A 58 1.55 -5.80 1.83
N LYS A 59 2.60 -6.60 1.66
CA LYS A 59 2.53 -8.01 2.00
C LYS A 59 2.34 -8.22 3.50
N GLN A 60 2.95 -7.35 4.31
CA GLN A 60 2.80 -7.42 5.76
C GLN A 60 1.35 -7.18 6.16
N TRP A 61 0.71 -6.22 5.50
CA TRP A 61 -0.68 -5.90 5.79
C TRP A 61 -1.59 -7.02 5.34
N LEU A 62 -1.28 -7.63 4.20
CA LEU A 62 -2.04 -8.77 3.70
C LEU A 62 -2.00 -9.92 4.70
N SER A 63 -0.83 -10.15 5.29
CA SER A 63 -0.68 -11.17 6.30
C SER A 63 -1.54 -10.85 7.52
N SER A 64 -1.68 -9.57 7.83
CA SER A 64 -2.46 -9.14 8.98
C SER A 64 -3.94 -9.45 8.79
N ILE A 65 -4.47 -9.10 7.61
CA ILE A 65 -5.89 -9.27 7.35
C ILE A 65 -6.24 -10.72 6.99
N GLY A 66 -5.25 -11.45 6.48
CA GLY A 66 -5.47 -12.84 6.12
C GLY A 66 -5.66 -13.00 4.63
N GLU A 67 -4.90 -12.26 3.84
CA GLU A 67 -5.00 -12.31 2.39
C GLU A 67 -3.61 -12.52 1.78
N GLU A 68 -2.76 -13.22 2.52
CA GLU A 68 -1.43 -13.54 2.03
C GLU A 68 -1.53 -14.67 1.01
N GLY A 69 -1.83 -14.30 -0.22
CA GLY A 69 -1.88 -15.24 -1.30
C GLY A 69 -1.50 -14.57 -2.59
N ALA A 70 -2.08 -13.40 -2.80
CA ALA A 70 -1.74 -12.56 -3.93
C ALA A 70 -0.26 -12.20 -3.92
N THR A 71 0.45 -12.59 -4.96
CA THR A 71 1.86 -12.29 -5.07
C THR A 71 2.05 -10.83 -5.44
N VAL A 72 2.24 -9.99 -4.44
CA VAL A 72 2.47 -8.57 -4.67
C VAL A 72 3.83 -8.35 -5.30
N THR A 73 3.83 -7.77 -6.48
CA THR A 73 5.05 -7.47 -7.19
C THR A 73 4.92 -6.16 -7.96
N SER A 74 5.88 -5.90 -8.82
CA SER A 74 5.91 -4.71 -9.65
C SER A 74 4.61 -4.47 -10.40
N GLU A 75 4.01 -5.54 -10.93
CA GLU A 75 2.79 -5.42 -11.72
C GLU A 75 1.58 -5.15 -10.81
N GLU A 76 1.68 -5.59 -9.56
CA GLU A 76 0.57 -5.45 -8.63
C GLU A 76 0.60 -4.09 -7.96
N CYS A 77 1.76 -3.70 -7.46
CA CYS A 77 1.90 -2.42 -6.78
C CYS A 77 2.38 -1.38 -7.79
N ARG A 78 1.42 -0.68 -8.38
CA ARG A 78 1.72 0.27 -9.44
C ARG A 78 1.97 1.65 -8.87
N PHE A 79 3.12 2.22 -9.22
CA PHE A 79 3.45 3.57 -8.79
C PHE A 79 2.61 4.60 -9.53
N CYS A 80 1.93 5.45 -8.79
CA CYS A 80 1.09 6.49 -9.39
C CYS A 80 1.80 7.83 -9.39
N HIS A 81 1.92 8.45 -8.22
CA HIS A 81 2.45 9.80 -8.13
C HIS A 81 3.33 9.99 -6.90
N SER A 82 3.89 11.18 -6.81
CA SER A 82 4.57 11.64 -5.62
C SER A 82 3.90 12.94 -5.20
N GLU A 83 3.14 12.90 -4.13
CA GLU A 83 2.20 13.97 -3.82
C GLU A 83 2.55 14.64 -2.49
N LYS A 84 1.99 15.82 -2.28
CA LYS A 84 2.13 16.53 -1.02
C LYS A 84 1.56 15.68 0.11
N ALA A 85 2.33 15.56 1.18
CA ALA A 85 1.98 14.68 2.27
C ALA A 85 1.09 15.37 3.30
N PRO A 86 -0.12 14.84 3.51
CA PRO A 86 -1.03 15.32 4.56
C PRO A 86 -0.42 15.14 5.95
N ASP A 87 -0.75 16.06 6.85
CA ASP A 87 -0.17 16.09 8.19
C ASP A 87 -0.34 14.75 8.92
N GLU A 88 -1.49 14.14 8.74
CA GLU A 88 -1.81 12.89 9.43
C GLU A 88 -0.86 11.76 9.03
N VAL A 89 -0.65 11.58 7.72
CA VAL A 89 0.10 10.44 7.23
C VAL A 89 1.59 10.56 7.55
N ILE A 90 2.03 11.78 7.88
CA ILE A 90 3.43 12.03 8.23
C ILE A 90 3.88 11.09 9.34
N GLU A 91 3.22 11.19 10.47
CA GLU A 91 3.56 10.41 11.64
C GLU A 91 3.21 8.94 11.45
N ALA A 92 2.10 8.69 10.76
CA ALA A 92 1.64 7.33 10.50
C ALA A 92 2.66 6.53 9.71
N ILE A 93 3.22 7.14 8.67
CA ILE A 93 4.22 6.48 7.84
C ILE A 93 5.51 6.28 8.63
N LYS A 94 5.86 7.23 9.46
CA LYS A 94 7.07 7.12 10.28
C LYS A 94 7.01 5.93 11.22
N GLN A 95 5.83 5.64 11.72
CA GLN A 95 5.65 4.57 12.71
C GLN A 95 5.77 3.19 12.08
N ASN A 96 5.21 3.01 10.90
CA ASN A 96 5.13 1.68 10.29
C ASN A 96 6.05 1.54 9.08
N GLY A 97 6.36 2.66 8.46
CA GLY A 97 7.10 2.65 7.22
C GLY A 97 6.20 2.86 6.03
N TYR A 98 4.90 2.83 6.29
CA TYR A 98 3.89 2.96 5.26
C TYR A 98 2.56 3.41 5.85
N PHE A 99 1.64 3.78 4.98
CA PHE A 99 0.27 4.10 5.38
C PHE A 99 -0.70 3.46 4.40
N ILE A 100 -1.63 2.67 4.92
CA ILE A 100 -2.61 1.99 4.09
C ILE A 100 -3.91 2.77 4.06
N TYR A 101 -4.18 3.40 2.92
CA TYR A 101 -5.43 4.13 2.73
C TYR A 101 -6.33 3.32 1.79
N LYS A 102 -7.48 2.92 2.28
CA LYS A 102 -8.40 2.13 1.48
C LYS A 102 -9.13 2.99 0.47
N MET A 103 -8.55 3.08 -0.72
CA MET A 103 -9.16 3.80 -1.84
C MET A 103 -10.46 3.12 -2.24
N GLU A 104 -10.38 1.82 -2.45
CA GLU A 104 -11.52 1.03 -2.88
C GLU A 104 -11.38 -0.40 -2.37
N GLY A 105 -11.70 -0.58 -1.10
CA GLY A 105 -11.63 -1.88 -0.50
C GLY A 105 -12.47 -1.96 0.76
N CYS A 106 -13.60 -1.27 0.73
CA CYS A 106 -14.54 -1.26 1.84
C CYS A 106 -15.79 -2.04 1.46
N ASN A 107 -15.82 -2.52 0.23
CA ASN A 107 -16.95 -3.26 -0.28
C ASN A 107 -16.50 -4.66 -0.67
N MET A 23 9.54 15.83 2.98
CA MET A 23 8.99 14.45 2.94
C MET A 23 7.86 14.37 1.92
N GLN A 24 7.96 13.42 1.01
CA GLN A 24 7.03 13.33 -0.11
C GLN A 24 6.44 11.94 -0.20
N ILE A 25 5.11 11.85 -0.17
CA ILE A 25 4.45 10.57 -0.22
C ILE A 25 4.41 10.02 -1.63
N HIS A 26 4.98 8.84 -1.80
CA HIS A 26 4.89 8.13 -3.05
C HIS A 26 3.65 7.25 -3.02
N VAL A 27 2.84 7.36 -4.04
CA VAL A 27 1.58 6.64 -4.11
C VAL A 27 1.77 5.35 -4.88
N TYR A 28 1.82 4.25 -4.14
CA TYR A 28 1.95 2.95 -4.75
C TYR A 28 0.59 2.28 -4.87
N ASP A 29 0.05 2.31 -6.08
CA ASP A 29 -1.25 1.74 -6.38
C ASP A 29 -1.16 0.22 -6.30
N THR A 30 -1.81 -0.37 -5.31
CA THR A 30 -1.66 -1.79 -5.07
C THR A 30 -2.95 -2.56 -5.38
N TYR A 31 -2.86 -3.44 -6.37
CA TYR A 31 -3.95 -4.33 -6.71
C TYR A 31 -3.76 -5.69 -6.04
N VAL A 32 -4.58 -5.98 -5.05
CA VAL A 32 -4.48 -7.26 -4.35
C VAL A 32 -5.64 -8.16 -4.73
N LYS A 33 -5.32 -9.20 -5.48
CA LYS A 33 -6.33 -10.07 -6.06
C LYS A 33 -6.70 -11.18 -5.08
N ALA A 34 -7.57 -10.86 -4.12
CA ALA A 34 -8.08 -11.87 -3.21
C ALA A 34 -9.25 -12.58 -3.86
N LYS A 35 -9.04 -13.84 -4.24
CA LYS A 35 -10.03 -14.60 -4.99
C LYS A 35 -11.33 -14.76 -4.23
N ASP A 36 -11.25 -15.38 -3.05
CA ASP A 36 -12.45 -15.64 -2.26
C ASP A 36 -12.88 -14.38 -1.53
N GLY A 37 -11.91 -13.55 -1.18
CA GLY A 37 -12.21 -12.28 -0.56
C GLY A 37 -12.69 -11.26 -1.57
N HIS A 38 -11.81 -10.33 -1.93
CA HIS A 38 -12.14 -9.32 -2.91
C HIS A 38 -10.87 -8.64 -3.44
N VAL A 39 -10.93 -8.15 -4.67
CA VAL A 39 -9.80 -7.44 -5.27
C VAL A 39 -9.63 -6.11 -4.56
N MET A 40 -8.61 -6.03 -3.72
CA MET A 40 -8.39 -4.86 -2.90
C MET A 40 -7.58 -3.83 -3.68
N HIS A 41 -8.05 -2.61 -3.65
CA HIS A 41 -7.34 -1.51 -4.28
C HIS A 41 -7.11 -0.40 -3.27
N PHE A 42 -5.92 -0.36 -2.72
CA PHE A 42 -5.58 0.64 -1.72
C PHE A 42 -4.28 1.30 -2.08
N ASP A 43 -4.15 2.57 -1.73
CA ASP A 43 -2.94 3.31 -2.05
C ASP A 43 -1.98 3.33 -0.87
N VAL A 44 -0.79 2.79 -1.10
CA VAL A 44 0.24 2.77 -0.08
C VAL A 44 1.07 4.05 -0.14
N PHE A 45 0.91 4.89 0.86
CA PHE A 45 1.66 6.13 0.94
C PHE A 45 2.91 5.93 1.77
N THR A 46 4.07 6.13 1.16
CA THR A 46 5.33 6.10 1.89
C THR A 46 6.35 7.00 1.22
N ASP A 47 7.36 7.43 1.97
CA ASP A 47 8.42 8.26 1.43
C ASP A 47 9.46 7.39 0.74
N VAL A 48 9.46 6.11 1.10
CA VAL A 48 10.38 5.13 0.53
C VAL A 48 10.22 5.08 -0.99
N ARG A 49 11.33 5.25 -1.70
CA ARG A 49 11.30 5.38 -3.14
C ARG A 49 11.63 4.06 -3.81
N ASP A 50 11.40 2.98 -3.09
CA ASP A 50 11.70 1.64 -3.58
C ASP A 50 10.40 0.86 -3.79
N ASP A 51 10.35 0.09 -4.88
CA ASP A 51 9.13 -0.62 -5.25
C ASP A 51 8.90 -1.85 -4.39
N LYS A 52 9.93 -2.66 -4.19
CA LYS A 52 9.77 -3.93 -3.49
C LYS A 52 9.59 -3.69 -2.00
N LYS A 53 10.14 -2.58 -1.51
CA LYS A 53 9.92 -2.16 -0.14
C LYS A 53 8.45 -1.82 0.09
N ALA A 54 7.87 -1.09 -0.86
CA ALA A 54 6.45 -0.76 -0.81
C ALA A 54 5.62 -2.04 -0.88
N ILE A 55 6.08 -2.98 -1.70
CA ILE A 55 5.45 -4.28 -1.80
C ILE A 55 5.44 -4.98 -0.44
N GLU A 56 6.59 -4.99 0.23
CA GLU A 56 6.70 -5.58 1.56
C GLU A 56 5.71 -4.95 2.52
N PHE A 57 5.63 -3.62 2.49
CA PHE A 57 4.72 -2.89 3.36
C PHE A 57 3.28 -3.36 3.19
N ALA A 58 2.87 -3.54 1.94
CA ALA A 58 1.51 -4.01 1.65
C ALA A 58 1.34 -5.47 2.10
N LYS A 59 2.35 -6.28 1.84
CA LYS A 59 2.32 -7.70 2.19
C LYS A 59 2.20 -7.90 3.69
N GLN A 60 2.86 -7.03 4.45
CA GLN A 60 2.79 -7.07 5.91
C GLN A 60 1.36 -6.89 6.40
N TRP A 61 0.61 -6.07 5.69
CA TRP A 61 -0.77 -5.76 6.08
C TRP A 61 -1.72 -6.85 5.58
N LEU A 62 -1.52 -7.29 4.34
CA LEU A 62 -2.36 -8.33 3.75
C LEU A 62 -2.36 -9.61 4.57
N SER A 63 -1.17 -10.03 4.98
CA SER A 63 -1.01 -11.29 5.69
C SER A 63 -1.62 -11.23 7.08
N SER A 64 -1.72 -10.03 7.65
CA SER A 64 -2.24 -9.88 8.99
C SER A 64 -3.76 -9.72 8.99
N ILE A 65 -4.30 -9.15 7.91
CA ILE A 65 -5.76 -9.00 7.78
C ILE A 65 -6.40 -10.31 7.34
N GLY A 66 -5.69 -11.09 6.53
CA GLY A 66 -6.18 -12.41 6.16
C GLY A 66 -6.58 -12.51 4.69
N GLU A 67 -6.37 -11.45 3.92
CA GLU A 67 -6.67 -11.48 2.49
C GLU A 67 -5.55 -12.19 1.74
N GLU A 68 -5.33 -13.44 2.13
CA GLU A 68 -4.26 -14.25 1.57
C GLU A 68 -4.75 -14.98 0.32
N GLY A 69 -3.81 -15.41 -0.50
CA GLY A 69 -4.17 -16.06 -1.75
C GLY A 69 -3.61 -15.32 -2.95
N ALA A 70 -3.23 -14.07 -2.72
CA ALA A 70 -2.73 -13.22 -3.78
C ALA A 70 -1.21 -13.10 -3.72
N THR A 71 -0.58 -13.08 -4.88
CA THR A 71 0.84 -12.85 -4.99
C THR A 71 1.11 -11.42 -5.42
N VAL A 72 1.92 -10.70 -4.65
CA VAL A 72 2.13 -9.28 -4.90
C VAL A 72 3.52 -9.00 -5.45
N THR A 73 3.58 -8.68 -6.72
CA THR A 73 4.82 -8.25 -7.37
C THR A 73 4.72 -6.77 -7.73
N SER A 74 5.63 -6.32 -8.59
CA SER A 74 5.61 -4.93 -9.05
C SER A 74 4.51 -4.72 -10.08
N GLU A 75 3.83 -5.81 -10.45
CA GLU A 75 2.67 -5.73 -11.31
C GLU A 75 1.43 -5.45 -10.48
N GLU A 76 1.45 -5.91 -9.23
CA GLU A 76 0.35 -5.69 -8.32
C GLU A 76 0.50 -4.33 -7.64
N CYS A 77 1.67 -4.07 -7.11
CA CYS A 77 1.95 -2.79 -6.48
C CYS A 77 2.77 -1.91 -7.44
N ARG A 78 2.14 -0.87 -7.95
CA ARG A 78 2.75 -0.05 -8.98
C ARG A 78 2.91 1.39 -8.51
N PHE A 79 4.10 1.93 -8.72
CA PHE A 79 4.34 3.35 -8.47
C PHE A 79 3.66 4.18 -9.55
N CYS A 80 2.66 4.95 -9.15
CA CYS A 80 1.91 5.75 -10.11
C CYS A 80 2.29 7.23 -9.99
N HIS A 81 2.01 7.84 -8.84
CA HIS A 81 2.31 9.26 -8.67
C HIS A 81 2.79 9.55 -7.26
N SER A 82 3.08 10.81 -7.04
CA SER A 82 3.45 11.31 -5.73
C SER A 82 2.78 12.67 -5.51
N GLU A 83 2.66 13.10 -4.26
CA GLU A 83 1.99 14.36 -3.99
C GLU A 83 2.38 14.93 -2.64
N LYS A 84 1.86 16.11 -2.33
CA LYS A 84 2.08 16.75 -1.04
C LYS A 84 1.60 15.84 0.09
N ALA A 85 2.35 15.82 1.17
CA ALA A 85 2.06 14.95 2.28
C ALA A 85 1.64 15.74 3.52
N PRO A 86 0.35 15.70 3.88
CA PRO A 86 -0.13 16.31 5.13
C PRO A 86 0.47 15.63 6.35
N ASP A 87 0.62 16.39 7.44
CA ASP A 87 1.25 15.90 8.64
C ASP A 87 0.53 14.67 9.20
N GLU A 88 -0.76 14.56 8.89
CA GLU A 88 -1.56 13.43 9.34
C GLU A 88 -1.01 12.11 8.79
N VAL A 89 -0.67 12.09 7.50
CA VAL A 89 -0.12 10.89 6.89
C VAL A 89 1.37 10.76 7.18
N ILE A 90 2.00 11.90 7.47
CA ILE A 90 3.41 11.92 7.84
C ILE A 90 3.64 11.08 9.08
N GLU A 91 2.87 11.36 10.12
CA GLU A 91 2.99 10.66 11.39
C GLU A 91 2.71 9.17 11.21
N ALA A 92 1.83 8.84 10.27
CA ALA A 92 1.49 7.45 9.99
C ALA A 92 2.69 6.70 9.41
N ILE A 93 3.35 7.31 8.44
CA ILE A 93 4.52 6.72 7.80
C ILE A 93 5.70 6.74 8.76
N LYS A 94 5.79 7.82 9.52
CA LYS A 94 6.82 7.97 10.55
C LYS A 94 6.70 6.87 11.61
N GLN A 95 5.46 6.46 11.87
CA GLN A 95 5.19 5.47 12.90
C GLN A 95 5.29 4.04 12.34
N ASN A 96 4.54 3.77 11.27
CA ASN A 96 4.40 2.41 10.77
C ASN A 96 5.35 2.11 9.62
N GLY A 97 5.89 3.15 9.01
CA GLY A 97 6.75 2.97 7.85
C GLY A 97 5.97 3.10 6.56
N TYR A 98 4.65 2.92 6.66
CA TYR A 98 3.76 2.96 5.51
C TYR A 98 2.36 3.36 5.96
N PHE A 99 1.65 4.06 5.10
CA PHE A 99 0.26 4.39 5.35
C PHE A 99 -0.63 3.71 4.32
N ILE A 100 -1.44 2.78 4.78
CA ILE A 100 -2.36 2.07 3.90
C ILE A 100 -3.66 2.86 3.76
N TYR A 101 -3.77 3.61 2.68
CA TYR A 101 -4.99 4.36 2.40
C TYR A 101 -5.98 3.44 1.70
N LYS A 102 -6.91 2.91 2.47
CA LYS A 102 -7.89 1.95 1.99
C LYS A 102 -8.88 2.65 1.06
N MET A 103 -8.67 2.50 -0.24
CA MET A 103 -9.49 3.22 -1.21
C MET A 103 -10.70 2.40 -1.65
N GLU A 104 -10.43 1.26 -2.26
CA GLU A 104 -11.47 0.45 -2.87
C GLU A 104 -11.65 -0.86 -2.11
N GLY A 105 -12.90 -1.22 -1.84
CA GLY A 105 -13.19 -2.50 -1.24
C GLY A 105 -13.44 -2.40 0.26
N CYS A 106 -13.54 -1.17 0.76
CA CYS A 106 -13.81 -0.93 2.17
C CYS A 106 -13.88 0.56 2.44
N ASN A 107 -14.96 1.00 3.07
CA ASN A 107 -15.10 2.37 3.53
C ASN A 107 -15.80 2.38 4.88
N MET A 23 6.24 17.73 2.70
CA MET A 23 6.91 16.46 2.37
C MET A 23 6.19 15.78 1.21
N GLN A 24 6.87 14.88 0.54
CA GLN A 24 6.26 14.13 -0.55
C GLN A 24 5.89 12.73 -0.09
N ILE A 25 4.98 12.10 -0.82
CA ILE A 25 4.60 10.72 -0.55
C ILE A 25 4.43 9.95 -1.85
N HIS A 26 4.95 8.74 -1.88
CA HIS A 26 4.75 7.86 -3.01
C HIS A 26 3.42 7.14 -2.87
N VAL A 27 2.52 7.38 -3.80
CA VAL A 27 1.22 6.76 -3.78
C VAL A 27 1.24 5.48 -4.61
N TYR A 28 1.11 4.34 -3.93
CA TYR A 28 1.09 3.06 -4.61
C TYR A 28 -0.31 2.45 -4.54
N ASP A 29 -1.07 2.60 -5.62
CA ASP A 29 -2.39 1.99 -5.73
C ASP A 29 -2.22 0.50 -5.97
N THR A 30 -2.13 -0.25 -4.89
CA THR A 30 -1.76 -1.66 -4.95
C THR A 30 -2.97 -2.52 -5.25
N TYR A 31 -2.91 -3.22 -6.37
CA TYR A 31 -4.00 -4.07 -6.81
C TYR A 31 -3.83 -5.48 -6.26
N VAL A 32 -4.65 -5.85 -5.29
CA VAL A 32 -4.56 -7.17 -4.68
C VAL A 32 -5.74 -8.03 -5.13
N LYS A 33 -5.43 -9.10 -5.86
CA LYS A 33 -6.46 -9.96 -6.40
C LYS A 33 -6.88 -11.00 -5.37
N ALA A 34 -8.03 -10.76 -4.75
CA ALA A 34 -8.56 -11.64 -3.72
C ALA A 34 -8.99 -12.98 -4.32
N LYS A 35 -9.08 -14.00 -3.47
CA LYS A 35 -9.40 -15.35 -3.91
C LYS A 35 -10.84 -15.44 -4.39
N ASP A 36 -11.69 -14.60 -3.82
CA ASP A 36 -13.11 -14.58 -4.19
C ASP A 36 -13.30 -14.01 -5.58
N GLY A 37 -12.38 -13.16 -6.01
CA GLY A 37 -12.48 -12.53 -7.30
C GLY A 37 -12.82 -11.06 -7.19
N HIS A 38 -11.93 -10.32 -6.55
CA HIS A 38 -12.10 -8.87 -6.39
C HIS A 38 -10.74 -8.20 -6.37
N VAL A 39 -10.67 -7.04 -6.99
CA VAL A 39 -9.42 -6.30 -7.06
C VAL A 39 -9.33 -5.30 -5.92
N MET A 40 -8.67 -5.70 -4.85
CA MET A 40 -8.49 -4.85 -3.70
C MET A 40 -7.35 -3.87 -3.95
N HIS A 41 -7.67 -2.71 -4.50
CA HIS A 41 -6.67 -1.69 -4.74
C HIS A 41 -6.81 -0.57 -3.73
N PHE A 42 -5.70 -0.21 -3.11
CA PHE A 42 -5.68 0.78 -2.05
C PHE A 42 -4.41 1.61 -2.15
N ASP A 43 -4.36 2.71 -1.42
CA ASP A 43 -3.25 3.64 -1.52
C ASP A 43 -2.24 3.36 -0.42
N VAL A 44 -1.11 2.80 -0.80
CA VAL A 44 0.00 2.62 0.13
C VAL A 44 0.82 3.91 0.16
N PHE A 45 0.56 4.72 1.17
CA PHE A 45 1.29 5.97 1.35
C PHE A 45 2.60 5.73 2.06
N THR A 46 3.69 5.81 1.33
CA THR A 46 5.02 5.74 1.91
C THR A 46 5.98 6.53 1.05
N ASP A 47 6.98 7.14 1.67
CA ASP A 47 7.96 7.90 0.91
C ASP A 47 9.33 7.22 1.02
N VAL A 48 9.33 6.03 1.59
CA VAL A 48 10.55 5.22 1.65
C VAL A 48 10.93 4.80 0.23
N ARG A 49 12.03 5.36 -0.27
CA ARG A 49 12.44 5.11 -1.64
C ARG A 49 13.05 3.73 -1.82
N ASP A 50 12.19 2.73 -1.84
CA ASP A 50 12.55 1.36 -2.19
C ASP A 50 11.35 0.71 -2.84
N ASP A 51 11.50 0.39 -4.12
CA ASP A 51 10.40 -0.11 -4.94
C ASP A 51 9.79 -1.36 -4.34
N LYS A 52 10.61 -2.20 -3.72
CA LYS A 52 10.12 -3.45 -3.19
C LYS A 52 9.60 -3.28 -1.76
N LYS A 53 9.92 -2.15 -1.14
CA LYS A 53 9.39 -1.86 0.20
C LYS A 53 7.90 -1.65 0.15
N ALA A 54 7.43 -1.02 -0.93
CA ALA A 54 6.01 -0.83 -1.15
C ALA A 54 5.28 -2.18 -1.12
N ILE A 55 5.93 -3.18 -1.69
CA ILE A 55 5.41 -4.54 -1.69
C ILE A 55 5.49 -5.15 -0.29
N GLU A 56 6.66 -5.03 0.33
CA GLU A 56 6.90 -5.61 1.65
C GLU A 56 5.96 -5.02 2.71
N PHE A 57 5.75 -3.70 2.64
CA PHE A 57 4.84 -3.04 3.58
C PHE A 57 3.40 -3.49 3.34
N ALA A 58 3.04 -3.66 2.08
CA ALA A 58 1.72 -4.16 1.74
C ALA A 58 1.53 -5.58 2.25
N LYS A 59 2.58 -6.39 2.13
CA LYS A 59 2.57 -7.76 2.63
C LYS A 59 2.28 -7.80 4.12
N GLN A 60 2.80 -6.82 4.86
CA GLN A 60 2.56 -6.74 6.29
C GLN A 60 1.06 -6.59 6.59
N TRP A 61 0.42 -5.64 5.91
CA TRP A 61 -1.01 -5.40 6.11
C TRP A 61 -1.82 -6.60 5.62
N LEU A 62 -1.38 -7.18 4.50
CA LEU A 62 -2.02 -8.36 3.96
C LEU A 62 -1.93 -9.53 4.93
N SER A 63 -0.76 -9.67 5.56
CA SER A 63 -0.56 -10.73 6.56
C SER A 63 -1.48 -10.51 7.76
N SER A 64 -1.77 -9.26 8.06
CA SER A 64 -2.64 -8.92 9.17
C SER A 64 -4.09 -9.34 8.87
N ILE A 65 -4.57 -9.04 7.66
CA ILE A 65 -5.94 -9.36 7.29
C ILE A 65 -6.10 -10.84 6.94
N GLY A 66 -5.00 -11.47 6.54
CA GLY A 66 -5.04 -12.89 6.25
C GLY A 66 -4.50 -13.22 4.87
N GLU A 67 -4.51 -12.23 3.98
CA GLU A 67 -4.07 -12.43 2.60
C GLU A 67 -2.55 -12.29 2.48
N GLU A 68 -1.84 -12.95 3.38
CA GLU A 68 -0.38 -12.93 3.39
C GLU A 68 0.18 -13.49 2.09
N GLY A 69 -0.52 -14.45 1.52
CA GLY A 69 -0.07 -15.07 0.30
C GLY A 69 -0.74 -14.50 -0.94
N ALA A 70 -1.14 -13.24 -0.86
CA ALA A 70 -1.75 -12.57 -1.99
C ALA A 70 -0.68 -12.16 -2.99
N THR A 71 -0.99 -12.29 -4.28
CA THR A 71 -0.05 -11.98 -5.34
C THR A 71 0.24 -10.48 -5.39
N VAL A 72 1.43 -10.11 -4.93
CA VAL A 72 1.87 -8.72 -5.01
C VAL A 72 3.27 -8.64 -5.61
N THR A 73 3.34 -8.40 -6.91
CA THR A 73 4.61 -8.14 -7.57
C THR A 73 4.69 -6.68 -7.99
N SER A 74 5.66 -6.36 -8.83
CA SER A 74 5.84 -4.99 -9.30
C SER A 74 4.70 -4.56 -10.22
N GLU A 75 3.84 -5.52 -10.60
CA GLU A 75 2.67 -5.23 -11.41
C GLU A 75 1.48 -4.88 -10.53
N GLU A 76 1.42 -5.47 -9.36
CA GLU A 76 0.31 -5.24 -8.44
C GLU A 76 0.53 -3.94 -7.67
N CYS A 77 1.73 -3.76 -7.16
CA CYS A 77 2.06 -2.54 -6.45
C CYS A 77 2.88 -1.65 -7.37
N ARG A 78 2.19 -0.79 -8.11
CA ARG A 78 2.84 0.06 -9.09
C ARG A 78 2.89 1.51 -8.62
N PHE A 79 3.87 2.24 -9.12
CA PHE A 79 4.09 3.62 -8.74
C PHE A 79 3.10 4.52 -9.48
N CYS A 80 2.10 5.00 -8.75
CA CYS A 80 1.11 5.90 -9.33
C CYS A 80 1.71 7.29 -9.53
N HIS A 81 2.16 7.89 -8.42
CA HIS A 81 2.79 9.21 -8.46
C HIS A 81 3.24 9.62 -7.07
N SER A 82 3.84 10.80 -6.97
CA SER A 82 4.19 11.40 -5.70
C SER A 82 3.44 12.73 -5.53
N GLU A 83 2.86 12.94 -4.37
CA GLU A 83 2.15 14.17 -4.09
C GLU A 83 2.53 14.71 -2.72
N LYS A 84 1.88 15.79 -2.30
CA LYS A 84 2.19 16.42 -1.03
C LYS A 84 1.58 15.64 0.13
N ALA A 85 2.38 15.43 1.16
CA ALA A 85 1.99 14.60 2.29
C ALA A 85 1.20 15.37 3.34
N PRO A 86 -0.05 14.95 3.58
CA PRO A 86 -0.84 15.46 4.70
C PRO A 86 -0.24 14.99 6.03
N ASP A 87 -0.40 15.81 7.07
CA ASP A 87 0.19 15.51 8.37
C ASP A 87 -0.41 14.24 8.98
N GLU A 88 -1.48 13.75 8.39
CA GLU A 88 -2.12 12.51 8.85
C GLU A 88 -1.21 11.32 8.59
N VAL A 89 -0.50 11.33 7.47
CA VAL A 89 0.30 10.17 7.07
C VAL A 89 1.76 10.31 7.51
N ILE A 90 2.14 11.49 7.97
CA ILE A 90 3.53 11.73 8.38
C ILE A 90 3.93 10.78 9.51
N GLU A 91 3.18 10.81 10.59
CA GLU A 91 3.39 9.91 11.73
C GLU A 91 3.43 8.44 11.26
N ALA A 92 2.50 8.09 10.39
CA ALA A 92 2.36 6.70 9.93
C ALA A 92 3.60 6.22 9.20
N ILE A 93 4.05 7.00 8.23
CA ILE A 93 5.20 6.62 7.41
C ILE A 93 6.50 6.71 8.21
N LYS A 94 6.55 7.64 9.13
CA LYS A 94 7.73 7.85 9.97
C LYS A 94 7.87 6.72 10.99
N GLN A 95 6.74 6.33 11.56
CA GLN A 95 6.73 5.33 12.63
C GLN A 95 6.68 3.91 12.06
N ASN A 96 5.64 3.60 11.31
CA ASN A 96 5.43 2.25 10.80
C ASN A 96 6.11 2.07 9.46
N GLY A 97 6.24 3.16 8.71
CA GLY A 97 6.88 3.09 7.42
C GLY A 97 5.89 3.04 6.28
N TYR A 98 4.61 2.92 6.62
CA TYR A 98 3.56 2.78 5.62
C TYR A 98 2.22 3.26 6.16
N PHE A 99 1.36 3.69 5.25
CA PHE A 99 -0.02 4.02 5.60
C PHE A 99 -0.95 3.50 4.51
N ILE A 100 -1.75 2.51 4.83
CA ILE A 100 -2.68 1.94 3.87
C ILE A 100 -4.01 2.66 3.95
N TYR A 101 -4.34 3.38 2.88
CA TYR A 101 -5.64 4.00 2.77
C TYR A 101 -6.57 3.10 1.95
N LYS A 102 -7.63 2.65 2.59
CA LYS A 102 -8.60 1.80 1.93
C LYS A 102 -9.44 2.63 0.96
N MET A 103 -8.89 2.86 -0.23
CA MET A 103 -9.54 3.68 -1.25
C MET A 103 -10.89 3.10 -1.64
N GLU A 104 -10.86 2.04 -2.43
CA GLU A 104 -12.09 1.41 -2.91
C GLU A 104 -11.90 -0.10 -3.02
N GLY A 105 -10.67 -0.55 -2.82
CA GLY A 105 -10.37 -1.97 -2.95
C GLY A 105 -11.05 -2.82 -1.92
N CYS A 106 -11.25 -2.27 -0.73
CA CYS A 106 -11.91 -3.02 0.33
C CYS A 106 -13.32 -2.47 0.55
N ASN A 107 -13.46 -1.61 1.55
CA ASN A 107 -14.74 -0.98 1.86
C ASN A 107 -14.50 0.46 2.25
N MET A 23 7.73 16.94 2.66
CA MET A 23 7.45 15.49 2.72
C MET A 23 6.69 15.08 1.47
N GLN A 24 7.30 14.20 0.69
CA GLN A 24 6.70 13.73 -0.55
C GLN A 24 6.36 12.24 -0.45
N ILE A 25 5.07 11.94 -0.43
CA ILE A 25 4.63 10.57 -0.33
C ILE A 25 4.62 9.90 -1.69
N HIS A 26 5.24 8.75 -1.76
CA HIS A 26 5.23 7.94 -2.96
C HIS A 26 4.04 7.00 -2.88
N VAL A 27 3.04 7.28 -3.68
CA VAL A 27 1.79 6.53 -3.65
C VAL A 27 1.89 5.32 -4.55
N TYR A 28 1.89 4.15 -3.95
CA TYR A 28 1.92 2.92 -4.72
C TYR A 28 0.52 2.41 -4.98
N ASP A 29 0.14 2.44 -6.25
CA ASP A 29 -1.17 2.00 -6.69
C ASP A 29 -1.23 0.48 -6.66
N THR A 30 -1.77 -0.07 -5.58
CA THR A 30 -1.72 -1.49 -5.39
C THR A 30 -3.08 -2.15 -5.59
N TYR A 31 -3.10 -3.13 -6.50
CA TYR A 31 -4.27 -3.97 -6.71
C TYR A 31 -4.00 -5.35 -6.12
N VAL A 32 -4.74 -5.72 -5.10
CA VAL A 32 -4.56 -7.02 -4.46
C VAL A 32 -5.71 -7.93 -4.81
N LYS A 33 -5.41 -8.96 -5.60
CA LYS A 33 -6.43 -9.88 -6.08
C LYS A 33 -6.72 -10.94 -5.03
N ALA A 34 -7.54 -10.57 -4.06
CA ALA A 34 -7.96 -11.49 -3.02
C ALA A 34 -9.12 -12.33 -3.50
N LYS A 35 -8.99 -13.65 -3.41
CA LYS A 35 -9.99 -14.57 -3.93
C LYS A 35 -11.32 -14.41 -3.20
N ASP A 36 -11.27 -14.06 -1.93
CA ASP A 36 -12.48 -13.92 -1.13
C ASP A 36 -12.68 -12.47 -0.72
N GLY A 37 -11.59 -11.72 -0.72
CA GLY A 37 -11.64 -10.34 -0.26
C GLY A 37 -11.81 -9.35 -1.37
N HIS A 38 -12.07 -9.83 -2.60
CA HIS A 38 -12.28 -8.97 -3.76
C HIS A 38 -10.96 -8.30 -4.19
N VAL A 39 -10.86 -7.91 -5.45
CA VAL A 39 -9.68 -7.18 -5.92
C VAL A 39 -9.62 -5.82 -5.22
N MET A 40 -8.78 -5.74 -4.20
CA MET A 40 -8.70 -4.55 -3.36
C MET A 40 -7.78 -3.50 -3.97
N HIS A 41 -8.29 -2.29 -4.08
CA HIS A 41 -7.50 -1.16 -4.55
C HIS A 41 -7.34 -0.17 -3.40
N PHE A 42 -6.11 0.21 -3.11
CA PHE A 42 -5.83 1.09 -1.99
C PHE A 42 -4.55 1.87 -2.23
N ASP A 43 -4.39 2.96 -1.50
CA ASP A 43 -3.23 3.83 -1.64
C ASP A 43 -2.18 3.47 -0.61
N VAL A 44 -1.02 3.04 -1.09
CA VAL A 44 0.12 2.79 -0.21
C VAL A 44 1.01 4.03 -0.14
N PHE A 45 0.90 4.77 0.95
CA PHE A 45 1.69 5.98 1.12
C PHE A 45 2.98 5.66 1.87
N THR A 46 4.11 5.82 1.20
CA THR A 46 5.39 5.66 1.87
C THR A 46 6.39 6.68 1.35
N ASP A 47 7.39 7.00 2.18
CA ASP A 47 8.42 7.95 1.81
C ASP A 47 9.57 7.24 1.10
N VAL A 48 9.57 5.92 1.19
CA VAL A 48 10.62 5.12 0.60
C VAL A 48 10.19 4.60 -0.77
N ARG A 49 10.79 5.13 -1.83
CA ARG A 49 10.47 4.66 -3.17
C ARG A 49 11.34 3.46 -3.50
N ASP A 50 10.89 2.29 -3.11
CA ASP A 50 11.63 1.06 -3.33
C ASP A 50 10.70 -0.03 -3.80
N ASP A 51 11.07 -0.66 -4.91
CA ASP A 51 10.23 -1.67 -5.55
C ASP A 51 9.89 -2.83 -4.61
N LYS A 52 10.87 -3.23 -3.80
CA LYS A 52 10.69 -4.38 -2.92
C LYS A 52 10.00 -3.98 -1.63
N LYS A 53 10.37 -2.82 -1.08
CA LYS A 53 9.77 -2.37 0.17
C LYS A 53 8.29 -2.06 0.00
N ALA A 54 7.92 -1.54 -1.17
CA ALA A 54 6.52 -1.27 -1.47
C ALA A 54 5.70 -2.54 -1.35
N ILE A 55 6.18 -3.60 -2.00
CA ILE A 55 5.54 -4.90 -1.93
C ILE A 55 5.55 -5.45 -0.51
N GLU A 56 6.70 -5.32 0.15
CA GLU A 56 6.86 -5.80 1.51
C GLU A 56 5.81 -5.18 2.43
N PHE A 57 5.67 -3.86 2.37
CA PHE A 57 4.72 -3.14 3.23
C PHE A 57 3.30 -3.60 2.95
N ALA A 58 2.98 -3.79 1.68
CA ALA A 58 1.64 -4.22 1.28
C ALA A 58 1.35 -5.63 1.82
N LYS A 59 2.33 -6.51 1.71
CA LYS A 59 2.14 -7.89 2.15
C LYS A 59 2.20 -8.01 3.66
N GLN A 60 2.87 -7.07 4.32
CA GLN A 60 2.85 -7.02 5.78
C GLN A 60 1.42 -6.79 6.26
N TRP A 61 0.72 -5.91 5.56
CA TRP A 61 -0.69 -5.66 5.84
C TRP A 61 -1.51 -6.90 5.52
N LEU A 62 -1.24 -7.51 4.37
CA LEU A 62 -1.93 -8.73 3.95
C LEU A 62 -1.77 -9.83 5.00
N SER A 63 -0.57 -9.96 5.54
CA SER A 63 -0.30 -10.97 6.55
C SER A 63 -1.00 -10.63 7.87
N SER A 64 -1.27 -9.35 8.08
CA SER A 64 -1.90 -8.90 9.31
C SER A 64 -3.42 -9.11 9.26
N ILE A 65 -3.98 -9.07 8.05
CA ILE A 65 -5.42 -9.27 7.88
C ILE A 65 -5.72 -10.74 7.57
N GLY A 66 -4.68 -11.55 7.51
CA GLY A 66 -4.86 -12.97 7.29
C GLY A 66 -5.16 -13.31 5.83
N GLU A 67 -4.75 -12.46 4.92
CA GLU A 67 -4.96 -12.72 3.50
C GLU A 67 -3.89 -13.71 3.04
N GLU A 68 -2.67 -13.22 2.87
CA GLU A 68 -1.48 -14.07 2.66
C GLU A 68 -1.58 -14.95 1.41
N GLY A 69 -2.50 -14.63 0.51
CA GLY A 69 -2.71 -15.48 -0.64
C GLY A 69 -2.34 -14.78 -1.94
N ALA A 70 -2.72 -13.52 -2.05
CA ALA A 70 -2.47 -12.74 -3.26
C ALA A 70 -0.97 -12.47 -3.44
N THR A 71 -0.43 -13.02 -4.51
CA THR A 71 0.96 -12.78 -4.87
C THR A 71 1.12 -11.37 -5.43
N VAL A 72 1.81 -10.52 -4.70
CA VAL A 72 1.98 -9.14 -5.10
C VAL A 72 3.35 -8.92 -5.72
N THR A 73 3.38 -8.66 -7.02
CA THR A 73 4.61 -8.28 -7.69
C THR A 73 4.56 -6.78 -7.99
N SER A 74 5.49 -6.30 -8.80
CA SER A 74 5.53 -4.90 -9.16
C SER A 74 4.40 -4.55 -10.13
N GLU A 75 3.74 -5.59 -10.64
CA GLU A 75 2.59 -5.41 -11.50
C GLU A 75 1.32 -5.19 -10.68
N GLU A 76 1.25 -5.84 -9.51
CA GLU A 76 0.15 -5.63 -8.59
C GLU A 76 0.34 -4.33 -7.83
N CYS A 77 1.55 -4.12 -7.34
CA CYS A 77 1.89 -2.89 -6.65
C CYS A 77 2.52 -1.92 -7.65
N ARG A 78 1.67 -1.10 -8.24
CA ARG A 78 2.09 -0.18 -9.29
C ARG A 78 2.55 1.14 -8.66
N PHE A 79 3.19 1.98 -9.45
CA PHE A 79 3.57 3.29 -8.97
C PHE A 79 2.58 4.33 -9.47
N CYS A 80 1.82 4.90 -8.55
CA CYS A 80 0.77 5.84 -8.89
C CYS A 80 1.37 7.22 -9.15
N HIS A 81 1.92 7.83 -8.09
CA HIS A 81 2.53 9.16 -8.20
C HIS A 81 3.20 9.54 -6.90
N SER A 82 3.76 10.73 -6.86
CA SER A 82 4.35 11.30 -5.65
C SER A 82 3.82 12.71 -5.44
N GLU A 83 3.36 13.00 -4.23
CA GLU A 83 2.79 14.32 -3.96
C GLU A 83 3.12 14.76 -2.53
N LYS A 84 2.82 16.01 -2.23
CA LYS A 84 3.06 16.58 -0.91
C LYS A 84 2.08 15.97 0.09
N ALA A 85 2.62 15.39 1.14
CA ALA A 85 1.84 14.64 2.10
C ALA A 85 1.10 15.53 3.09
N PRO A 86 -0.18 15.23 3.34
CA PRO A 86 -0.94 15.90 4.39
C PRO A 86 -0.54 15.38 5.77
N ASP A 87 -0.65 16.25 6.78
CA ASP A 87 -0.24 15.92 8.14
C ASP A 87 -0.94 14.66 8.66
N GLU A 88 -2.12 14.39 8.12
CA GLU A 88 -2.93 13.23 8.50
C GLU A 88 -2.12 11.93 8.41
N VAL A 89 -1.32 11.81 7.36
CA VAL A 89 -0.58 10.57 7.13
C VAL A 89 0.86 10.68 7.64
N ILE A 90 1.28 11.90 7.97
CA ILE A 90 2.65 12.15 8.41
C ILE A 90 2.97 11.37 9.68
N GLU A 91 2.09 11.48 10.66
CA GLU A 91 2.29 10.86 11.96
C GLU A 91 2.40 9.34 11.85
N ALA A 92 1.76 8.78 10.83
CA ALA A 92 1.77 7.34 10.63
C ALA A 92 3.01 6.89 9.89
N ILE A 93 3.25 7.49 8.72
CA ILE A 93 4.37 7.09 7.86
C ILE A 93 5.71 7.37 8.54
N LYS A 94 5.77 8.43 9.33
CA LYS A 94 6.99 8.80 10.02
C LYS A 94 7.25 7.85 11.19
N GLN A 95 6.25 7.06 11.56
CA GLN A 95 6.38 6.12 12.65
C GLN A 95 6.70 4.72 12.14
N ASN A 96 5.77 4.13 11.41
CA ASN A 96 5.92 2.77 10.91
C ASN A 96 6.62 2.75 9.56
N GLY A 97 6.18 3.63 8.65
CA GLY A 97 6.83 3.72 7.36
C GLY A 97 5.90 3.51 6.19
N TYR A 98 4.65 3.14 6.47
CA TYR A 98 3.69 2.89 5.40
C TYR A 98 2.26 3.16 5.87
N PHE A 99 1.55 4.00 5.13
CA PHE A 99 0.16 4.27 5.43
C PHE A 99 -0.71 3.61 4.38
N ILE A 100 -1.52 2.65 4.80
CA ILE A 100 -2.42 1.97 3.89
C ILE A 100 -3.80 2.63 3.93
N TYR A 101 -4.16 3.28 2.84
CA TYR A 101 -5.47 3.90 2.73
C TYR A 101 -6.39 3.05 1.86
N LYS A 102 -7.35 2.38 2.49
CA LYS A 102 -8.25 1.49 1.76
C LYS A 102 -9.23 2.30 0.92
N MET A 103 -8.94 2.40 -0.37
CA MET A 103 -9.81 3.12 -1.29
C MET A 103 -11.11 2.34 -1.47
N GLU A 104 -10.98 1.17 -2.08
CA GLU A 104 -12.13 0.31 -2.33
C GLU A 104 -11.67 -1.12 -2.60
N GLY A 105 -12.09 -2.03 -1.76
CA GLY A 105 -11.75 -3.42 -1.93
C GLY A 105 -12.77 -4.33 -1.28
N CYS A 106 -13.14 -4.01 -0.05
CA CYS A 106 -14.11 -4.81 0.68
C CYS A 106 -15.53 -4.41 0.29
N ASN A 107 -16.00 -4.96 -0.82
CA ASN A 107 -17.34 -4.72 -1.29
C ASN A 107 -17.84 -5.90 -2.11
N MET A 23 7.42 14.64 4.51
CA MET A 23 7.95 13.57 3.62
C MET A 23 7.15 13.51 2.32
N GLN A 24 7.61 12.70 1.37
CA GLN A 24 6.96 12.60 0.07
C GLN A 24 6.26 11.26 -0.05
N ILE A 25 4.96 11.29 -0.27
CA ILE A 25 4.19 10.07 -0.36
C ILE A 25 4.28 9.46 -1.76
N HIS A 26 5.07 8.42 -1.88
CA HIS A 26 5.07 7.60 -3.08
C HIS A 26 3.79 6.79 -3.10
N VAL A 27 2.87 7.16 -3.97
CA VAL A 27 1.58 6.51 -4.01
C VAL A 27 1.65 5.25 -4.87
N TYR A 28 1.34 4.13 -4.25
CA TYR A 28 1.31 2.86 -4.96
C TYR A 28 -0.12 2.31 -5.03
N ASP A 29 -0.71 2.39 -6.20
CA ASP A 29 -2.01 1.80 -6.44
C ASP A 29 -1.88 0.29 -6.49
N THR A 30 -2.04 -0.33 -5.34
CA THR A 30 -1.81 -1.77 -5.22
C THR A 30 -3.12 -2.54 -5.38
N TYR A 31 -3.18 -3.33 -6.44
CA TYR A 31 -4.35 -4.15 -6.72
C TYR A 31 -4.14 -5.59 -6.30
N VAL A 32 -4.65 -5.92 -5.12
CA VAL A 32 -4.53 -7.28 -4.61
C VAL A 32 -5.83 -8.05 -4.84
N LYS A 33 -5.76 -9.06 -5.69
CA LYS A 33 -6.95 -9.83 -6.04
C LYS A 33 -7.18 -10.93 -5.01
N ALA A 34 -8.39 -10.93 -4.44
CA ALA A 34 -8.75 -11.92 -3.44
C ALA A 34 -8.97 -13.29 -4.08
N LYS A 35 -9.16 -14.30 -3.25
CA LYS A 35 -9.25 -15.67 -3.72
C LYS A 35 -10.53 -15.91 -4.51
N ASP A 36 -11.66 -15.46 -3.96
CA ASP A 36 -12.95 -15.62 -4.61
C ASP A 36 -13.84 -14.40 -4.38
N GLY A 37 -13.26 -13.36 -3.81
CA GLY A 37 -14.02 -12.16 -3.53
C GLY A 37 -13.89 -11.13 -4.63
N HIS A 38 -13.22 -10.03 -4.33
CA HIS A 38 -13.05 -8.93 -5.27
C HIS A 38 -11.60 -8.45 -5.28
N VAL A 39 -11.35 -7.35 -5.98
CA VAL A 39 -10.01 -6.81 -6.07
C VAL A 39 -9.81 -5.72 -5.02
N MET A 40 -8.93 -6.00 -4.07
CA MET A 40 -8.64 -5.05 -3.02
C MET A 40 -7.58 -4.06 -3.48
N HIS A 41 -8.04 -2.88 -3.85
CA HIS A 41 -7.12 -1.82 -4.27
C HIS A 41 -7.12 -0.70 -3.26
N PHE A 42 -5.97 -0.49 -2.64
CA PHE A 42 -5.83 0.49 -1.58
C PHE A 42 -4.59 1.35 -1.82
N ASP A 43 -4.59 2.54 -1.25
CA ASP A 43 -3.50 3.50 -1.46
C ASP A 43 -2.36 3.22 -0.49
N VAL A 44 -1.23 2.79 -1.03
CA VAL A 44 -0.04 2.57 -0.22
C VAL A 44 0.87 3.79 -0.29
N PHE A 45 1.01 4.47 0.84
CA PHE A 45 1.85 5.67 0.90
C PHE A 45 3.17 5.35 1.61
N THR A 46 4.27 5.55 0.90
CA THR A 46 5.59 5.32 1.47
C THR A 46 6.54 6.44 1.08
N ASP A 47 7.48 6.77 1.95
CA ASP A 47 8.50 7.77 1.63
C ASP A 47 9.73 7.11 1.04
N VAL A 48 9.98 5.87 1.46
CA VAL A 48 11.13 5.12 1.01
C VAL A 48 11.10 4.91 -0.50
N ARG A 49 12.17 5.32 -1.17
CA ARG A 49 12.29 5.13 -2.61
C ARG A 49 12.72 3.69 -2.89
N ASP A 50 11.78 2.77 -2.87
CA ASP A 50 12.07 1.36 -3.08
C ASP A 50 10.82 0.60 -3.46
N ASP A 51 10.91 -0.23 -4.49
CA ASP A 51 9.76 -1.01 -4.95
C ASP A 51 9.50 -2.18 -4.02
N LYS A 52 10.58 -2.80 -3.54
CA LYS A 52 10.46 -3.95 -2.66
C LYS A 52 9.80 -3.54 -1.35
N LYS A 53 10.22 -2.40 -0.80
CA LYS A 53 9.65 -1.88 0.44
C LYS A 53 8.14 -1.69 0.32
N ALA A 54 7.68 -1.16 -0.81
CA ALA A 54 6.26 -0.95 -1.04
C ALA A 54 5.50 -2.27 -0.94
N ILE A 55 5.97 -3.27 -1.66
CA ILE A 55 5.37 -4.59 -1.64
C ILE A 55 5.49 -5.23 -0.25
N GLU A 56 6.67 -5.07 0.33
CA GLU A 56 6.98 -5.61 1.66
C GLU A 56 5.94 -5.13 2.67
N PHE A 57 5.75 -3.82 2.72
CA PHE A 57 4.86 -3.21 3.70
C PHE A 57 3.41 -3.58 3.43
N ALA A 58 3.05 -3.61 2.15
CA ALA A 58 1.69 -3.99 1.77
C ALA A 58 1.40 -5.42 2.17
N LYS A 59 2.35 -6.31 1.90
CA LYS A 59 2.18 -7.73 2.20
C LYS A 59 2.15 -7.98 3.70
N GLN A 60 2.91 -7.19 4.45
CA GLN A 60 2.86 -7.27 5.91
C GLN A 60 1.45 -6.98 6.42
N TRP A 61 0.79 -6.03 5.78
CA TRP A 61 -0.60 -5.72 6.11
C TRP A 61 -1.52 -6.85 5.64
N LEU A 62 -1.30 -7.29 4.42
CA LEU A 62 -2.11 -8.35 3.82
C LEU A 62 -1.98 -9.67 4.56
N SER A 63 -0.82 -9.93 5.14
CA SER A 63 -0.62 -11.14 5.92
C SER A 63 -1.27 -10.99 7.31
N SER A 64 -1.32 -9.76 7.80
CA SER A 64 -1.95 -9.49 9.09
C SER A 64 -3.45 -9.74 9.03
N ILE A 65 -4.07 -9.39 7.90
CA ILE A 65 -5.50 -9.60 7.73
C ILE A 65 -5.80 -11.05 7.33
N GLY A 66 -4.74 -11.84 7.15
CA GLY A 66 -4.90 -13.24 6.87
C GLY A 66 -5.16 -13.54 5.40
N GLU A 67 -4.49 -12.82 4.51
CA GLU A 67 -4.61 -13.08 3.08
C GLU A 67 -3.26 -13.52 2.52
N GLU A 68 -2.19 -12.92 3.05
CA GLU A 68 -0.81 -13.08 2.54
C GLU A 68 -0.57 -12.15 1.36
N GLY A 69 -1.64 -11.74 0.70
CA GLY A 69 -1.54 -10.70 -0.29
C GLY A 69 -1.41 -11.22 -1.70
N ALA A 70 -1.65 -12.51 -1.88
CA ALA A 70 -1.59 -13.12 -3.21
C ALA A 70 -0.26 -12.81 -3.90
N THR A 71 -0.28 -12.79 -5.23
CA THR A 71 0.90 -12.44 -6.00
C THR A 71 0.95 -10.93 -6.25
N VAL A 72 1.85 -10.26 -5.55
CA VAL A 72 2.02 -8.83 -5.73
C VAL A 72 3.46 -8.51 -6.13
N THR A 73 3.62 -8.10 -7.37
CA THR A 73 4.91 -7.62 -7.86
C THR A 73 4.78 -6.14 -8.20
N SER A 74 5.73 -5.61 -8.96
CA SER A 74 5.70 -4.20 -9.35
C SER A 74 4.58 -3.96 -10.37
N GLU A 75 3.93 -5.04 -10.80
CA GLU A 75 2.82 -4.95 -11.71
C GLU A 75 1.53 -4.68 -10.96
N GLU A 76 1.29 -5.45 -9.91
CA GLU A 76 0.10 -5.32 -9.09
C GLU A 76 0.18 -4.05 -8.26
N CYS A 77 1.39 -3.73 -7.81
CA CYS A 77 1.62 -2.51 -7.07
C CYS A 77 2.04 -1.41 -8.04
N ARG A 78 1.08 -0.57 -8.44
CA ARG A 78 1.33 0.44 -9.45
C ARG A 78 1.85 1.72 -8.84
N PHE A 79 3.09 2.07 -9.16
CA PHE A 79 3.62 3.35 -8.77
C PHE A 79 3.11 4.43 -9.70
N CYS A 80 2.34 5.37 -9.17
CA CYS A 80 1.78 6.43 -9.98
C CYS A 80 2.61 7.71 -9.87
N HIS A 81 2.76 8.23 -8.66
CA HIS A 81 3.50 9.47 -8.47
C HIS A 81 3.91 9.66 -7.01
N SER A 82 4.60 10.77 -6.78
CA SER A 82 5.05 11.14 -5.44
C SER A 82 4.74 12.61 -5.21
N GLU A 83 3.95 12.91 -4.19
CA GLU A 83 3.55 14.29 -3.95
C GLU A 83 3.78 14.70 -2.50
N LYS A 84 3.66 15.99 -2.24
CA LYS A 84 3.81 16.53 -0.90
C LYS A 84 2.67 16.03 -0.02
N ALA A 85 3.03 15.23 0.97
CA ALA A 85 2.06 14.52 1.78
C ALA A 85 1.27 15.45 2.71
N PRO A 86 -0.01 15.14 2.93
CA PRO A 86 -0.83 15.82 3.94
C PRO A 86 -0.29 15.57 5.33
N ASP A 87 -0.36 16.58 6.19
CA ASP A 87 0.26 16.52 7.51
C ASP A 87 -0.34 15.40 8.36
N GLU A 88 -1.58 15.03 8.05
CA GLU A 88 -2.28 13.97 8.76
C GLU A 88 -1.55 12.63 8.62
N VAL A 89 -1.12 12.30 7.40
CA VAL A 89 -0.50 10.99 7.16
C VAL A 89 0.96 10.99 7.56
N ILE A 90 1.50 12.18 7.82
CA ILE A 90 2.90 12.31 8.20
C ILE A 90 3.19 11.56 9.49
N GLU A 91 2.36 11.78 10.50
CA GLU A 91 2.57 11.16 11.80
C GLU A 91 2.28 9.66 11.75
N ALA A 92 1.46 9.26 10.79
CA ALA A 92 1.12 7.85 10.61
C ALA A 92 2.30 7.10 10.00
N ILE A 93 2.81 7.63 8.90
CA ILE A 93 3.96 7.04 8.21
C ILE A 93 5.20 7.15 9.08
N LYS A 94 5.22 8.16 9.94
CA LYS A 94 6.32 8.37 10.88
C LYS A 94 6.53 7.14 11.78
N GLN A 95 5.43 6.55 12.20
CA GLN A 95 5.49 5.46 13.17
C GLN A 95 5.60 4.10 12.49
N ASN A 96 4.82 3.91 11.43
CA ASN A 96 4.77 2.62 10.76
C ASN A 96 5.89 2.49 9.72
N GLY A 97 6.23 3.60 9.10
CA GLY A 97 7.15 3.57 7.98
C GLY A 97 6.40 3.52 6.67
N TYR A 98 5.09 3.38 6.79
CA TYR A 98 4.20 3.26 5.64
C TYR A 98 2.78 3.59 6.06
N PHE A 99 1.89 3.72 5.09
CA PHE A 99 0.48 3.95 5.38
C PHE A 99 -0.39 3.29 4.33
N ILE A 100 -1.31 2.45 4.79
CA ILE A 100 -2.30 1.84 3.91
C ILE A 100 -3.64 2.52 4.11
N TYR A 101 -4.08 3.24 3.09
CA TYR A 101 -5.41 3.83 3.13
C TYR A 101 -6.41 2.88 2.54
N LYS A 102 -7.39 2.49 3.34
CA LYS A 102 -8.46 1.61 2.87
C LYS A 102 -9.37 2.36 1.92
N MET A 103 -9.00 2.35 0.63
CA MET A 103 -9.77 3.02 -0.40
C MET A 103 -11.18 2.43 -0.49
N GLU A 104 -11.25 1.16 -0.86
CA GLU A 104 -12.52 0.45 -0.95
C GLU A 104 -12.26 -1.02 -1.21
N GLY A 105 -13.27 -1.85 -0.98
CA GLY A 105 -13.12 -3.28 -1.13
C GLY A 105 -12.27 -3.84 -0.01
N CYS A 106 -12.18 -3.10 1.07
CA CYS A 106 -11.32 -3.46 2.19
C CYS A 106 -12.14 -3.53 3.47
N ASN A 107 -11.49 -3.92 4.55
CA ASN A 107 -12.15 -3.99 5.85
C ASN A 107 -11.46 -3.07 6.84
N MET A 23 6.28 16.83 3.53
CA MET A 23 6.83 15.49 3.20
C MET A 23 6.26 15.02 1.88
N GLN A 24 7.06 14.30 1.10
CA GLN A 24 6.59 13.76 -0.15
C GLN A 24 6.04 12.35 0.07
N ILE A 25 4.87 12.08 -0.48
CA ILE A 25 4.31 10.74 -0.39
C ILE A 25 4.36 10.04 -1.73
N HIS A 26 4.94 8.85 -1.72
CA HIS A 26 4.98 8.02 -2.90
C HIS A 26 3.75 7.15 -2.92
N VAL A 27 2.83 7.47 -3.81
CA VAL A 27 1.56 6.76 -3.89
C VAL A 27 1.73 5.46 -4.65
N TYR A 28 1.79 4.35 -3.94
CA TYR A 28 1.89 3.05 -4.56
C TYR A 28 0.51 2.42 -4.72
N ASP A 29 0.02 2.42 -5.95
CA ASP A 29 -1.25 1.80 -6.28
C ASP A 29 -1.12 0.30 -6.21
N THR A 30 -1.63 -0.28 -5.14
CA THR A 30 -1.51 -1.71 -4.94
C THR A 30 -2.81 -2.42 -5.27
N TYR A 31 -2.86 -3.04 -6.43
CA TYR A 31 -4.02 -3.83 -6.82
C TYR A 31 -3.89 -5.22 -6.24
N VAL A 32 -4.67 -5.53 -5.23
CA VAL A 32 -4.63 -6.85 -4.63
C VAL A 32 -5.87 -7.62 -5.01
N LYS A 33 -5.68 -8.62 -5.85
CA LYS A 33 -6.78 -9.42 -6.34
C LYS A 33 -7.19 -10.44 -5.30
N ALA A 34 -8.28 -10.13 -4.60
CA ALA A 34 -8.82 -11.06 -3.64
C ALA A 34 -9.26 -12.32 -4.35
N LYS A 35 -9.09 -13.46 -3.70
CA LYS A 35 -9.41 -14.75 -4.29
C LYS A 35 -10.91 -14.84 -4.59
N ASP A 36 -11.67 -13.98 -3.94
CA ASP A 36 -13.09 -13.81 -4.21
C ASP A 36 -13.33 -13.33 -5.65
N GLY A 37 -12.33 -12.68 -6.21
CA GLY A 37 -12.49 -12.06 -7.50
C GLY A 37 -12.83 -10.60 -7.37
N HIS A 38 -12.14 -9.92 -6.48
CA HIS A 38 -12.40 -8.52 -6.20
C HIS A 38 -11.07 -7.78 -6.09
N VAL A 39 -10.99 -6.58 -6.65
CA VAL A 39 -9.74 -5.86 -6.68
C VAL A 39 -9.62 -4.91 -5.50
N MET A 40 -8.76 -5.27 -4.56
CA MET A 40 -8.50 -4.45 -3.39
C MET A 40 -7.46 -3.39 -3.72
N HIS A 41 -7.91 -2.16 -3.95
CA HIS A 41 -7.00 -1.07 -4.22
C HIS A 41 -6.83 -0.22 -2.96
N PHE A 42 -5.71 -0.42 -2.30
CA PHE A 42 -5.31 0.44 -1.21
C PHE A 42 -4.00 1.10 -1.60
N ASP A 43 -3.86 2.36 -1.25
CA ASP A 43 -2.68 3.11 -1.66
C ASP A 43 -1.64 3.10 -0.56
N VAL A 44 -0.49 2.55 -0.86
CA VAL A 44 0.60 2.48 0.10
C VAL A 44 1.40 3.77 0.04
N PHE A 45 1.17 4.64 1.01
CA PHE A 45 1.88 5.90 1.09
C PHE A 45 3.21 5.70 1.79
N THR A 46 4.30 5.90 1.06
CA THR A 46 5.63 5.74 1.61
C THR A 46 6.51 6.94 1.27
N ASP A 47 7.40 7.29 2.19
CA ASP A 47 8.39 8.34 1.93
C ASP A 47 9.64 7.70 1.31
N VAL A 48 9.81 6.42 1.58
CA VAL A 48 10.92 5.65 1.02
C VAL A 48 10.70 5.44 -0.47
N ARG A 49 11.77 5.47 -1.25
CA ARG A 49 11.68 5.30 -2.70
C ARG A 49 12.03 3.87 -3.11
N ASP A 50 11.63 2.91 -2.29
CA ASP A 50 11.88 1.51 -2.56
C ASP A 50 10.60 0.83 -3.00
N ASP A 51 10.61 0.28 -4.21
CA ASP A 51 9.41 -0.27 -4.81
C ASP A 51 8.99 -1.57 -4.16
N LYS A 52 9.95 -2.46 -3.93
CA LYS A 52 9.63 -3.79 -3.42
C LYS A 52 9.27 -3.73 -1.94
N LYS A 53 9.82 -2.74 -1.24
CA LYS A 53 9.45 -2.51 0.15
C LYS A 53 7.95 -2.28 0.29
N ALA A 54 7.42 -1.43 -0.58
CA ALA A 54 6.00 -1.12 -0.58
C ALA A 54 5.18 -2.39 -0.85
N ILE A 55 5.69 -3.24 -1.73
CA ILE A 55 5.06 -4.51 -2.02
C ILE A 55 5.06 -5.41 -0.78
N GLU A 56 6.21 -5.48 -0.11
CA GLU A 56 6.34 -6.29 1.09
C GLU A 56 5.43 -5.77 2.20
N PHE A 57 5.30 -4.45 2.28
CA PHE A 57 4.42 -3.84 3.27
C PHE A 57 2.97 -4.25 3.01
N ALA A 58 2.60 -4.29 1.74
CA ALA A 58 1.26 -4.72 1.35
C ALA A 58 1.04 -6.18 1.72
N LYS A 59 2.03 -7.02 1.44
CA LYS A 59 1.96 -8.43 1.76
C LYS A 59 2.00 -8.64 3.27
N GLN A 60 2.69 -7.75 3.97
CA GLN A 60 2.77 -7.80 5.42
C GLN A 60 1.41 -7.51 6.03
N TRP A 61 0.68 -6.59 5.39
CA TRP A 61 -0.69 -6.29 5.77
C TRP A 61 -1.59 -7.48 5.47
N LEU A 62 -1.36 -8.12 4.32
CA LEU A 62 -2.09 -9.32 3.95
C LEU A 62 -1.83 -10.46 4.94
N SER A 63 -0.65 -10.44 5.54
CA SER A 63 -0.27 -11.46 6.50
C SER A 63 -0.99 -11.25 7.83
N SER A 64 -1.17 -9.99 8.21
CA SER A 64 -1.80 -9.67 9.49
C SER A 64 -3.32 -9.77 9.43
N ILE A 65 -3.89 -9.66 8.23
CA ILE A 65 -5.33 -9.82 8.08
C ILE A 65 -5.69 -11.29 7.87
N GLY A 66 -4.67 -12.13 7.72
CA GLY A 66 -4.89 -13.55 7.59
C GLY A 66 -5.30 -13.96 6.19
N GLU A 67 -4.66 -13.37 5.19
CA GLU A 67 -4.93 -13.73 3.80
C GLU A 67 -3.75 -14.55 3.26
N GLU A 68 -2.67 -13.85 2.90
CA GLU A 68 -1.41 -14.48 2.50
C GLU A 68 -1.54 -15.40 1.28
N GLY A 69 -2.50 -15.11 0.41
CA GLY A 69 -2.69 -15.93 -0.77
C GLY A 69 -2.50 -15.16 -2.06
N ALA A 70 -2.99 -13.93 -2.07
CA ALA A 70 -2.90 -13.07 -3.25
C ALA A 70 -1.45 -12.79 -3.63
N THR A 71 -1.10 -13.15 -4.86
CA THR A 71 0.23 -12.89 -5.38
C THR A 71 0.38 -11.44 -5.79
N VAL A 72 1.20 -10.70 -5.03
CA VAL A 72 1.41 -9.28 -5.29
C VAL A 72 2.86 -9.03 -5.71
N THR A 73 3.03 -8.48 -6.90
CA THR A 73 4.35 -8.10 -7.39
C THR A 73 4.31 -6.69 -7.96
N SER A 74 5.30 -6.35 -8.78
CA SER A 74 5.41 -5.01 -9.37
C SER A 74 4.31 -4.74 -10.41
N GLU A 75 3.59 -5.78 -10.81
CA GLU A 75 2.48 -5.62 -11.74
C GLU A 75 1.25 -5.18 -10.96
N GLU A 76 1.03 -5.81 -9.83
CA GLU A 76 -0.09 -5.50 -8.96
C GLU A 76 0.15 -4.19 -8.21
N CYS A 77 1.34 -4.04 -7.64
CA CYS A 77 1.68 -2.83 -6.91
C CYS A 77 2.55 -1.92 -7.78
N ARG A 78 1.96 -0.81 -8.20
CA ARG A 78 2.64 0.11 -9.10
C ARG A 78 2.85 1.47 -8.43
N PHE A 79 3.67 2.30 -9.05
CA PHE A 79 3.91 3.64 -8.55
C PHE A 79 3.09 4.65 -9.35
N CYS A 80 2.23 5.39 -8.66
CA CYS A 80 1.42 6.41 -9.30
C CYS A 80 2.25 7.67 -9.51
N HIS A 81 2.57 8.35 -8.41
CA HIS A 81 3.36 9.57 -8.45
C HIS A 81 3.69 10.02 -7.04
N SER A 82 4.41 11.13 -6.95
CA SER A 82 4.74 11.73 -5.67
C SER A 82 3.95 13.02 -5.50
N GLU A 83 3.28 13.17 -4.38
CA GLU A 83 2.50 14.38 -4.12
C GLU A 83 2.76 14.90 -2.71
N LYS A 84 2.21 16.07 -2.41
CA LYS A 84 2.44 16.69 -1.11
C LYS A 84 1.52 16.05 -0.06
N ALA A 85 2.14 15.59 1.02
CA ALA A 85 1.45 14.78 2.01
C ALA A 85 0.60 15.60 2.96
N PRO A 86 -0.60 15.11 3.27
CA PRO A 86 -1.43 15.66 4.35
C PRO A 86 -0.84 15.29 5.71
N ASP A 87 -1.04 16.16 6.70
CA ASP A 87 -0.45 16.00 8.02
C ASP A 87 -0.82 14.67 8.67
N GLU A 88 -2.00 14.16 8.36
CA GLU A 88 -2.48 12.91 8.94
C GLU A 88 -1.58 11.73 8.51
N VAL A 89 -1.14 11.74 7.26
CA VAL A 89 -0.37 10.63 6.74
C VAL A 89 1.10 10.77 7.14
N ILE A 90 1.53 12.01 7.38
CA ILE A 90 2.93 12.30 7.62
C ILE A 90 3.43 11.68 8.92
N GLU A 91 2.72 11.93 10.02
CA GLU A 91 3.13 11.36 11.30
C GLU A 91 2.86 9.86 11.35
N ALA A 92 1.94 9.39 10.51
CA ALA A 92 1.64 7.98 10.43
C ALA A 92 2.77 7.21 9.74
N ILE A 93 3.23 7.77 8.62
CA ILE A 93 4.35 7.18 7.88
C ILE A 93 5.64 7.33 8.67
N LYS A 94 5.81 8.47 9.31
CA LYS A 94 6.99 8.76 10.11
C LYS A 94 7.08 7.79 11.29
N GLN A 95 5.93 7.27 11.71
CA GLN A 95 5.87 6.35 12.82
C GLN A 95 6.14 4.91 12.38
N ASN A 96 5.40 4.44 11.39
CA ASN A 96 5.43 3.03 11.01
C ASN A 96 6.35 2.76 9.83
N GLY A 97 6.66 3.80 9.06
CA GLY A 97 7.46 3.63 7.88
C GLY A 97 6.61 3.57 6.62
N TYR A 98 5.37 3.15 6.79
CA TYR A 98 4.44 3.03 5.67
C TYR A 98 3.02 3.28 6.14
N PHE A 99 2.17 3.76 5.23
CA PHE A 99 0.78 4.00 5.54
C PHE A 99 -0.12 3.23 4.56
N ILE A 100 -0.83 2.24 5.08
CA ILE A 100 -1.75 1.45 4.27
C ILE A 100 -3.13 2.08 4.29
N TYR A 101 -3.44 2.84 3.26
CA TYR A 101 -4.73 3.50 3.16
C TYR A 101 -5.67 2.69 2.29
N LYS A 102 -6.61 1.98 2.93
CA LYS A 102 -7.63 1.25 2.20
C LYS A 102 -8.56 2.23 1.50
N MET A 103 -8.36 2.36 0.21
CA MET A 103 -9.03 3.39 -0.56
C MET A 103 -10.33 2.87 -1.20
N GLU A 104 -10.23 1.76 -1.93
CA GLU A 104 -11.39 1.19 -2.60
C GLU A 104 -11.23 -0.32 -2.77
N GLY A 105 -12.34 -1.04 -2.71
CA GLY A 105 -12.31 -2.47 -2.92
C GLY A 105 -12.68 -3.24 -1.67
N CYS A 106 -12.73 -2.53 -0.55
CA CYS A 106 -13.05 -3.15 0.72
C CYS A 106 -14.56 -3.31 0.88
N ASN A 107 -14.96 -3.89 2.00
CA ASN A 107 -16.37 -4.09 2.29
C ASN A 107 -16.75 -3.40 3.58
N MET A 23 4.48 17.41 3.38
CA MET A 23 5.51 16.47 2.89
C MET A 23 4.94 15.67 1.72
N GLN A 24 5.80 15.28 0.78
CA GLN A 24 5.38 14.47 -0.35
C GLN A 24 5.40 12.99 0.00
N ILE A 25 4.48 12.23 -0.59
CA ILE A 25 4.38 10.81 -0.35
C ILE A 25 4.52 10.02 -1.64
N HIS A 26 4.96 8.77 -1.52
CA HIS A 26 5.03 7.87 -2.66
C HIS A 26 3.77 7.02 -2.69
N VAL A 27 2.90 7.28 -3.64
CA VAL A 27 1.65 6.55 -3.74
C VAL A 27 1.81 5.30 -4.60
N TYR A 28 1.70 4.15 -3.98
CA TYR A 28 1.75 2.89 -4.69
C TYR A 28 0.34 2.31 -4.83
N ASP A 29 -0.24 2.48 -6.01
CA ASP A 29 -1.55 1.95 -6.31
C ASP A 29 -1.48 0.43 -6.34
N THR A 30 -2.00 -0.21 -5.31
CA THR A 30 -1.83 -1.65 -5.17
C THR A 30 -3.11 -2.41 -5.55
N TYR A 31 -2.96 -3.35 -6.47
CA TYR A 31 -4.07 -4.20 -6.89
C TYR A 31 -3.92 -5.59 -6.26
N VAL A 32 -4.41 -5.76 -5.04
CA VAL A 32 -4.38 -7.07 -4.42
C VAL A 32 -5.70 -7.80 -4.70
N LYS A 33 -5.71 -8.52 -5.80
CA LYS A 33 -6.91 -9.18 -6.28
C LYS A 33 -7.14 -10.50 -5.57
N ALA A 34 -8.18 -10.56 -4.76
CA ALA A 34 -8.56 -11.81 -4.11
C ALA A 34 -9.05 -12.81 -5.16
N LYS A 35 -8.69 -14.06 -4.99
CA LYS A 35 -8.91 -15.07 -6.02
C LYS A 35 -10.39 -15.38 -6.18
N ASP A 36 -11.13 -15.37 -5.08
CA ASP A 36 -12.57 -15.58 -5.12
C ASP A 36 -13.28 -14.55 -4.25
N GLY A 37 -12.81 -13.32 -4.33
CA GLY A 37 -13.41 -12.26 -3.54
C GLY A 37 -13.54 -10.98 -4.33
N HIS A 38 -12.70 -10.01 -4.03
CA HIS A 38 -12.73 -8.73 -4.72
C HIS A 38 -11.32 -8.16 -4.83
N VAL A 39 -11.14 -7.19 -5.69
CA VAL A 39 -9.85 -6.53 -5.82
C VAL A 39 -9.65 -5.55 -4.67
N MET A 40 -8.72 -5.89 -3.78
CA MET A 40 -8.37 -5.02 -2.68
C MET A 40 -7.61 -3.82 -3.21
N HIS A 41 -8.33 -2.79 -3.59
CA HIS A 41 -7.70 -1.61 -4.15
C HIS A 41 -7.54 -0.56 -3.06
N PHE A 42 -6.30 -0.26 -2.75
CA PHE A 42 -5.97 0.72 -1.72
C PHE A 42 -4.67 1.41 -2.08
N ASP A 43 -4.52 2.64 -1.63
CA ASP A 43 -3.31 3.40 -1.92
C ASP A 43 -2.33 3.28 -0.76
N VAL A 44 -1.15 2.75 -1.05
CA VAL A 44 -0.11 2.63 -0.05
C VAL A 44 0.78 3.86 -0.07
N PHE A 45 0.65 4.68 0.96
CA PHE A 45 1.46 5.88 1.08
C PHE A 45 2.74 5.56 1.83
N THR A 46 3.87 5.72 1.17
CA THR A 46 5.16 5.46 1.80
C THR A 46 6.13 6.61 1.55
N ASP A 47 7.19 6.66 2.32
CA ASP A 47 8.23 7.66 2.14
C ASP A 47 9.48 7.01 1.56
N VAL A 48 9.42 5.69 1.43
CA VAL A 48 10.56 4.90 0.99
C VAL A 48 10.74 4.98 -0.52
N ARG A 49 12.00 4.93 -0.97
CA ARG A 49 12.31 5.01 -2.39
C ARG A 49 12.55 3.63 -2.98
N ASP A 50 12.04 2.62 -2.32
CA ASP A 50 12.27 1.25 -2.74
C ASP A 50 10.96 0.54 -3.03
N ASP A 51 10.85 0.03 -4.25
CA ASP A 51 9.62 -0.61 -4.71
C ASP A 51 9.28 -1.83 -3.88
N LYS A 52 10.28 -2.70 -3.64
CA LYS A 52 10.03 -3.94 -2.93
C LYS A 52 9.66 -3.67 -1.48
N LYS A 53 10.26 -2.64 -0.89
CA LYS A 53 9.90 -2.23 0.46
C LYS A 53 8.42 -1.89 0.53
N ALA A 54 7.95 -1.09 -0.42
CA ALA A 54 6.54 -0.73 -0.50
C ALA A 54 5.68 -1.97 -0.66
N ILE A 55 6.13 -2.88 -1.51
CA ILE A 55 5.47 -4.17 -1.70
C ILE A 55 5.39 -4.92 -0.38
N GLU A 56 6.52 -5.02 0.31
CA GLU A 56 6.60 -5.72 1.58
C GLU A 56 5.72 -5.05 2.64
N PHE A 57 5.59 -3.73 2.58
CA PHE A 57 4.72 -3.01 3.51
C PHE A 57 3.27 -3.46 3.34
N ALA A 58 2.83 -3.55 2.10
CA ALA A 58 1.48 -4.04 1.80
C ALA A 58 1.37 -5.52 2.15
N LYS A 59 2.43 -6.26 1.87
CA LYS A 59 2.49 -7.68 2.20
C LYS A 59 2.41 -7.92 3.70
N GLN A 60 3.13 -7.11 4.47
CA GLN A 60 3.09 -7.20 5.93
C GLN A 60 1.70 -6.89 6.45
N TRP A 61 1.00 -5.99 5.78
CA TRP A 61 -0.38 -5.69 6.11
C TRP A 61 -1.25 -6.93 5.83
N LEU A 62 -0.98 -7.58 4.69
CA LEU A 62 -1.68 -8.80 4.33
C LEU A 62 -1.35 -9.91 5.32
N SER A 63 -0.10 -9.99 5.74
CA SER A 63 0.34 -11.00 6.71
C SER A 63 -0.41 -10.87 8.02
N SER A 64 -0.58 -9.65 8.50
CA SER A 64 -1.19 -9.42 9.79
C SER A 64 -2.71 -9.64 9.74
N ILE A 65 -3.31 -9.48 8.58
CA ILE A 65 -4.75 -9.74 8.44
C ILE A 65 -5.02 -11.18 8.01
N GLY A 66 -4.09 -11.77 7.26
CA GLY A 66 -4.24 -13.15 6.85
C GLY A 66 -4.64 -13.29 5.39
N GLU A 67 -4.55 -12.19 4.65
CA GLU A 67 -4.98 -12.16 3.26
C GLU A 67 -3.79 -12.29 2.31
N GLU A 68 -2.76 -13.01 2.72
CA GLU A 68 -1.62 -13.29 1.85
C GLU A 68 -1.96 -14.38 0.84
N GLY A 69 -0.95 -14.82 0.11
CA GLY A 69 -1.18 -15.78 -0.95
C GLY A 69 -1.20 -15.11 -2.30
N ALA A 70 -1.66 -13.87 -2.31
CA ALA A 70 -1.67 -13.07 -3.52
C ALA A 70 -0.26 -12.64 -3.89
N THR A 71 0.16 -12.96 -5.10
CA THR A 71 1.51 -12.65 -5.54
C THR A 71 1.62 -11.17 -5.90
N VAL A 72 1.97 -10.37 -4.91
CA VAL A 72 2.15 -8.93 -5.13
C VAL A 72 3.52 -8.66 -5.72
N THR A 73 3.55 -8.38 -7.01
CA THR A 73 4.78 -8.05 -7.71
C THR A 73 4.73 -6.59 -8.16
N SER A 74 5.74 -6.17 -8.91
CA SER A 74 5.77 -4.84 -9.48
C SER A 74 4.74 -4.69 -10.61
N GLU A 75 4.00 -5.76 -10.85
CA GLU A 75 2.88 -5.73 -11.78
C GLU A 75 1.60 -5.40 -11.03
N GLU A 76 1.55 -5.80 -9.76
CA GLU A 76 0.37 -5.61 -8.93
C GLU A 76 0.42 -4.25 -8.24
N CYS A 77 1.63 -3.73 -8.04
CA CYS A 77 1.79 -2.42 -7.41
C CYS A 77 2.18 -1.37 -8.45
N ARG A 78 1.26 -0.45 -8.70
CA ARG A 78 1.49 0.61 -9.67
C ARG A 78 1.95 1.88 -8.98
N PHE A 79 3.25 2.13 -9.02
CA PHE A 79 3.79 3.37 -8.46
C PHE A 79 3.35 4.55 -9.31
N CYS A 80 2.49 5.39 -8.76
CA CYS A 80 1.98 6.54 -9.47
C CYS A 80 3.03 7.65 -9.53
N HIS A 81 3.33 8.21 -8.36
CA HIS A 81 4.33 9.27 -8.24
C HIS A 81 4.39 9.75 -6.79
N SER A 82 5.00 10.89 -6.57
CA SER A 82 5.01 11.51 -5.27
C SER A 82 4.19 12.81 -5.29
N GLU A 83 3.19 12.90 -4.44
CA GLU A 83 2.35 14.09 -4.37
C GLU A 83 2.33 14.65 -2.95
N LYS A 84 1.66 15.79 -2.78
CA LYS A 84 1.63 16.47 -1.49
C LYS A 84 0.67 15.78 -0.54
N ALA A 85 1.20 15.37 0.60
CA ALA A 85 0.40 14.68 1.61
C ALA A 85 0.15 15.58 2.81
N PRO A 86 -0.95 15.35 3.53
CA PRO A 86 -1.22 16.01 4.80
C PRO A 86 -0.33 15.45 5.90
N ASP A 87 0.04 16.31 6.84
CA ASP A 87 0.90 15.92 7.96
C ASP A 87 0.26 14.83 8.80
N GLU A 88 -1.07 14.73 8.69
CA GLU A 88 -1.84 13.72 9.41
C GLU A 88 -1.32 12.32 9.12
N VAL A 89 -1.10 12.02 7.84
CA VAL A 89 -0.69 10.68 7.43
C VAL A 89 0.82 10.52 7.46
N ILE A 90 1.53 11.65 7.46
CA ILE A 90 2.99 11.64 7.47
C ILE A 90 3.51 10.93 8.71
N GLU A 91 2.97 11.30 9.87
CA GLU A 91 3.37 10.71 11.13
C GLU A 91 3.12 9.20 11.14
N ALA A 92 2.06 8.77 10.48
CA ALA A 92 1.71 7.36 10.40
C ALA A 92 2.74 6.60 9.58
N ILE A 93 3.18 7.20 8.48
CA ILE A 93 4.20 6.60 7.63
C ILE A 93 5.54 6.53 8.36
N LYS A 94 5.78 7.50 9.21
CA LYS A 94 6.99 7.55 10.01
C LYS A 94 6.97 6.49 11.11
N GLN A 95 5.79 6.24 11.63
CA GLN A 95 5.62 5.29 12.72
C GLN A 95 5.52 3.85 12.20
N ASN A 96 4.56 3.61 11.32
CA ASN A 96 4.29 2.27 10.83
C ASN A 96 5.26 1.90 9.72
N GLY A 97 5.65 2.90 8.95
CA GLY A 97 6.47 2.66 7.77
C GLY A 97 5.66 2.82 6.51
N TYR A 98 4.35 2.87 6.67
CA TYR A 98 3.43 2.94 5.55
C TYR A 98 2.06 3.40 6.03
N PHE A 99 1.26 3.91 5.11
CA PHE A 99 -0.13 4.24 5.41
C PHE A 99 -1.03 3.57 4.39
N ILE A 100 -2.00 2.82 4.87
CA ILE A 100 -2.91 2.09 3.99
C ILE A 100 -4.20 2.86 3.80
N TYR A 101 -4.33 3.51 2.65
CA TYR A 101 -5.55 4.21 2.31
C TYR A 101 -6.53 3.23 1.68
N LYS A 102 -7.39 2.65 2.52
CA LYS A 102 -8.39 1.71 2.04
C LYS A 102 -9.41 2.44 1.17
N MET A 103 -9.23 2.34 -0.14
CA MET A 103 -10.11 3.03 -1.08
C MET A 103 -11.49 2.38 -1.08
N GLU A 104 -11.56 1.14 -1.53
CA GLU A 104 -12.82 0.43 -1.62
C GLU A 104 -12.59 -1.08 -1.42
N GLY A 105 -11.51 -1.39 -0.72
CA GLY A 105 -11.14 -2.79 -0.53
C GLY A 105 -11.87 -3.44 0.63
N CYS A 106 -12.85 -2.75 1.18
CA CYS A 106 -13.59 -3.25 2.34
C CYS A 106 -14.87 -3.96 1.90
N ASN A 107 -15.12 -3.98 0.60
CA ASN A 107 -16.32 -4.61 0.07
C ASN A 107 -15.97 -5.69 -0.94
N MET A 23 10.22 14.63 3.17
CA MET A 23 9.33 13.46 3.30
C MET A 23 8.29 13.48 2.20
N GLN A 24 8.37 12.50 1.31
CA GLN A 24 7.56 12.48 0.09
C GLN A 24 6.92 11.12 -0.10
N ILE A 25 5.62 11.10 -0.34
CA ILE A 25 4.89 9.85 -0.47
C ILE A 25 4.80 9.40 -1.93
N HIS A 26 5.32 8.21 -2.18
CA HIS A 26 5.14 7.57 -3.46
C HIS A 26 3.83 6.79 -3.44
N VAL A 27 2.88 7.22 -4.25
CA VAL A 27 1.55 6.61 -4.26
C VAL A 27 1.55 5.39 -5.17
N TYR A 28 1.40 4.22 -4.56
CA TYR A 28 1.31 2.97 -5.31
C TYR A 28 -0.14 2.49 -5.37
N ASP A 29 -0.67 2.46 -6.58
CA ASP A 29 -2.02 1.98 -6.82
C ASP A 29 -2.00 0.46 -6.83
N THR A 30 -2.29 -0.13 -5.68
CA THR A 30 -2.10 -1.56 -5.50
C THR A 30 -3.39 -2.33 -5.75
N TYR A 31 -3.41 -3.10 -6.82
CA TYR A 31 -4.56 -3.94 -7.15
C TYR A 31 -4.23 -5.41 -6.90
N VAL A 32 -4.77 -5.96 -5.82
CA VAL A 32 -4.57 -7.36 -5.51
C VAL A 32 -5.87 -8.12 -5.70
N LYS A 33 -5.89 -9.01 -6.68
CA LYS A 33 -7.05 -9.86 -6.91
C LYS A 33 -6.97 -11.09 -6.01
N ALA A 34 -7.76 -11.06 -4.95
CA ALA A 34 -7.70 -12.10 -3.93
C ALA A 34 -8.44 -13.36 -4.36
N LYS A 35 -8.27 -14.42 -3.58
CA LYS A 35 -8.86 -15.73 -3.88
C LYS A 35 -10.39 -15.67 -3.86
N ASP A 36 -10.92 -14.71 -3.11
CA ASP A 36 -12.36 -14.50 -3.01
C ASP A 36 -12.97 -14.05 -4.34
N GLY A 37 -12.11 -13.67 -5.29
CA GLY A 37 -12.60 -13.02 -6.48
C GLY A 37 -12.93 -11.58 -6.18
N HIS A 38 -12.23 -11.05 -5.19
CA HIS A 38 -12.44 -9.70 -4.70
C HIS A 38 -11.22 -8.85 -5.00
N VAL A 39 -11.44 -7.63 -5.41
CA VAL A 39 -10.37 -6.76 -5.82
C VAL A 39 -9.93 -5.86 -4.66
N MET A 40 -8.80 -6.19 -4.08
CA MET A 40 -8.24 -5.41 -3.00
C MET A 40 -7.36 -4.31 -3.57
N HIS A 41 -7.91 -3.11 -3.69
CA HIS A 41 -7.15 -2.01 -4.26
C HIS A 41 -7.16 -0.81 -3.34
N PHE A 42 -5.97 -0.41 -2.94
CA PHE A 42 -5.79 0.67 -1.98
C PHE A 42 -4.53 1.45 -2.32
N ASP A 43 -4.40 2.63 -1.74
CA ASP A 43 -3.26 3.50 -2.02
C ASP A 43 -2.20 3.33 -0.96
N VAL A 44 -1.05 2.81 -1.36
CA VAL A 44 0.06 2.63 -0.45
C VAL A 44 0.96 3.86 -0.49
N PHE A 45 0.87 4.68 0.55
CA PHE A 45 1.72 5.86 0.65
C PHE A 45 3.04 5.51 1.31
N THR A 46 4.11 5.59 0.55
CA THR A 46 5.43 5.25 1.06
C THR A 46 6.38 6.44 0.99
N ASP A 47 6.92 6.82 2.14
CA ASP A 47 7.96 7.85 2.21
C ASP A 47 9.30 7.24 1.87
N VAL A 48 9.44 5.96 2.20
CA VAL A 48 10.65 5.21 1.90
C VAL A 48 10.78 5.00 0.40
N ARG A 49 11.80 5.60 -0.20
CA ARG A 49 12.01 5.46 -1.62
C ARG A 49 12.68 4.12 -1.94
N ASP A 50 11.85 3.11 -2.13
CA ASP A 50 12.32 1.78 -2.49
C ASP A 50 11.16 1.00 -3.07
N ASP A 51 11.40 0.29 -4.18
CA ASP A 51 10.33 -0.37 -4.91
C ASP A 51 9.93 -1.69 -4.26
N LYS A 52 10.85 -2.33 -3.55
CA LYS A 52 10.55 -3.62 -2.93
C LYS A 52 10.00 -3.41 -1.52
N LYS A 53 10.45 -2.34 -0.88
CA LYS A 53 9.96 -1.99 0.46
C LYS A 53 8.46 -1.72 0.42
N ALA A 54 8.02 -0.99 -0.61
CA ALA A 54 6.62 -0.67 -0.77
C ALA A 54 5.78 -1.94 -0.89
N ILE A 55 6.30 -2.90 -1.64
CA ILE A 55 5.63 -4.19 -1.82
C ILE A 55 5.46 -4.90 -0.48
N GLU A 56 6.55 -4.95 0.28
CA GLU A 56 6.53 -5.64 1.57
C GLU A 56 5.61 -4.92 2.55
N PHE A 57 5.59 -3.59 2.49
CA PHE A 57 4.70 -2.80 3.35
C PHE A 57 3.24 -3.19 3.13
N ALA A 58 2.85 -3.37 1.89
CA ALA A 58 1.49 -3.77 1.56
C ALA A 58 1.21 -5.19 2.05
N LYS A 59 2.21 -6.05 1.92
CA LYS A 59 2.11 -7.42 2.38
C LYS A 59 1.97 -7.51 3.88
N GLN A 60 2.62 -6.58 4.58
CA GLN A 60 2.52 -6.50 6.03
C GLN A 60 1.06 -6.32 6.48
N TRP A 61 0.30 -5.59 5.69
CA TRP A 61 -1.12 -5.39 5.98
C TRP A 61 -1.91 -6.66 5.66
N LEU A 62 -1.52 -7.33 4.58
CA LEU A 62 -2.15 -8.59 4.20
C LEU A 62 -1.82 -9.68 5.22
N SER A 63 -0.60 -9.65 5.72
CA SER A 63 -0.14 -10.63 6.70
C SER A 63 -0.87 -10.44 8.03
N SER A 64 -1.10 -9.21 8.43
CA SER A 64 -1.75 -8.92 9.69
C SER A 64 -3.24 -9.31 9.65
N ILE A 65 -3.90 -9.05 8.52
CA ILE A 65 -5.29 -9.46 8.36
C ILE A 65 -5.39 -10.97 8.11
N GLY A 66 -4.30 -11.54 7.62
CA GLY A 66 -4.23 -12.99 7.46
C GLY A 66 -4.40 -13.45 6.02
N GLU A 67 -4.61 -12.51 5.12
CA GLU A 67 -4.86 -12.84 3.71
C GLU A 67 -3.55 -12.97 2.94
N GLU A 68 -2.45 -13.00 3.67
CA GLU A 68 -1.13 -13.19 3.07
C GLU A 68 -1.07 -14.52 2.33
N GLY A 69 -0.29 -14.56 1.26
CA GLY A 69 -0.20 -15.73 0.43
C GLY A 69 -0.47 -15.40 -1.02
N ALA A 70 -1.12 -14.26 -1.23
CA ALA A 70 -1.38 -13.77 -2.57
C ALA A 70 -0.10 -13.20 -3.17
N THR A 71 0.04 -13.33 -4.48
CA THR A 71 1.23 -12.87 -5.16
C THR A 71 1.18 -11.36 -5.35
N VAL A 72 1.95 -10.64 -4.56
CA VAL A 72 2.05 -9.19 -4.69
C VAL A 72 3.39 -8.81 -5.29
N THR A 73 3.39 -8.55 -6.59
CA THR A 73 4.58 -8.10 -7.27
C THR A 73 4.37 -6.68 -7.78
N SER A 74 5.32 -6.18 -8.56
CA SER A 74 5.23 -4.85 -9.14
C SER A 74 4.08 -4.78 -10.16
N GLU A 75 3.58 -5.95 -10.55
CA GLU A 75 2.45 -6.05 -11.45
C GLU A 75 1.16 -5.68 -10.73
N GLU A 76 1.17 -5.86 -9.41
CA GLU A 76 0.01 -5.56 -8.58
C GLU A 76 0.14 -4.15 -8.02
N CYS A 77 1.33 -3.80 -7.58
CA CYS A 77 1.60 -2.49 -7.01
C CYS A 77 2.23 -1.57 -8.07
N ARG A 78 1.40 -0.78 -8.72
CA ARG A 78 1.88 0.12 -9.77
C ARG A 78 2.03 1.53 -9.24
N PHE A 79 3.02 2.25 -9.75
CA PHE A 79 3.29 3.60 -9.28
C PHE A 79 2.39 4.61 -9.98
N CYS A 80 1.81 5.53 -9.21
CA CYS A 80 1.03 6.62 -9.76
C CYS A 80 1.84 7.91 -9.79
N HIS A 81 2.09 8.48 -8.62
CA HIS A 81 2.83 9.73 -8.52
C HIS A 81 3.34 9.96 -7.11
N SER A 82 4.08 11.04 -6.93
CA SER A 82 4.56 11.45 -5.62
C SER A 82 4.07 12.86 -5.33
N GLU A 83 3.50 13.06 -4.16
CA GLU A 83 2.90 14.35 -3.83
C GLU A 83 3.21 14.76 -2.40
N LYS A 84 2.82 15.97 -2.03
CA LYS A 84 2.97 16.46 -0.67
C LYS A 84 2.03 15.70 0.25
N ALA A 85 2.59 15.08 1.27
CA ALA A 85 1.81 14.27 2.18
C ALA A 85 1.24 15.11 3.31
N PRO A 86 -0.07 15.00 3.56
CA PRO A 86 -0.73 15.66 4.69
C PRO A 86 -0.04 15.29 6.00
N ASP A 87 0.06 16.24 6.91
CA ASP A 87 0.78 16.06 8.16
C ASP A 87 0.19 14.91 8.97
N GLU A 88 -1.07 14.58 8.70
CA GLU A 88 -1.72 13.46 9.36
C GLU A 88 -1.06 12.13 8.98
N VAL A 89 -0.90 11.90 7.68
CA VAL A 89 -0.29 10.66 7.22
C VAL A 89 1.20 10.64 7.52
N ILE A 90 1.77 11.82 7.73
CA ILE A 90 3.18 11.94 8.11
C ILE A 90 3.42 11.20 9.42
N GLU A 91 2.52 11.40 10.37
CA GLU A 91 2.63 10.77 11.68
C GLU A 91 2.37 9.27 11.59
N ALA A 92 1.49 8.89 10.67
CA ALA A 92 1.18 7.48 10.46
C ALA A 92 2.39 6.74 9.87
N ILE A 93 3.03 7.36 8.88
CA ILE A 93 4.22 6.80 8.27
C ILE A 93 5.40 6.86 9.24
N LYS A 94 5.41 7.90 10.07
CA LYS A 94 6.41 8.04 11.13
C LYS A 94 6.49 6.77 11.98
N GLN A 95 5.34 6.18 12.23
CA GLN A 95 5.24 5.02 13.11
C GLN A 95 5.44 3.71 12.35
N ASN A 96 4.75 3.57 11.21
CA ASN A 96 4.72 2.29 10.50
C ASN A 96 5.75 2.22 9.38
N GLY A 97 6.07 3.37 8.80
CA GLY A 97 6.94 3.39 7.63
C GLY A 97 6.14 3.48 6.35
N TYR A 98 4.82 3.38 6.48
CA TYR A 98 3.92 3.39 5.35
C TYR A 98 2.52 3.77 5.81
N PHE A 99 1.65 4.09 4.88
CA PHE A 99 0.25 4.35 5.18
C PHE A 99 -0.64 3.68 4.14
N ILE A 100 -1.57 2.88 4.60
CA ILE A 100 -2.50 2.19 3.72
C ILE A 100 -3.82 2.93 3.66
N TYR A 101 -4.03 3.67 2.57
CA TYR A 101 -5.29 4.36 2.35
C TYR A 101 -6.26 3.39 1.71
N LYS A 102 -7.27 2.99 2.47
CA LYS A 102 -8.20 1.96 2.04
C LYS A 102 -9.20 2.52 1.03
N MET A 103 -8.83 2.45 -0.25
CA MET A 103 -9.70 2.89 -1.33
C MET A 103 -10.93 1.98 -1.41
N GLU A 104 -10.67 0.69 -1.63
CA GLU A 104 -11.74 -0.30 -1.71
C GLU A 104 -11.15 -1.70 -1.56
N GLY A 105 -11.66 -2.44 -0.61
CA GLY A 105 -11.16 -3.78 -0.36
C GLY A 105 -11.83 -4.42 0.84
N CYS A 106 -11.76 -3.74 1.98
CA CYS A 106 -12.34 -4.25 3.22
C CYS A 106 -13.84 -4.47 3.07
N ASN A 107 -14.48 -3.59 2.30
CA ASN A 107 -15.90 -3.71 2.01
C ASN A 107 -16.09 -4.05 0.54
N MET A 23 8.34 16.56 3.17
CA MET A 23 8.44 15.16 2.72
C MET A 23 7.20 14.78 1.93
N GLN A 24 7.40 14.06 0.83
CA GLN A 24 6.30 13.72 -0.05
C GLN A 24 5.85 12.28 0.15
N ILE A 25 4.61 12.01 -0.20
CA ILE A 25 4.09 10.67 -0.19
C ILE A 25 4.19 10.06 -1.57
N HIS A 26 4.85 8.92 -1.66
CA HIS A 26 4.93 8.19 -2.90
C HIS A 26 3.74 7.25 -2.96
N VAL A 27 2.94 7.37 -4.00
CA VAL A 27 1.69 6.66 -4.10
C VAL A 27 1.85 5.36 -4.89
N TYR A 28 1.74 4.25 -4.20
CA TYR A 28 1.78 2.95 -4.84
C TYR A 28 0.40 2.31 -4.80
N ASP A 29 -0.32 2.42 -5.90
CA ASP A 29 -1.62 1.80 -6.05
C ASP A 29 -1.46 0.29 -6.00
N THR A 30 -1.84 -0.31 -4.89
CA THR A 30 -1.67 -1.73 -4.72
C THR A 30 -2.95 -2.48 -5.06
N TYR A 31 -2.88 -3.31 -6.09
CA TYR A 31 -4.01 -4.14 -6.49
C TYR A 31 -3.81 -5.56 -5.98
N VAL A 32 -4.62 -5.96 -5.02
CA VAL A 32 -4.54 -7.30 -4.46
C VAL A 32 -5.71 -8.13 -4.93
N LYS A 33 -5.40 -9.16 -5.70
CA LYS A 33 -6.41 -10.05 -6.25
C LYS A 33 -6.96 -10.99 -5.19
N ALA A 34 -7.93 -10.52 -4.42
CA ALA A 34 -8.60 -11.37 -3.44
C ALA A 34 -9.63 -12.24 -4.15
N LYS A 35 -9.22 -13.45 -4.48
CA LYS A 35 -10.03 -14.39 -5.26
C LYS A 35 -11.44 -14.61 -4.69
N ASP A 36 -11.57 -14.61 -3.38
CA ASP A 36 -12.86 -14.92 -2.75
C ASP A 36 -13.55 -13.66 -2.27
N GLY A 37 -12.89 -12.53 -2.42
CA GLY A 37 -13.44 -11.27 -1.94
C GLY A 37 -13.68 -10.31 -3.08
N HIS A 38 -12.67 -9.48 -3.35
CA HIS A 38 -12.76 -8.49 -4.41
C HIS A 38 -11.35 -7.98 -4.72
N VAL A 39 -11.12 -7.63 -5.97
CA VAL A 39 -9.84 -7.04 -6.37
C VAL A 39 -9.61 -5.76 -5.57
N MET A 40 -8.68 -5.82 -4.64
CA MET A 40 -8.44 -4.71 -3.74
C MET A 40 -7.60 -3.64 -4.40
N HIS A 41 -8.10 -2.41 -4.34
CA HIS A 41 -7.31 -1.26 -4.74
C HIS A 41 -7.19 -0.36 -3.53
N PHE A 42 -5.99 -0.26 -2.98
CA PHE A 42 -5.73 0.64 -1.88
C PHE A 42 -4.40 1.33 -2.11
N ASP A 43 -4.31 2.58 -1.67
CA ASP A 43 -3.11 3.37 -1.94
C ASP A 43 -2.17 3.33 -0.76
N VAL A 44 -0.96 2.84 -1.00
CA VAL A 44 0.06 2.81 0.02
C VAL A 44 0.90 4.08 -0.05
N PHE A 45 0.72 4.96 0.92
CA PHE A 45 1.49 6.18 0.98
C PHE A 45 2.74 5.97 1.83
N THR A 46 3.90 6.24 1.26
CA THR A 46 5.14 6.16 2.02
C THR A 46 6.18 7.12 1.45
N ASP A 47 7.13 7.54 2.28
CA ASP A 47 8.19 8.42 1.83
C ASP A 47 9.37 7.60 1.33
N VAL A 48 9.31 6.30 1.59
CA VAL A 48 10.33 5.38 1.12
C VAL A 48 9.94 4.88 -0.28
N ARG A 49 10.55 5.46 -1.29
CA ARG A 49 10.21 5.10 -2.67
C ARG A 49 11.01 3.89 -3.13
N ASP A 50 10.77 2.77 -2.47
CA ASP A 50 11.39 1.51 -2.83
C ASP A 50 10.34 0.56 -3.35
N ASP A 51 10.52 0.10 -4.57
CA ASP A 51 9.55 -0.79 -5.21
C ASP A 51 9.40 -2.07 -4.40
N LYS A 52 10.49 -2.55 -3.84
CA LYS A 52 10.48 -3.72 -2.97
C LYS A 52 9.70 -3.44 -1.69
N LYS A 53 9.90 -2.26 -1.13
CA LYS A 53 9.25 -1.89 0.13
C LYS A 53 7.74 -1.78 -0.05
N ALA A 54 7.31 -1.24 -1.19
CA ALA A 54 5.89 -1.15 -1.50
C ALA A 54 5.23 -2.52 -1.43
N ILE A 55 5.85 -3.48 -2.09
CA ILE A 55 5.38 -4.86 -2.09
C ILE A 55 5.49 -5.46 -0.68
N GLU A 56 6.62 -5.19 -0.04
CA GLU A 56 6.90 -5.71 1.29
C GLU A 56 5.84 -5.24 2.29
N PHE A 57 5.55 -3.95 2.28
CA PHE A 57 4.56 -3.37 3.19
C PHE A 57 3.18 -3.96 2.94
N ALA A 58 2.85 -4.16 1.67
CA ALA A 58 1.57 -4.77 1.30
C ALA A 58 1.46 -6.18 1.88
N LYS A 59 2.54 -6.94 1.80
CA LYS A 59 2.56 -8.29 2.33
C LYS A 59 2.55 -8.28 3.86
N GLN A 60 3.11 -7.24 4.44
CA GLN A 60 3.06 -7.06 5.89
C GLN A 60 1.62 -6.85 6.34
N TRP A 61 0.90 -6.00 5.63
CA TRP A 61 -0.49 -5.72 5.93
C TRP A 61 -1.34 -6.97 5.71
N LEU A 62 -1.11 -7.65 4.60
CA LEU A 62 -1.81 -8.90 4.30
C LEU A 62 -1.57 -9.94 5.39
N SER A 63 -0.35 -9.96 5.91
CA SER A 63 0.00 -10.89 6.98
C SER A 63 -0.83 -10.60 8.22
N SER A 64 -0.96 -9.32 8.56
CA SER A 64 -1.70 -8.89 9.74
C SER A 64 -3.19 -9.21 9.61
N ILE A 65 -3.78 -8.91 8.44
CA ILE A 65 -5.21 -9.14 8.24
C ILE A 65 -5.51 -10.62 8.06
N GLY A 66 -4.46 -11.42 7.93
CA GLY A 66 -4.63 -12.87 7.84
C GLY A 66 -4.91 -13.33 6.43
N GLU A 67 -4.33 -12.65 5.45
CA GLU A 67 -4.51 -13.03 4.05
C GLU A 67 -3.18 -13.09 3.32
N GLU A 68 -2.12 -13.42 4.06
CA GLU A 68 -0.81 -13.60 3.47
C GLU A 68 -0.85 -14.81 2.55
N GLY A 69 -0.54 -14.58 1.28
CA GLY A 69 -0.66 -15.61 0.29
C GLY A 69 -0.82 -15.03 -1.10
N ALA A 70 -1.34 -13.81 -1.15
CA ALA A 70 -1.47 -13.09 -2.40
C ALA A 70 -0.09 -12.73 -2.94
N THR A 71 0.12 -13.00 -4.21
CA THR A 71 1.41 -12.79 -4.84
C THR A 71 1.55 -11.35 -5.32
N VAL A 72 2.09 -10.49 -4.46
CA VAL A 72 2.28 -9.09 -4.80
C VAL A 72 3.55 -8.92 -5.61
N THR A 73 3.39 -8.43 -6.83
CA THR A 73 4.51 -8.26 -7.76
C THR A 73 4.45 -6.89 -8.41
N SER A 74 5.29 -6.69 -9.43
CA SER A 74 5.29 -5.44 -10.19
C SER A 74 4.00 -5.30 -11.00
N GLU A 75 3.26 -6.40 -11.12
CA GLU A 75 1.99 -6.39 -11.82
C GLU A 75 0.88 -5.88 -10.91
N GLU A 76 1.00 -6.19 -9.63
CA GLU A 76 -0.04 -5.87 -8.66
C GLU A 76 0.08 -4.41 -8.19
N CYS A 77 1.29 -4.02 -7.80
CA CYS A 77 1.52 -2.68 -7.29
C CYS A 77 1.97 -1.73 -8.41
N ARG A 78 1.30 -0.59 -8.53
CA ARG A 78 1.63 0.36 -9.57
C ARG A 78 2.04 1.70 -8.95
N PHE A 79 3.26 2.13 -9.25
CA PHE A 79 3.73 3.43 -8.79
C PHE A 79 3.30 4.51 -9.77
N CYS A 80 2.32 5.31 -9.38
CA CYS A 80 1.78 6.33 -10.26
C CYS A 80 2.50 7.65 -10.11
N HIS A 81 2.52 8.21 -8.90
CA HIS A 81 3.13 9.51 -8.69
C HIS A 81 3.50 9.73 -7.23
N SER A 82 4.06 10.90 -6.97
CA SER A 82 4.38 11.33 -5.62
C SER A 82 3.88 12.76 -5.45
N GLU A 83 3.45 13.11 -4.25
CA GLU A 83 2.89 14.44 -4.01
C GLU A 83 3.17 14.89 -2.59
N LYS A 84 2.96 16.19 -2.32
CA LYS A 84 3.18 16.72 -0.98
C LYS A 84 2.23 16.04 0.00
N ALA A 85 2.69 15.89 1.23
CA ALA A 85 1.99 15.05 2.17
C ALA A 85 1.48 15.82 3.38
N PRO A 86 0.21 15.63 3.73
CA PRO A 86 -0.36 16.15 4.96
C PRO A 86 0.34 15.55 6.17
N ASP A 87 0.59 16.37 7.18
CA ASP A 87 1.33 15.92 8.36
C ASP A 87 0.59 14.80 9.08
N GLU A 88 -0.74 14.78 8.91
CA GLU A 88 -1.58 13.73 9.49
C GLU A 88 -1.15 12.34 9.02
N VAL A 89 -0.92 12.18 7.72
CA VAL A 89 -0.52 10.88 7.19
C VAL A 89 0.95 10.62 7.50
N ILE A 90 1.71 11.70 7.62
CA ILE A 90 3.13 11.59 7.96
C ILE A 90 3.28 10.98 9.34
N GLU A 91 2.37 11.34 10.25
CA GLU A 91 2.38 10.84 11.61
C GLU A 91 2.41 9.31 11.63
N ALA A 92 1.69 8.69 10.70
CA ALA A 92 1.61 7.25 10.63
C ALA A 92 2.81 6.66 9.90
N ILE A 93 3.24 7.34 8.82
CA ILE A 93 4.35 6.87 8.01
C ILE A 93 5.64 6.77 8.82
N LYS A 94 5.88 7.74 9.68
CA LYS A 94 7.10 7.77 10.49
C LYS A 94 7.22 6.54 11.38
N GLN A 95 6.09 6.12 11.93
CA GLN A 95 6.07 5.01 12.88
C GLN A 95 5.87 3.68 12.18
N ASN A 96 4.88 3.62 11.29
CA ASN A 96 4.52 2.36 10.65
C ASN A 96 5.43 2.05 9.48
N GLY A 97 5.89 3.10 8.81
CA GLY A 97 6.68 2.93 7.61
C GLY A 97 5.82 3.02 6.35
N TYR A 98 4.51 2.99 6.56
CA TYR A 98 3.57 3.02 5.47
C TYR A 98 2.22 3.53 5.96
N PHE A 99 1.40 4.00 5.03
CA PHE A 99 0.04 4.39 5.34
C PHE A 99 -0.91 3.72 4.35
N ILE A 100 -1.67 2.76 4.85
CA ILE A 100 -2.62 2.03 4.01
C ILE A 100 -3.91 2.82 3.86
N TYR A 101 -4.01 3.55 2.76
CA TYR A 101 -5.24 4.26 2.43
C TYR A 101 -6.24 3.26 1.84
N LYS A 102 -7.15 2.80 2.68
CA LYS A 102 -8.16 1.86 2.24
C LYS A 102 -9.11 2.51 1.24
N MET A 103 -8.83 2.30 -0.03
CA MET A 103 -9.69 2.80 -1.08
C MET A 103 -10.87 1.86 -1.28
N GLU A 104 -11.97 2.38 -1.80
CA GLU A 104 -13.14 1.58 -2.12
C GLU A 104 -12.77 0.42 -3.03
N GLY A 105 -13.30 -0.75 -2.72
CA GLY A 105 -12.91 -1.96 -3.45
C GLY A 105 -12.52 -3.05 -2.49
N CYS A 106 -12.05 -2.64 -1.32
CA CYS A 106 -11.71 -3.59 -0.25
C CYS A 106 -12.81 -3.59 0.80
N ASN A 107 -13.98 -3.08 0.41
CA ASN A 107 -15.11 -2.98 1.31
C ASN A 107 -16.29 -3.75 0.73
N MET A 23 7.79 16.66 2.18
CA MET A 23 7.69 15.18 2.23
C MET A 23 6.66 14.70 1.23
N GLN A 24 7.14 14.22 0.10
CA GLN A 24 6.26 13.74 -0.97
C GLN A 24 6.16 12.22 -0.91
N ILE A 25 4.96 11.73 -0.71
CA ILE A 25 4.74 10.32 -0.50
C ILE A 25 4.77 9.54 -1.81
N HIS A 26 5.55 8.48 -1.81
CA HIS A 26 5.58 7.55 -2.93
C HIS A 26 4.41 6.60 -2.77
N VAL A 27 3.41 6.77 -3.62
CA VAL A 27 2.17 6.02 -3.48
C VAL A 27 2.16 4.80 -4.39
N TYR A 28 2.20 3.64 -3.78
CA TYR A 28 2.08 2.39 -4.52
C TYR A 28 0.67 1.83 -4.36
N ASP A 29 -0.23 2.26 -5.24
CA ASP A 29 -1.61 1.78 -5.21
C ASP A 29 -1.65 0.33 -5.69
N THR A 30 -1.71 -0.57 -4.72
CA THR A 30 -1.59 -1.98 -4.99
C THR A 30 -2.95 -2.59 -5.31
N TYR A 31 -3.11 -3.04 -6.54
CA TYR A 31 -4.36 -3.64 -6.99
C TYR A 31 -4.42 -5.11 -6.61
N VAL A 32 -4.89 -5.38 -5.40
CA VAL A 32 -4.95 -6.74 -4.88
C VAL A 32 -6.28 -7.39 -5.23
N LYS A 33 -6.26 -8.32 -6.16
CA LYS A 33 -7.46 -9.06 -6.50
C LYS A 33 -7.76 -10.05 -5.37
N ALA A 34 -8.72 -9.70 -4.53
CA ALA A 34 -9.03 -10.48 -3.33
C ALA A 34 -9.61 -11.84 -3.70
N LYS A 35 -9.69 -12.72 -2.71
CA LYS A 35 -10.18 -14.09 -2.91
C LYS A 35 -11.59 -14.09 -3.51
N ASP A 36 -12.38 -13.09 -3.14
CA ASP A 36 -13.76 -12.96 -3.61
C ASP A 36 -13.79 -12.66 -5.11
N GLY A 37 -12.70 -12.10 -5.62
CA GLY A 37 -12.65 -11.75 -7.02
C GLY A 37 -12.78 -10.25 -7.25
N HIS A 38 -13.04 -9.50 -6.18
CA HIS A 38 -13.16 -8.06 -6.30
C HIS A 38 -11.81 -7.38 -6.08
N VAL A 39 -11.62 -6.24 -6.71
CA VAL A 39 -10.33 -5.55 -6.68
C VAL A 39 -10.15 -4.75 -5.41
N MET A 40 -9.30 -5.23 -4.53
CA MET A 40 -8.95 -4.52 -3.31
C MET A 40 -7.68 -3.73 -3.52
N HIS A 41 -7.80 -2.49 -3.95
CA HIS A 41 -6.64 -1.65 -4.15
C HIS A 41 -6.61 -0.56 -3.11
N PHE A 42 -5.41 -0.13 -2.76
CA PHE A 42 -5.20 0.78 -1.67
C PHE A 42 -3.90 1.54 -1.87
N ASP A 43 -3.79 2.69 -1.24
CA ASP A 43 -2.65 3.55 -1.46
C ASP A 43 -1.60 3.32 -0.37
N VAL A 44 -0.49 2.70 -0.77
CA VAL A 44 0.63 2.51 0.13
C VAL A 44 1.47 3.78 0.16
N PHE A 45 1.33 4.54 1.24
CA PHE A 45 2.06 5.78 1.39
C PHE A 45 3.38 5.56 2.10
N THR A 46 4.48 5.86 1.43
CA THR A 46 5.78 5.86 2.08
C THR A 46 6.69 6.90 1.45
N ASP A 47 7.49 7.57 2.27
CA ASP A 47 8.43 8.57 1.78
C ASP A 47 9.74 7.91 1.40
N VAL A 48 9.92 6.68 1.88
CA VAL A 48 11.12 5.91 1.60
C VAL A 48 11.18 5.56 0.12
N ARG A 49 12.37 5.64 -0.47
CA ARG A 49 12.54 5.30 -1.87
C ARG A 49 13.04 3.87 -2.00
N ASP A 50 12.11 2.94 -2.05
CA ASP A 50 12.44 1.54 -2.26
C ASP A 50 11.20 0.77 -2.68
N ASP A 51 11.15 0.44 -3.96
CA ASP A 51 9.98 -0.22 -4.54
C ASP A 51 9.77 -1.60 -3.92
N LYS A 52 10.86 -2.31 -3.68
CA LYS A 52 10.80 -3.66 -3.14
C LYS A 52 10.35 -3.63 -1.68
N LYS A 53 10.74 -2.58 -0.98
CA LYS A 53 10.38 -2.41 0.42
C LYS A 53 8.88 -2.14 0.56
N ALA A 54 8.35 -1.34 -0.37
CA ALA A 54 6.91 -1.07 -0.40
C ALA A 54 6.14 -2.35 -0.66
N ILE A 55 6.64 -3.15 -1.60
CA ILE A 55 6.09 -4.46 -1.89
C ILE A 55 6.15 -5.35 -0.64
N GLU A 56 7.27 -5.27 0.06
CA GLU A 56 7.46 -6.01 1.31
C GLU A 56 6.35 -5.66 2.31
N PHE A 57 6.12 -4.37 2.49
CA PHE A 57 5.10 -3.90 3.43
C PHE A 57 3.71 -4.37 3.03
N ALA A 58 3.39 -4.26 1.75
CA ALA A 58 2.08 -4.64 1.24
C ALA A 58 1.76 -6.11 1.55
N LYS A 59 2.74 -6.98 1.39
CA LYS A 59 2.56 -8.40 1.66
C LYS A 59 2.28 -8.64 3.14
N GLN A 60 2.88 -7.81 3.99
CA GLN A 60 2.72 -7.95 5.43
C GLN A 60 1.32 -7.53 5.86
N TRP A 61 0.74 -6.59 5.13
CA TRP A 61 -0.62 -6.14 5.42
C TRP A 61 -1.64 -7.18 4.95
N LEU A 62 -1.43 -7.69 3.74
CA LEU A 62 -2.35 -8.67 3.14
C LEU A 62 -2.40 -9.96 3.96
N SER A 63 -1.28 -10.33 4.56
CA SER A 63 -1.23 -11.52 5.39
C SER A 63 -1.93 -11.28 6.73
N SER A 64 -1.91 -10.03 7.19
CA SER A 64 -2.53 -9.66 8.45
C SER A 64 -4.05 -9.61 8.33
N ILE A 65 -4.55 -9.16 7.18
CA ILE A 65 -5.99 -9.08 6.97
C ILE A 65 -6.57 -10.44 6.59
N GLY A 66 -5.72 -11.35 6.16
CA GLY A 66 -6.15 -12.71 5.89
C GLY A 66 -6.45 -12.95 4.41
N GLU A 67 -5.71 -12.29 3.53
CA GLU A 67 -5.89 -12.51 2.10
C GLU A 67 -4.79 -13.43 1.57
N GLU A 68 -3.61 -12.85 1.33
CA GLU A 68 -2.43 -13.60 0.88
C GLU A 68 -2.62 -14.18 -0.52
N GLY A 69 -3.78 -13.95 -1.13
CA GLY A 69 -4.07 -14.51 -2.42
C GLY A 69 -3.72 -13.57 -3.55
N ALA A 70 -2.53 -13.00 -3.46
CA ALA A 70 -2.06 -12.05 -4.45
C ALA A 70 -0.54 -12.08 -4.53
N THR A 71 -0.02 -12.22 -5.74
CA THR A 71 1.40 -12.18 -5.94
C THR A 71 1.87 -10.73 -5.96
N VAL A 72 2.19 -10.21 -4.79
CA VAL A 72 2.54 -8.81 -4.65
C VAL A 72 3.89 -8.54 -5.27
N THR A 73 3.85 -8.02 -6.48
CA THR A 73 5.05 -7.65 -7.21
C THR A 73 4.79 -6.34 -7.93
N SER A 74 5.70 -5.97 -8.83
CA SER A 74 5.56 -4.74 -9.62
C SER A 74 4.39 -4.85 -10.60
N GLU A 75 3.70 -5.97 -10.59
CA GLU A 75 2.53 -6.19 -11.41
C GLU A 75 1.29 -5.57 -10.75
N GLU A 76 1.08 -5.91 -9.48
CA GLU A 76 -0.07 -5.41 -8.74
C GLU A 76 0.29 -4.15 -7.97
N CYS A 77 1.54 -4.08 -7.53
CA CYS A 77 2.01 -2.94 -6.77
C CYS A 77 2.89 -2.05 -7.65
N ARG A 78 2.36 -0.90 -8.04
CA ARG A 78 3.06 0.01 -8.92
C ARG A 78 3.06 1.42 -8.35
N PHE A 79 3.93 2.27 -8.88
CA PHE A 79 3.95 3.67 -8.50
C PHE A 79 2.92 4.42 -9.33
N CYS A 80 1.76 4.66 -8.76
CA CYS A 80 0.66 5.25 -9.49
C CYS A 80 0.70 6.76 -9.49
N HIS A 81 0.98 7.37 -8.34
CA HIS A 81 1.00 8.83 -8.27
C HIS A 81 1.91 9.34 -7.16
N SER A 82 2.19 10.62 -7.25
CA SER A 82 2.89 11.36 -6.23
C SER A 82 1.89 12.29 -5.58
N GLU A 83 1.65 12.12 -4.30
CA GLU A 83 0.54 12.82 -3.68
C GLU A 83 1.04 13.75 -2.58
N LYS A 84 0.35 14.87 -2.41
CA LYS A 84 0.69 15.81 -1.35
C LYS A 84 0.17 15.29 -0.01
N ALA A 85 1.07 14.76 0.78
CA ALA A 85 0.72 14.11 2.03
C ALA A 85 0.27 15.12 3.09
N PRO A 86 -0.94 14.94 3.62
CA PRO A 86 -1.43 15.74 4.74
C PRO A 86 -0.70 15.38 6.03
N ASP A 87 -0.74 16.28 7.00
CA ASP A 87 -0.01 16.13 8.26
C ASP A 87 -0.35 14.81 8.96
N GLU A 88 -1.60 14.39 8.81
CA GLU A 88 -2.09 13.15 9.41
C GLU A 88 -1.23 11.96 9.02
N VAL A 89 -1.05 11.76 7.72
CA VAL A 89 -0.32 10.60 7.22
C VAL A 89 1.18 10.76 7.45
N ILE A 90 1.65 12.01 7.54
CA ILE A 90 3.05 12.30 7.83
C ILE A 90 3.43 11.64 9.15
N GLU A 91 2.58 11.83 10.16
CA GLU A 91 2.79 11.23 11.47
C GLU A 91 2.85 9.71 11.36
N ALA A 92 1.87 9.14 10.66
CA ALA A 92 1.75 7.69 10.54
C ALA A 92 2.95 7.08 9.84
N ILE A 93 3.37 7.68 8.73
CA ILE A 93 4.49 7.17 7.96
C ILE A 93 5.81 7.34 8.72
N LYS A 94 5.95 8.46 9.40
CA LYS A 94 7.15 8.72 10.20
C LYS A 94 7.26 7.72 11.34
N GLN A 95 6.12 7.27 11.84
CA GLN A 95 6.07 6.35 12.96
C GLN A 95 6.28 4.89 12.51
N ASN A 96 5.55 4.47 11.50
CA ASN A 96 5.53 3.07 11.10
C ASN A 96 6.52 2.79 9.96
N GLY A 97 6.78 3.81 9.16
CA GLY A 97 7.60 3.62 7.97
C GLY A 97 6.76 3.61 6.71
N TYR A 98 5.49 3.25 6.88
CA TYR A 98 4.54 3.19 5.78
C TYR A 98 3.12 3.36 6.30
N PHE A 99 2.22 3.80 5.44
CA PHE A 99 0.82 3.93 5.80
C PHE A 99 -0.06 3.31 4.72
N ILE A 100 -0.83 2.30 5.10
CA ILE A 100 -1.74 1.65 4.17
C ILE A 100 -3.10 2.35 4.23
N TYR A 101 -3.42 3.08 3.18
CA TYR A 101 -4.69 3.77 3.10
C TYR A 101 -5.64 3.04 2.16
N LYS A 102 -6.70 2.50 2.70
CA LYS A 102 -7.69 1.83 1.89
C LYS A 102 -8.59 2.86 1.23
N MET A 103 -8.43 3.03 -0.09
CA MET A 103 -9.25 3.98 -0.84
C MET A 103 -10.72 3.62 -0.71
N GLU A 104 -11.00 2.34 -0.90
CA GLU A 104 -12.35 1.80 -0.73
C GLU A 104 -12.27 0.29 -0.61
N GLY A 105 -13.42 -0.39 -0.62
CA GLY A 105 -13.44 -1.83 -0.46
C GLY A 105 -13.48 -2.23 0.99
N CYS A 106 -12.59 -1.66 1.78
CA CYS A 106 -12.58 -1.87 3.22
C CYS A 106 -12.41 -0.53 3.92
N ASN A 107 -12.61 -0.51 5.24
CA ASN A 107 -12.58 0.73 5.99
C ASN A 107 -11.39 0.74 6.94
N MET A 23 7.10 16.50 2.98
CA MET A 23 7.50 15.10 2.69
C MET A 23 6.77 14.59 1.46
N GLN A 24 7.50 14.05 0.52
CA GLN A 24 6.91 13.50 -0.70
C GLN A 24 6.50 12.06 -0.48
N ILE A 25 5.20 11.80 -0.57
CA ILE A 25 4.69 10.45 -0.40
C ILE A 25 4.65 9.72 -1.73
N HIS A 26 5.13 8.50 -1.72
CA HIS A 26 5.13 7.66 -2.89
C HIS A 26 3.83 6.87 -2.91
N VAL A 27 2.93 7.25 -3.81
CA VAL A 27 1.60 6.66 -3.86
C VAL A 27 1.60 5.42 -4.75
N TYR A 28 1.54 4.25 -4.11
CA TYR A 28 1.46 3.00 -4.84
C TYR A 28 0.03 2.50 -4.86
N ASP A 29 -0.62 2.64 -6.00
CA ASP A 29 -1.99 2.18 -6.17
C ASP A 29 -1.97 0.67 -6.34
N THR A 30 -2.21 -0.04 -5.25
CA THR A 30 -1.97 -1.47 -5.22
C THR A 30 -3.22 -2.27 -5.57
N TYR A 31 -3.09 -3.12 -6.60
CA TYR A 31 -4.17 -4.01 -6.99
C TYR A 31 -3.90 -5.43 -6.52
N VAL A 32 -4.57 -5.83 -5.45
CA VAL A 32 -4.45 -7.19 -4.95
C VAL A 32 -5.80 -7.90 -5.07
N LYS A 33 -5.88 -8.84 -5.98
CA LYS A 33 -7.13 -9.56 -6.18
C LYS A 33 -7.19 -10.79 -5.30
N ALA A 34 -8.26 -10.91 -4.52
CA ALA A 34 -8.50 -12.11 -3.76
C ALA A 34 -8.93 -13.22 -4.72
N LYS A 35 -8.46 -14.43 -4.46
CA LYS A 35 -8.71 -15.55 -5.36
C LYS A 35 -10.19 -15.83 -5.50
N ASP A 36 -10.90 -15.82 -4.39
CA ASP A 36 -12.32 -16.13 -4.40
C ASP A 36 -13.13 -15.01 -3.77
N GLY A 37 -12.73 -13.78 -4.00
CA GLY A 37 -13.46 -12.65 -3.48
C GLY A 37 -13.45 -11.47 -4.42
N HIS A 38 -12.90 -10.36 -3.95
CA HIS A 38 -12.90 -9.12 -4.70
C HIS A 38 -11.49 -8.63 -4.97
N VAL A 39 -11.37 -7.60 -5.79
CA VAL A 39 -10.08 -6.99 -6.05
C VAL A 39 -9.86 -5.83 -5.10
N MET A 40 -8.88 -5.97 -4.22
CA MET A 40 -8.61 -4.97 -3.21
C MET A 40 -7.83 -3.82 -3.81
N HIS A 41 -8.47 -2.67 -3.87
CA HIS A 41 -7.85 -1.45 -4.38
C HIS A 41 -7.46 -0.57 -3.22
N PHE A 42 -6.20 -0.56 -2.87
CA PHE A 42 -5.72 0.27 -1.78
C PHE A 42 -4.43 0.96 -2.15
N ASP A 43 -4.36 2.24 -1.87
CA ASP A 43 -3.17 3.01 -2.18
C ASP A 43 -2.27 3.11 -0.97
N VAL A 44 -1.00 2.78 -1.18
CA VAL A 44 -0.02 2.74 -0.12
C VAL A 44 0.82 4.01 -0.11
N PHE A 45 0.70 4.79 0.96
CA PHE A 45 1.50 5.99 1.13
C PHE A 45 2.81 5.63 1.82
N THR A 46 3.92 5.81 1.12
CA THR A 46 5.23 5.54 1.71
C THR A 46 6.15 6.75 1.57
N ASP A 47 7.04 6.92 2.53
CA ASP A 47 8.04 7.98 2.48
C ASP A 47 9.33 7.47 1.85
N VAL A 48 9.72 6.27 2.24
CA VAL A 48 10.95 5.66 1.75
C VAL A 48 10.94 5.53 0.24
N ARG A 49 11.98 6.05 -0.40
CA ARG A 49 12.15 5.91 -1.83
C ARG A 49 12.60 4.50 -2.17
N ASP A 50 11.63 3.62 -2.37
CA ASP A 50 11.90 2.22 -2.69
C ASP A 50 10.62 1.53 -3.13
N ASP A 51 10.72 0.73 -4.18
CA ASP A 51 9.56 0.00 -4.70
C ASP A 51 9.42 -1.37 -4.03
N LYS A 52 10.56 -1.97 -3.68
CA LYS A 52 10.57 -3.28 -3.06
C LYS A 52 9.89 -3.23 -1.70
N LYS A 53 10.22 -2.19 -0.93
CA LYS A 53 9.68 -2.04 0.40
C LYS A 53 8.18 -1.78 0.37
N ALA A 54 7.71 -1.20 -0.72
CA ALA A 54 6.27 -1.02 -0.93
C ALA A 54 5.60 -2.39 -1.01
N ILE A 55 6.23 -3.30 -1.74
CA ILE A 55 5.77 -4.68 -1.84
C ILE A 55 5.80 -5.34 -0.46
N GLU A 56 6.90 -5.11 0.26
CA GLU A 56 7.09 -5.67 1.59
C GLU A 56 5.95 -5.23 2.51
N PHE A 57 5.63 -3.94 2.48
CA PHE A 57 4.59 -3.39 3.35
C PHE A 57 3.23 -3.97 2.99
N ALA A 58 2.96 -4.07 1.69
CA ALA A 58 1.70 -4.61 1.21
C ALA A 58 1.51 -6.04 1.69
N LYS A 59 2.54 -6.87 1.53
CA LYS A 59 2.46 -8.26 1.94
C LYS A 59 2.35 -8.40 3.45
N GLN A 60 3.08 -7.55 4.19
CA GLN A 60 3.01 -7.56 5.65
C GLN A 60 1.59 -7.26 6.11
N TRP A 61 0.97 -6.25 5.50
CA TRP A 61 -0.40 -5.87 5.83
C TRP A 61 -1.36 -7.00 5.47
N LEU A 62 -1.21 -7.56 4.29
CA LEU A 62 -2.04 -8.67 3.85
C LEU A 62 -1.91 -9.85 4.81
N SER A 63 -0.68 -10.14 5.23
CA SER A 63 -0.43 -11.22 6.18
C SER A 63 -1.08 -10.91 7.53
N SER A 64 -1.09 -9.64 7.89
CA SER A 64 -1.67 -9.22 9.16
C SER A 64 -3.19 -9.41 9.14
N ILE A 65 -3.82 -9.08 8.01
CA ILE A 65 -5.27 -9.18 7.90
C ILE A 65 -5.72 -10.57 7.46
N GLY A 66 -4.77 -11.41 7.07
CA GLY A 66 -5.09 -12.79 6.73
C GLY A 66 -5.25 -13.02 5.24
N GLU A 67 -5.02 -11.98 4.45
CA GLU A 67 -5.16 -12.07 3.01
C GLU A 67 -3.80 -12.37 2.35
N GLU A 68 -3.02 -13.19 3.03
CA GLU A 68 -1.68 -13.56 2.55
C GLU A 68 -1.75 -14.70 1.54
N GLY A 69 -2.91 -14.90 0.95
CA GLY A 69 -3.09 -15.93 -0.05
C GLY A 69 -3.23 -15.35 -1.44
N ALA A 70 -2.47 -14.31 -1.71
CA ALA A 70 -2.51 -13.64 -3.01
C ALA A 70 -1.09 -13.38 -3.51
N THR A 71 -0.97 -13.03 -4.78
CA THR A 71 0.34 -12.80 -5.37
C THR A 71 0.59 -11.30 -5.56
N VAL A 72 1.63 -10.79 -4.91
CA VAL A 72 1.98 -9.38 -5.02
C VAL A 72 3.38 -9.24 -5.59
N THR A 73 3.46 -8.84 -6.86
CA THR A 73 4.73 -8.54 -7.49
C THR A 73 4.81 -7.04 -7.78
N SER A 74 5.88 -6.62 -8.46
CA SER A 74 6.10 -5.21 -8.77
C SER A 74 5.07 -4.69 -9.79
N GLU A 75 4.23 -5.57 -10.30
CA GLU A 75 3.20 -5.19 -11.25
C GLU A 75 1.93 -4.77 -10.51
N GLU A 76 1.59 -5.52 -9.47
CA GLU A 76 0.40 -5.25 -8.67
C GLU A 76 0.54 -3.94 -7.91
N CYS A 77 1.75 -3.67 -7.44
CA CYS A 77 2.03 -2.42 -6.75
C CYS A 77 2.57 -1.39 -7.76
N ARG A 78 1.68 -0.59 -8.30
CA ARG A 78 2.05 0.35 -9.34
C ARG A 78 2.20 1.77 -8.79
N PHE A 79 3.37 2.35 -9.00
CA PHE A 79 3.65 3.70 -8.56
C PHE A 79 3.02 4.69 -9.54
N CYS A 80 1.93 5.32 -9.11
CA CYS A 80 1.22 6.25 -9.97
C CYS A 80 1.85 7.64 -9.90
N HIS A 81 2.02 8.16 -8.70
CA HIS A 81 2.61 9.48 -8.55
C HIS A 81 3.17 9.68 -7.15
N SER A 82 3.78 10.83 -6.95
CA SER A 82 4.31 11.22 -5.66
C SER A 82 4.00 12.70 -5.43
N GLU A 83 3.47 13.03 -4.27
CA GLU A 83 3.08 14.40 -3.98
C GLU A 83 3.43 14.78 -2.56
N LYS A 84 3.16 16.03 -2.21
CA LYS A 84 3.40 16.51 -0.85
C LYS A 84 2.39 15.90 0.11
N ALA A 85 2.88 15.28 1.14
CA ALA A 85 2.05 14.54 2.07
C ALA A 85 1.29 15.46 3.02
N PRO A 86 0.02 15.12 3.29
CA PRO A 86 -0.76 15.76 4.36
C PRO A 86 -0.05 15.60 5.70
N ASP A 87 -0.17 16.61 6.55
CA ASP A 87 0.67 16.71 7.75
C ASP A 87 0.47 15.56 8.72
N GLU A 88 -0.75 15.02 8.80
CA GLU A 88 -1.05 13.97 9.77
C GLU A 88 -0.57 12.61 9.28
N VAL A 89 -0.51 12.42 7.96
CA VAL A 89 -0.12 11.13 7.41
C VAL A 89 1.39 10.94 7.52
N ILE A 90 2.10 12.06 7.58
CA ILE A 90 3.55 12.06 7.62
C ILE A 90 4.07 11.36 8.87
N GLU A 91 3.55 11.75 10.02
CA GLU A 91 3.95 11.13 11.28
C GLU A 91 3.44 9.69 11.34
N ALA A 92 2.27 9.45 10.74
CA ALA A 92 1.69 8.11 10.71
C ALA A 92 2.60 7.14 9.95
N ILE A 93 3.18 7.61 8.85
CA ILE A 93 4.10 6.80 8.05
C ILE A 93 5.43 6.61 8.78
N LYS A 94 5.79 7.56 9.63
CA LYS A 94 6.99 7.44 10.43
C LYS A 94 6.78 6.44 11.57
N GLN A 95 5.57 6.44 12.10
CA GLN A 95 5.20 5.57 13.21
C GLN A 95 4.94 4.14 12.75
N ASN A 96 4.08 4.00 11.75
CA ASN A 96 3.66 2.67 11.28
C ASN A 96 4.61 2.13 10.23
N GLY A 97 5.32 3.03 9.57
CA GLY A 97 6.21 2.64 8.49
C GLY A 97 5.53 2.82 7.13
N TYR A 98 4.22 2.71 7.14
CA TYR A 98 3.42 2.79 5.93
C TYR A 98 2.00 3.22 6.27
N PHE A 99 1.32 3.87 5.34
CA PHE A 99 -0.08 4.23 5.53
C PHE A 99 -0.92 3.57 4.45
N ILE A 100 -1.85 2.72 4.85
CA ILE A 100 -2.71 2.01 3.92
C ILE A 100 -4.10 2.64 3.88
N TYR A 101 -4.47 3.17 2.74
CA TYR A 101 -5.81 3.70 2.56
C TYR A 101 -6.64 2.72 1.74
N LYS A 102 -7.79 2.33 2.28
CA LYS A 102 -8.66 1.40 1.57
C LYS A 102 -9.54 2.16 0.59
N MET A 103 -9.10 2.21 -0.66
CA MET A 103 -9.80 2.97 -1.69
C MET A 103 -11.09 2.26 -2.11
N GLU A 104 -10.93 1.09 -2.71
CA GLU A 104 -12.06 0.31 -3.23
C GLU A 104 -11.81 -1.18 -3.04
N GLY A 105 -12.83 -1.99 -3.25
CA GLY A 105 -12.68 -3.43 -3.07
C GLY A 105 -12.30 -3.78 -1.65
N CYS A 106 -12.70 -2.95 -0.71
CA CYS A 106 -12.37 -3.15 0.69
C CYS A 106 -13.63 -3.00 1.55
N ASN A 107 -14.70 -2.55 0.93
CA ASN A 107 -15.97 -2.38 1.62
C ASN A 107 -17.06 -3.11 0.85
N MET A 23 8.27 16.75 3.23
CA MET A 23 8.04 15.30 3.03
C MET A 23 7.11 15.06 1.84
N GLN A 24 7.33 13.95 1.15
CA GLN A 24 6.49 13.57 0.03
C GLN A 24 6.05 12.13 0.18
N ILE A 25 4.88 11.79 -0.35
CA ILE A 25 4.40 10.42 -0.29
C ILE A 25 4.46 9.76 -1.64
N HIS A 26 4.99 8.55 -1.68
CA HIS A 26 5.00 7.75 -2.89
C HIS A 26 3.81 6.82 -2.88
N VAL A 27 2.85 7.10 -3.73
CA VAL A 27 1.60 6.35 -3.76
C VAL A 27 1.74 5.12 -4.64
N TYR A 28 1.77 3.96 -3.99
CA TYR A 28 1.79 2.69 -4.70
C TYR A 28 0.41 2.07 -4.69
N ASP A 29 -0.32 2.21 -5.79
CA ASP A 29 -1.64 1.62 -5.90
C ASP A 29 -1.49 0.11 -6.05
N THR A 30 -1.82 -0.61 -5.01
CA THR A 30 -1.65 -2.04 -4.99
C THR A 30 -2.95 -2.74 -5.34
N TYR A 31 -3.04 -3.25 -6.57
CA TYR A 31 -4.23 -3.94 -7.02
C TYR A 31 -4.19 -5.38 -6.54
N VAL A 32 -4.96 -5.68 -5.51
CA VAL A 32 -5.03 -7.02 -4.97
C VAL A 32 -6.38 -7.64 -5.27
N LYS A 33 -6.39 -8.66 -6.10
CA LYS A 33 -7.61 -9.39 -6.37
C LYS A 33 -7.96 -10.25 -5.16
N ALA A 34 -8.84 -9.73 -4.31
CA ALA A 34 -9.19 -10.37 -3.06
C ALA A 34 -9.81 -11.74 -3.30
N LYS A 35 -9.65 -12.63 -2.33
CA LYS A 35 -10.11 -14.00 -2.45
C LYS A 35 -11.64 -14.05 -2.48
N ASP A 36 -12.25 -13.03 -1.89
CA ASP A 36 -13.70 -12.87 -1.94
C ASP A 36 -14.17 -12.66 -3.38
N GLY A 37 -13.31 -12.08 -4.19
CA GLY A 37 -13.65 -11.84 -5.59
C GLY A 37 -13.90 -10.38 -5.89
N HIS A 38 -13.08 -9.51 -5.32
CA HIS A 38 -13.21 -8.07 -5.54
C HIS A 38 -11.83 -7.48 -5.80
N VAL A 39 -11.77 -6.45 -6.63
CA VAL A 39 -10.51 -5.78 -6.92
C VAL A 39 -10.17 -4.85 -5.75
N MET A 40 -9.53 -5.42 -4.75
CA MET A 40 -9.19 -4.70 -3.54
C MET A 40 -7.86 -3.99 -3.72
N HIS A 41 -7.91 -2.76 -4.19
CA HIS A 41 -6.70 -1.98 -4.38
C HIS A 41 -6.69 -0.80 -3.43
N PHE A 42 -5.55 -0.57 -2.81
CA PHE A 42 -5.44 0.45 -1.78
C PHE A 42 -4.22 1.32 -2.01
N ASP A 43 -4.13 2.40 -1.26
CA ASP A 43 -3.03 3.35 -1.41
C ASP A 43 -1.94 3.05 -0.39
N VAL A 44 -0.78 2.61 -0.88
CA VAL A 44 0.37 2.41 -0.02
C VAL A 44 1.20 3.69 0.03
N PHE A 45 1.02 4.44 1.09
CA PHE A 45 1.75 5.69 1.25
C PHE A 45 3.09 5.42 1.92
N THR A 46 4.16 5.55 1.14
CA THR A 46 5.50 5.33 1.66
C THR A 46 6.42 6.51 1.35
N ASP A 47 7.23 6.90 2.31
CA ASP A 47 8.22 7.97 2.10
C ASP A 47 9.58 7.34 1.87
N VAL A 48 9.67 6.03 2.12
CA VAL A 48 10.91 5.29 1.99
C VAL A 48 11.47 5.39 0.56
N ARG A 49 10.58 5.56 -0.41
CA ARG A 49 10.95 5.76 -1.81
C ARG A 49 11.56 4.48 -2.39
N ASP A 50 11.22 3.36 -1.78
CA ASP A 50 11.75 2.06 -2.19
C ASP A 50 10.62 1.18 -2.72
N ASP A 51 10.76 0.76 -3.97
CA ASP A 51 9.72 -0.02 -4.64
C ASP A 51 9.50 -1.36 -3.95
N LYS A 52 10.60 -2.05 -3.67
CA LYS A 52 10.55 -3.36 -3.04
C LYS A 52 10.02 -3.27 -1.62
N LYS A 53 10.41 -2.22 -0.91
CA LYS A 53 9.99 -2.02 0.47
C LYS A 53 8.49 -1.74 0.55
N ALA A 54 7.98 -0.96 -0.37
CA ALA A 54 6.55 -0.66 -0.43
C ALA A 54 5.75 -1.94 -0.63
N ILE A 55 6.20 -2.77 -1.56
CA ILE A 55 5.56 -4.06 -1.83
C ILE A 55 5.72 -4.99 -0.63
N GLU A 56 6.88 -4.93 0.00
CA GLU A 56 7.17 -5.74 1.18
C GLU A 56 6.17 -5.44 2.29
N PHE A 57 5.85 -4.16 2.48
CA PHE A 57 4.87 -3.75 3.47
C PHE A 57 3.48 -4.20 3.06
N ALA A 58 3.19 -4.14 1.78
CA ALA A 58 1.89 -4.57 1.26
C ALA A 58 1.69 -6.06 1.51
N LYS A 59 2.73 -6.85 1.30
CA LYS A 59 2.67 -8.29 1.51
C LYS A 59 2.36 -8.62 2.97
N GLN A 60 3.10 -8.01 3.89
CA GLN A 60 2.93 -8.30 5.31
C GLN A 60 1.59 -7.79 5.83
N TRP A 61 1.01 -6.83 5.13
CA TRP A 61 -0.31 -6.33 5.49
C TRP A 61 -1.38 -7.31 5.04
N LEU A 62 -1.20 -7.87 3.85
CA LEU A 62 -2.15 -8.84 3.30
C LEU A 62 -2.16 -10.12 4.11
N SER A 63 -0.98 -10.60 4.47
CA SER A 63 -0.88 -11.82 5.28
C SER A 63 -1.36 -11.55 6.70
N SER A 64 -1.32 -10.28 7.10
CA SER A 64 -1.79 -9.86 8.41
C SER A 64 -3.32 -9.92 8.48
N ILE A 65 -3.99 -9.59 7.39
CA ILE A 65 -5.45 -9.60 7.36
C ILE A 65 -5.99 -10.94 6.86
N GLY A 66 -5.15 -11.71 6.18
CA GLY A 66 -5.54 -13.04 5.77
C GLY A 66 -5.81 -13.16 4.28
N GLU A 67 -5.71 -12.03 3.57
CA GLU A 67 -5.94 -12.03 2.13
C GLU A 67 -4.64 -12.25 1.37
N GLU A 68 -4.04 -13.41 1.60
CA GLU A 68 -2.80 -13.78 0.94
C GLU A 68 -3.13 -14.59 -0.32
N GLY A 69 -4.13 -14.13 -1.07
CA GLY A 69 -4.53 -14.81 -2.28
C GLY A 69 -4.08 -14.07 -3.52
N ALA A 70 -2.91 -13.44 -3.41
CA ALA A 70 -2.37 -12.67 -4.52
C ALA A 70 -0.86 -12.60 -4.44
N THR A 71 -0.21 -12.92 -5.55
CA THR A 71 1.23 -12.77 -5.67
C THR A 71 1.55 -11.30 -5.98
N VAL A 72 1.94 -10.57 -4.95
CA VAL A 72 2.13 -9.13 -5.09
C VAL A 72 3.52 -8.82 -5.66
N THR A 73 3.54 -8.43 -6.91
CA THR A 73 4.75 -7.98 -7.56
C THR A 73 4.62 -6.51 -7.94
N SER A 74 5.61 -5.96 -8.63
CA SER A 74 5.54 -4.58 -9.08
C SER A 74 4.48 -4.42 -10.17
N GLU A 75 3.98 -5.55 -10.67
CA GLU A 75 2.89 -5.54 -11.62
C GLU A 75 1.57 -5.32 -10.89
N GLU A 76 1.48 -5.81 -9.66
CA GLU A 76 0.29 -5.65 -8.85
C GLU A 76 0.34 -4.33 -8.07
N CYS A 77 1.47 -4.10 -7.43
CA CYS A 77 1.70 -2.87 -6.70
C CYS A 77 2.44 -1.89 -7.59
N ARG A 78 1.69 -0.98 -8.22
CA ARG A 78 2.26 -0.08 -9.20
C ARG A 78 2.38 1.34 -8.67
N PHE A 79 3.62 1.82 -8.60
CA PHE A 79 3.88 3.20 -8.23
C PHE A 79 3.19 4.14 -9.20
N CYS A 80 2.34 5.00 -8.67
CA CYS A 80 1.59 5.92 -9.50
C CYS A 80 2.23 7.30 -9.52
N HIS A 81 2.41 7.90 -8.34
CA HIS A 81 2.93 9.26 -8.25
C HIS A 81 3.40 9.59 -6.84
N SER A 82 4.12 10.69 -6.75
CA SER A 82 4.56 11.25 -5.48
C SER A 82 4.06 12.68 -5.35
N GLU A 83 3.45 13.01 -4.22
CA GLU A 83 2.89 14.34 -4.04
C GLU A 83 2.74 14.69 -2.56
N LYS A 84 2.01 15.78 -2.29
CA LYS A 84 1.84 16.30 -0.95
C LYS A 84 0.94 15.39 -0.11
N ALA A 85 1.16 15.39 1.20
CA ALA A 85 0.41 14.55 2.10
C ALA A 85 -0.13 15.36 3.29
N PRO A 86 -1.33 14.99 3.78
CA PRO A 86 -1.92 15.63 4.96
C PRO A 86 -1.11 15.38 6.24
N ASP A 87 -1.24 16.30 7.19
CA ASP A 87 -0.47 16.26 8.45
C ASP A 87 -0.54 14.90 9.14
N GLU A 88 -1.73 14.30 9.14
CA GLU A 88 -1.97 13.04 9.84
C GLU A 88 -1.02 11.94 9.36
N VAL A 89 -1.02 11.69 8.06
CA VAL A 89 -0.22 10.60 7.50
C VAL A 89 1.27 10.90 7.60
N ILE A 90 1.62 12.18 7.64
CA ILE A 90 3.02 12.59 7.75
C ILE A 90 3.70 11.93 8.95
N GLU A 91 3.13 12.15 10.12
CA GLU A 91 3.71 11.62 11.35
C GLU A 91 3.61 10.10 11.38
N ALA A 92 2.50 9.58 10.87
CA ALA A 92 2.26 8.14 10.88
C ALA A 92 3.27 7.41 10.00
N ILE A 93 3.48 7.88 8.77
CA ILE A 93 4.38 7.20 7.84
C ILE A 93 5.82 7.24 8.35
N LYS A 94 6.21 8.35 8.97
CA LYS A 94 7.56 8.49 9.49
C LYS A 94 7.80 7.58 10.69
N GLN A 95 6.71 7.13 11.30
CA GLN A 95 6.79 6.26 12.46
C GLN A 95 6.58 4.80 12.04
N ASN A 96 5.52 4.56 11.28
CA ASN A 96 5.12 3.20 10.91
C ASN A 96 5.96 2.69 9.75
N GLY A 97 6.44 3.61 8.93
CA GLY A 97 7.18 3.24 7.74
C GLY A 97 6.30 3.28 6.50
N TYR A 98 5.00 3.16 6.72
CA TYR A 98 4.03 3.13 5.64
C TYR A 98 2.63 3.40 6.18
N PHE A 99 1.76 3.89 5.33
CA PHE A 99 0.36 4.09 5.68
C PHE A 99 -0.53 3.43 4.64
N ILE A 100 -1.43 2.57 5.09
CA ILE A 100 -2.31 1.86 4.18
C ILE A 100 -3.72 2.41 4.25
N TYR A 101 -4.18 3.02 3.17
CA TYR A 101 -5.55 3.47 3.09
C TYR A 101 -6.30 2.61 2.08
N LYS A 102 -7.38 1.97 2.53
CA LYS A 102 -8.19 1.13 1.66
C LYS A 102 -9.03 1.99 0.75
N MET A 103 -8.67 2.06 -0.52
CA MET A 103 -9.44 2.83 -1.49
C MET A 103 -10.74 2.08 -1.82
N GLU A 104 -10.60 1.03 -2.62
CA GLU A 104 -11.70 0.11 -2.87
C GLU A 104 -11.31 -1.27 -2.37
N GLY A 105 -11.73 -1.60 -1.16
CA GLY A 105 -11.36 -2.87 -0.57
C GLY A 105 -12.05 -3.12 0.75
N CYS A 106 -13.36 -3.04 0.74
CA CYS A 106 -14.17 -3.25 1.93
C CYS A 106 -15.64 -3.27 1.54
N ASN A 107 -16.04 -2.27 0.78
CA ASN A 107 -17.37 -2.20 0.19
C ASN A 107 -17.25 -1.65 -1.22
N MET A 23 7.11 16.46 3.15
CA MET A 23 7.52 15.09 2.80
C MET A 23 6.82 14.62 1.54
N GLN A 24 7.52 13.85 0.73
CA GLN A 24 6.95 13.30 -0.50
C GLN A 24 6.44 11.89 -0.25
N ILE A 25 5.17 11.66 -0.55
CA ILE A 25 4.60 10.33 -0.42
C ILE A 25 4.68 9.57 -1.74
N HIS A 26 5.29 8.41 -1.67
CA HIS A 26 5.40 7.53 -2.82
C HIS A 26 4.11 6.73 -2.91
N VAL A 27 3.27 7.07 -3.88
CA VAL A 27 1.95 6.47 -4.01
C VAL A 27 2.02 5.15 -4.77
N TYR A 28 1.86 4.06 -4.05
CA TYR A 28 1.82 2.74 -4.65
C TYR A 28 0.39 2.21 -4.67
N ASP A 29 -0.26 2.37 -5.82
CA ASP A 29 -1.63 1.90 -6.01
C ASP A 29 -1.65 0.38 -6.10
N THR A 30 -2.14 -0.25 -5.04
CA THR A 30 -2.04 -1.69 -4.91
C THR A 30 -3.41 -2.36 -5.05
N TYR A 31 -3.66 -2.94 -6.21
CA TYR A 31 -4.91 -3.66 -6.45
C TYR A 31 -4.71 -5.15 -6.23
N VAL A 32 -4.96 -5.60 -5.01
CA VAL A 32 -4.77 -6.99 -4.66
C VAL A 32 -6.02 -7.81 -5.00
N LYS A 33 -5.93 -8.59 -6.06
CA LYS A 33 -7.05 -9.42 -6.47
C LYS A 33 -7.17 -10.65 -5.58
N ALA A 34 -8.02 -10.54 -4.56
CA ALA A 34 -8.27 -11.64 -3.65
C ALA A 34 -8.93 -12.80 -4.39
N LYS A 35 -8.74 -14.01 -3.89
CA LYS A 35 -9.21 -15.21 -4.56
C LYS A 35 -10.72 -15.29 -4.54
N ASP A 36 -11.29 -15.21 -3.35
CA ASP A 36 -12.73 -15.35 -3.18
C ASP A 36 -13.35 -14.13 -2.53
N GLY A 37 -12.50 -13.17 -2.17
CA GLY A 37 -12.99 -11.91 -1.66
C GLY A 37 -13.33 -10.98 -2.81
N HIS A 38 -12.47 -10.02 -3.05
CA HIS A 38 -12.65 -9.09 -4.16
C HIS A 38 -11.36 -8.33 -4.42
N VAL A 39 -11.29 -7.62 -5.54
CA VAL A 39 -10.14 -6.78 -5.85
C VAL A 39 -9.99 -5.71 -4.77
N MET A 40 -8.98 -5.87 -3.94
CA MET A 40 -8.73 -4.96 -2.84
C MET A 40 -8.21 -3.63 -3.36
N HIS A 41 -9.06 -2.60 -3.26
CA HIS A 41 -8.71 -1.27 -3.72
C HIS A 41 -8.08 -0.46 -2.59
N PHE A 42 -6.77 -0.31 -2.61
CA PHE A 42 -6.07 0.51 -1.64
C PHE A 42 -4.71 0.92 -2.19
N ASP A 43 -4.16 2.01 -1.68
CA ASP A 43 -2.84 2.45 -2.08
C ASP A 43 -1.96 2.68 -0.87
N VAL A 44 -0.67 2.53 -1.06
CA VAL A 44 0.29 2.65 0.03
C VAL A 44 1.08 3.94 -0.09
N PHE A 45 0.91 4.83 0.88
CA PHE A 45 1.71 6.04 0.95
C PHE A 45 2.94 5.77 1.80
N THR A 46 4.11 5.80 1.19
CA THR A 46 5.34 5.59 1.96
C THR A 46 6.39 6.66 1.64
N ASP A 47 7.23 6.92 2.63
CA ASP A 47 8.37 7.84 2.47
C ASP A 47 9.57 7.07 1.92
N VAL A 48 9.52 5.76 2.10
CA VAL A 48 10.59 4.88 1.65
C VAL A 48 10.73 4.94 0.13
N ARG A 49 11.96 4.91 -0.36
CA ARG A 49 12.22 5.09 -1.78
C ARG A 49 12.52 3.75 -2.43
N ASP A 50 12.03 2.70 -1.81
CA ASP A 50 12.32 1.35 -2.27
C ASP A 50 11.03 0.64 -2.67
N ASP A 51 10.97 0.23 -3.93
CA ASP A 51 9.76 -0.39 -4.48
C ASP A 51 9.49 -1.73 -3.82
N LYS A 52 10.55 -2.45 -3.49
CA LYS A 52 10.43 -3.76 -2.86
C LYS A 52 9.94 -3.60 -1.43
N LYS A 53 10.40 -2.55 -0.77
CA LYS A 53 9.95 -2.24 0.58
C LYS A 53 8.48 -1.86 0.59
N ALA A 54 8.04 -1.14 -0.43
CA ALA A 54 6.62 -0.80 -0.57
C ALA A 54 5.79 -2.08 -0.66
N ILE A 55 6.27 -3.02 -1.46
CA ILE A 55 5.66 -4.34 -1.56
C ILE A 55 5.68 -5.05 -0.21
N GLU A 56 6.82 -4.95 0.46
CA GLU A 56 7.00 -5.55 1.78
C GLU A 56 5.95 -5.02 2.76
N PHE A 57 5.83 -3.71 2.83
CA PHE A 57 4.87 -3.06 3.74
C PHE A 57 3.44 -3.45 3.39
N ALA A 58 3.14 -3.49 2.10
CA ALA A 58 1.82 -3.89 1.63
C ALA A 58 1.53 -5.33 2.06
N LYS A 59 2.53 -6.19 1.91
CA LYS A 59 2.41 -7.59 2.30
C LYS A 59 2.19 -7.73 3.79
N GLN A 60 2.86 -6.88 4.57
CA GLN A 60 2.73 -6.92 6.03
C GLN A 60 1.29 -6.77 6.47
N TRP A 61 0.53 -5.93 5.77
CA TRP A 61 -0.88 -5.75 6.06
C TRP A 61 -1.68 -6.93 5.51
N LEU A 62 -1.28 -7.40 4.33
CA LEU A 62 -1.94 -8.54 3.68
C LEU A 62 -1.75 -9.82 4.50
N SER A 63 -0.63 -9.91 5.21
CA SER A 63 -0.38 -11.06 6.08
C SER A 63 -1.35 -11.07 7.26
N SER A 64 -1.69 -9.88 7.75
CA SER A 64 -2.58 -9.76 8.88
C SER A 64 -4.01 -10.15 8.49
N ILE A 65 -4.43 -9.76 7.30
CA ILE A 65 -5.77 -10.11 6.82
C ILE A 65 -5.74 -11.47 6.12
N GLY A 66 -4.54 -11.99 5.88
CA GLY A 66 -4.38 -13.30 5.28
C GLY A 66 -4.74 -13.34 3.81
N GLU A 67 -4.51 -12.24 3.12
CA GLU A 67 -4.86 -12.15 1.70
C GLU A 67 -3.63 -11.98 0.81
N GLU A 68 -2.47 -12.31 1.36
CA GLU A 68 -1.22 -12.16 0.61
C GLU A 68 -1.02 -13.31 -0.38
N GLY A 69 -2.10 -13.96 -0.76
CA GLY A 69 -2.03 -15.04 -1.73
C GLY A 69 -1.76 -14.55 -3.13
N ALA A 70 -1.96 -13.25 -3.33
CA ALA A 70 -1.66 -12.63 -4.61
C ALA A 70 -0.18 -12.29 -4.69
N THR A 71 0.39 -12.42 -5.88
CA THR A 71 1.80 -12.15 -6.07
C THR A 71 2.04 -10.65 -6.13
N VAL A 72 2.28 -10.05 -4.97
CA VAL A 72 2.45 -8.62 -4.89
C VAL A 72 3.76 -8.19 -5.54
N THR A 73 3.65 -7.78 -6.79
CA THR A 73 4.78 -7.27 -7.54
C THR A 73 4.39 -5.95 -8.19
N SER A 74 5.36 -5.38 -8.89
CA SER A 74 5.22 -4.13 -9.61
C SER A 74 3.96 -4.07 -10.48
N GLU A 75 3.47 -5.22 -10.90
CA GLU A 75 2.27 -5.29 -11.73
C GLU A 75 0.99 -5.12 -10.90
N GLU A 76 0.98 -5.63 -9.69
CA GLU A 76 -0.22 -5.55 -8.85
C GLU A 76 -0.16 -4.32 -7.95
N CYS A 77 1.04 -3.90 -7.58
CA CYS A 77 1.22 -2.63 -6.89
C CYS A 77 1.87 -1.62 -7.84
N ARG A 78 1.03 -0.83 -8.48
CA ARG A 78 1.48 0.08 -9.52
C ARG A 78 1.79 1.45 -8.95
N PHE A 79 3.00 1.92 -9.20
CA PHE A 79 3.44 3.22 -8.71
C PHE A 79 2.78 4.33 -9.52
N CYS A 80 2.09 5.24 -8.83
CA CYS A 80 1.40 6.33 -9.49
C CYS A 80 2.33 7.53 -9.65
N HIS A 81 2.76 8.09 -8.53
CA HIS A 81 3.63 9.26 -8.52
C HIS A 81 4.03 9.61 -7.09
N SER A 82 4.78 10.68 -6.96
CA SER A 82 5.15 11.19 -5.64
C SER A 82 4.61 12.61 -5.48
N GLU A 83 3.86 12.83 -4.41
CA GLU A 83 3.28 14.14 -4.15
C GLU A 83 3.52 14.56 -2.71
N LYS A 84 3.09 15.76 -2.36
CA LYS A 84 3.23 16.24 -0.98
C LYS A 84 2.36 15.40 -0.06
N ALA A 85 2.83 15.18 1.14
CA ALA A 85 2.11 14.36 2.10
C ALA A 85 1.25 15.21 3.01
N PRO A 86 -0.05 14.90 3.11
CA PRO A 86 -0.92 15.51 4.10
C PRO A 86 -0.44 15.18 5.50
N ASP A 87 -0.30 16.18 6.35
CA ASP A 87 0.28 16.01 7.67
C ASP A 87 -0.47 14.95 8.48
N GLU A 88 -1.76 14.82 8.19
CA GLU A 88 -2.61 13.83 8.85
C GLU A 88 -2.14 12.39 8.61
N VAL A 89 -1.38 12.17 7.55
CA VAL A 89 -0.94 10.81 7.20
C VAL A 89 0.52 10.58 7.59
N ILE A 90 1.22 11.66 7.92
CA ILE A 90 2.66 11.63 8.04
C ILE A 90 3.13 10.97 9.33
N GLU A 91 2.41 11.18 10.42
CA GLU A 91 2.80 10.57 11.69
C GLU A 91 2.68 9.05 11.60
N ALA A 92 1.63 8.58 10.94
CA ALA A 92 1.45 7.14 10.70
C ALA A 92 2.63 6.57 9.93
N ILE A 93 3.04 7.28 8.87
CA ILE A 93 4.18 6.87 8.06
C ILE A 93 5.47 6.96 8.87
N LYS A 94 5.54 7.94 9.75
CA LYS A 94 6.70 8.14 10.60
C LYS A 94 6.89 6.97 11.57
N GLN A 95 5.78 6.44 12.06
CA GLN A 95 5.83 5.36 13.03
C GLN A 95 5.94 4.00 12.35
N ASN A 96 5.15 3.78 11.31
CA ASN A 96 5.07 2.46 10.67
C ASN A 96 6.02 2.35 9.48
N GLY A 97 6.23 3.46 8.79
CA GLY A 97 7.02 3.43 7.58
C GLY A 97 6.14 3.38 6.34
N TYR A 98 4.84 3.23 6.57
CA TYR A 98 3.88 3.11 5.49
C TYR A 98 2.50 3.55 5.96
N PHE A 99 1.70 4.05 5.03
CA PHE A 99 0.32 4.38 5.31
C PHE A 99 -0.59 3.65 4.32
N ILE A 100 -1.33 2.67 4.83
CA ILE A 100 -2.25 1.92 3.99
C ILE A 100 -3.56 2.68 3.86
N TYR A 101 -3.74 3.37 2.75
CA TYR A 101 -4.99 4.06 2.50
C TYR A 101 -5.98 3.11 1.87
N LYS A 102 -7.01 2.77 2.62
CA LYS A 102 -8.05 1.90 2.11
C LYS A 102 -8.97 2.69 1.20
N MET A 103 -8.66 2.65 -0.10
CA MET A 103 -9.42 3.40 -1.10
C MET A 103 -10.90 3.05 -1.02
N GLU A 104 -11.20 1.79 -1.27
CA GLU A 104 -12.58 1.30 -1.18
C GLU A 104 -12.57 -0.22 -1.04
N GLY A 105 -11.42 -0.76 -0.66
CA GLY A 105 -11.28 -2.20 -0.51
C GLY A 105 -12.09 -2.74 0.65
N CYS A 106 -12.25 -1.92 1.68
CA CYS A 106 -13.02 -2.30 2.85
C CYS A 106 -14.39 -1.65 2.81
N ASN A 107 -15.40 -2.42 2.41
CA ASN A 107 -16.74 -1.89 2.23
C ASN A 107 -17.51 -1.96 3.55
N MET A 23 7.43 16.50 2.94
CA MET A 23 7.46 15.03 2.86
C MET A 23 6.69 14.56 1.62
N GLN A 24 7.37 13.86 0.73
CA GLN A 24 6.76 13.36 -0.50
C GLN A 24 6.43 11.89 -0.36
N ILE A 25 5.17 11.55 -0.55
CA ILE A 25 4.73 10.16 -0.41
C ILE A 25 4.69 9.46 -1.75
N HIS A 26 5.35 8.31 -1.81
CA HIS A 26 5.32 7.48 -3.00
C HIS A 26 4.05 6.67 -3.01
N VAL A 27 3.17 6.96 -3.96
CA VAL A 27 1.89 6.30 -4.05
C VAL A 27 2.01 4.99 -4.81
N TYR A 28 2.01 3.89 -4.07
CA TYR A 28 1.98 2.57 -4.66
C TYR A 28 0.60 1.96 -4.50
N ASP A 29 -0.29 2.23 -5.43
CA ASP A 29 -1.63 1.69 -5.36
C ASP A 29 -1.64 0.25 -5.83
N THR A 30 -2.06 -0.63 -4.93
CA THR A 30 -1.99 -2.05 -5.18
C THR A 30 -3.36 -2.61 -5.59
N TYR A 31 -3.38 -3.42 -6.63
CA TYR A 31 -4.58 -4.09 -7.09
C TYR A 31 -4.57 -5.56 -6.67
N VAL A 32 -4.97 -5.86 -5.44
CA VAL A 32 -4.97 -7.23 -4.96
C VAL A 32 -6.29 -7.92 -5.28
N LYS A 33 -6.22 -8.99 -6.06
CA LYS A 33 -7.41 -9.76 -6.39
C LYS A 33 -7.72 -10.73 -5.26
N ALA A 34 -8.60 -10.32 -4.36
CA ALA A 34 -8.91 -11.11 -3.19
C ALA A 34 -9.82 -12.29 -3.53
N LYS A 35 -9.69 -13.36 -2.76
CA LYS A 35 -10.51 -14.55 -2.94
C LYS A 35 -11.99 -14.22 -2.70
N ASP A 36 -12.21 -13.14 -1.98
CA ASP A 36 -13.55 -12.64 -1.69
C ASP A 36 -14.20 -12.02 -2.93
N GLY A 37 -13.55 -12.16 -4.07
CA GLY A 37 -14.09 -11.63 -5.31
C GLY A 37 -14.03 -10.12 -5.34
N HIS A 38 -13.11 -9.56 -4.58
CA HIS A 38 -12.98 -8.12 -4.47
C HIS A 38 -11.62 -7.66 -4.93
N VAL A 39 -11.60 -6.67 -5.80
CA VAL A 39 -10.37 -6.04 -6.22
C VAL A 39 -9.94 -5.03 -5.18
N MET A 40 -9.01 -5.44 -4.33
CA MET A 40 -8.56 -4.60 -3.23
C MET A 40 -7.57 -3.57 -3.75
N HIS A 41 -8.09 -2.42 -4.14
CA HIS A 41 -7.26 -1.34 -4.62
C HIS A 41 -7.03 -0.34 -3.50
N PHE A 42 -5.86 -0.43 -2.88
CA PHE A 42 -5.50 0.47 -1.80
C PHE A 42 -4.19 1.17 -2.12
N ASP A 43 -4.05 2.38 -1.60
CA ASP A 43 -2.86 3.18 -1.88
C ASP A 43 -1.84 3.01 -0.77
N VAL A 44 -0.69 2.45 -1.09
CA VAL A 44 0.38 2.32 -0.13
C VAL A 44 1.25 3.57 -0.15
N PHE A 45 1.00 4.47 0.78
CA PHE A 45 1.78 5.69 0.89
C PHE A 45 3.04 5.42 1.68
N THR A 46 4.18 5.57 1.02
CA THR A 46 5.46 5.30 1.66
C THR A 46 6.44 6.46 1.49
N ASP A 47 7.19 6.74 2.54
CA ASP A 47 8.26 7.73 2.47
C ASP A 47 9.49 7.09 1.84
N VAL A 48 9.67 5.81 2.13
CA VAL A 48 10.74 5.03 1.53
C VAL A 48 10.56 4.98 0.03
N ARG A 49 11.54 5.47 -0.70
CA ARG A 49 11.44 5.64 -2.13
C ARG A 49 12.02 4.43 -2.86
N ASP A 50 11.82 3.27 -2.28
CA ASP A 50 12.27 2.01 -2.86
C ASP A 50 11.09 1.28 -3.51
N ASP A 51 11.39 0.44 -4.49
CA ASP A 51 10.35 -0.30 -5.21
C ASP A 51 10.02 -1.60 -4.48
N LYS A 52 11.06 -2.33 -4.10
CA LYS A 52 10.91 -3.65 -3.50
C LYS A 52 10.32 -3.56 -2.10
N LYS A 53 10.76 -2.56 -1.35
CA LYS A 53 10.26 -2.33 0.00
C LYS A 53 8.76 -2.07 -0.01
N ALA A 54 8.30 -1.31 -1.00
CA ALA A 54 6.89 -1.00 -1.12
C ALA A 54 6.07 -2.28 -1.27
N ILE A 55 6.52 -3.15 -2.15
CA ILE A 55 5.86 -4.43 -2.38
C ILE A 55 5.91 -5.29 -1.12
N GLU A 56 7.02 -5.22 -0.41
CA GLU A 56 7.17 -5.94 0.84
C GLU A 56 6.18 -5.43 1.88
N PHE A 57 6.06 -4.12 1.98
CA PHE A 57 5.18 -3.49 2.96
C PHE A 57 3.72 -3.83 2.68
N ALA A 58 3.36 -3.90 1.39
CA ALA A 58 2.02 -4.30 1.00
C ALA A 58 1.70 -5.70 1.50
N LYS A 59 2.68 -6.59 1.41
CA LYS A 59 2.51 -7.95 1.87
C LYS A 59 2.53 -8.02 3.40
N GLN A 60 3.19 -7.07 4.03
CA GLN A 60 3.19 -6.97 5.48
C GLN A 60 1.77 -6.77 5.99
N TRP A 61 1.04 -5.88 5.34
CA TRP A 61 -0.35 -5.62 5.69
C TRP A 61 -1.21 -6.85 5.43
N LEU A 62 -0.91 -7.55 4.34
CA LEU A 62 -1.62 -8.79 4.02
C LEU A 62 -1.38 -9.84 5.10
N SER A 63 -0.17 -9.87 5.62
CA SER A 63 0.17 -10.78 6.72
C SER A 63 -0.61 -10.37 7.97
N SER A 64 -0.75 -9.06 8.17
CA SER A 64 -1.48 -8.54 9.32
C SER A 64 -2.94 -9.01 9.31
N ILE A 65 -3.58 -8.95 8.16
CA ILE A 65 -4.98 -9.36 8.05
C ILE A 65 -5.14 -10.88 7.97
N GLY A 66 -4.02 -11.58 7.78
CA GLY A 66 -4.06 -13.03 7.82
C GLY A 66 -4.04 -13.68 6.45
N GLU A 67 -3.79 -12.90 5.41
CA GLU A 67 -3.71 -13.43 4.06
C GLU A 67 -2.26 -13.69 3.68
N GLU A 68 -1.35 -13.35 4.59
CA GLU A 68 0.09 -13.54 4.43
C GLU A 68 0.65 -12.65 3.32
N GLY A 69 0.42 -13.03 2.07
CA GLY A 69 0.94 -12.28 0.96
C GLY A 69 0.59 -12.91 -0.36
N ALA A 70 -0.40 -12.34 -1.04
CA ALA A 70 -0.80 -12.81 -2.36
C ALA A 70 0.27 -12.45 -3.39
N THR A 71 0.00 -12.73 -4.66
CA THR A 71 0.94 -12.41 -5.72
C THR A 71 1.01 -10.89 -5.93
N VAL A 72 1.89 -10.24 -5.20
CA VAL A 72 2.07 -8.81 -5.32
C VAL A 72 3.33 -8.49 -6.09
N THR A 73 3.14 -8.01 -7.31
CA THR A 73 4.25 -7.60 -8.15
C THR A 73 4.32 -6.08 -8.24
N SER A 74 5.19 -5.55 -9.08
CA SER A 74 5.25 -4.12 -9.32
C SER A 74 4.18 -3.74 -10.34
N GLU A 75 3.56 -4.77 -10.92
CA GLU A 75 2.42 -4.59 -11.79
C GLU A 75 1.14 -4.52 -10.96
N GLU A 76 1.08 -5.37 -9.93
CA GLU A 76 -0.04 -5.36 -8.99
C GLU A 76 0.07 -4.15 -8.06
N CYS A 77 1.25 -3.93 -7.52
CA CYS A 77 1.51 -2.76 -6.70
C CYS A 77 2.12 -1.67 -7.57
N ARG A 78 1.28 -0.78 -8.05
CA ARG A 78 1.67 0.13 -9.11
C ARG A 78 2.08 1.49 -8.56
N PHE A 79 3.18 2.02 -9.07
CA PHE A 79 3.66 3.33 -8.64
C PHE A 79 3.13 4.41 -9.56
N CYS A 80 2.18 5.19 -9.05
CA CYS A 80 1.65 6.31 -9.82
C CYS A 80 2.60 7.50 -9.78
N HIS A 81 2.79 8.09 -8.60
CA HIS A 81 3.69 9.22 -8.44
C HIS A 81 3.98 9.48 -6.97
N SER A 82 4.76 10.52 -6.72
CA SER A 82 5.06 10.95 -5.36
C SER A 82 4.47 12.34 -5.15
N GLU A 83 3.48 12.45 -4.29
CA GLU A 83 2.76 13.71 -4.13
C GLU A 83 2.89 14.25 -2.71
N LYS A 84 2.22 15.37 -2.46
CA LYS A 84 2.30 16.04 -1.17
C LYS A 84 1.61 15.22 -0.10
N ALA A 85 2.18 15.22 1.10
CA ALA A 85 1.65 14.42 2.18
C ALA A 85 1.03 15.29 3.27
N PRO A 86 -0.29 15.16 3.49
CA PRO A 86 -0.97 15.85 4.58
C PRO A 86 -0.66 15.20 5.92
N ASP A 87 -0.83 15.97 7.00
CA ASP A 87 -0.50 15.49 8.35
C ASP A 87 -1.22 14.18 8.69
N GLU A 88 -2.34 13.96 8.01
CA GLU A 88 -3.13 12.73 8.16
C GLU A 88 -2.23 11.49 8.06
N VAL A 89 -1.41 11.46 7.03
CA VAL A 89 -0.54 10.30 6.78
C VAL A 89 0.83 10.50 7.41
N ILE A 90 1.20 11.76 7.66
CA ILE A 90 2.49 12.10 8.23
C ILE A 90 2.73 11.34 9.53
N GLU A 91 1.85 11.56 10.51
CA GLU A 91 1.97 10.92 11.80
C GLU A 91 1.94 9.40 11.71
N ALA A 92 1.24 8.88 10.72
CA ALA A 92 1.12 7.44 10.55
C ALA A 92 2.41 6.83 10.02
N ILE A 93 2.90 7.36 8.92
CA ILE A 93 4.09 6.83 8.26
C ILE A 93 5.34 7.03 9.13
N LYS A 94 5.37 8.11 9.87
CA LYS A 94 6.50 8.38 10.76
C LYS A 94 6.50 7.46 11.95
N GLN A 95 5.33 6.96 12.28
CA GLN A 95 5.18 6.07 13.43
C GLN A 95 5.48 4.62 13.06
N ASN A 96 4.76 4.07 12.09
CA ASN A 96 4.93 2.66 11.74
C ASN A 96 5.87 2.48 10.56
N GLY A 97 5.76 3.35 9.55
CA GLY A 97 6.63 3.25 8.40
C GLY A 97 5.89 3.43 7.07
N TYR A 98 4.62 3.03 7.04
CA TYR A 98 3.84 3.13 5.82
C TYR A 98 2.37 3.44 6.14
N PHE A 99 1.61 3.78 5.11
CA PHE A 99 0.19 4.05 5.29
C PHE A 99 -0.63 3.30 4.24
N ILE A 100 -1.51 2.42 4.70
CA ILE A 100 -2.39 1.69 3.81
C ILE A 100 -3.73 2.41 3.69
N TYR A 101 -3.92 3.10 2.58
CA TYR A 101 -5.12 3.88 2.37
C TYR A 101 -6.26 3.02 1.81
N LYS A 102 -7.28 2.82 2.61
CA LYS A 102 -8.49 2.16 2.14
C LYS A 102 -9.25 3.08 1.19
N MET A 103 -9.08 2.87 -0.11
CA MET A 103 -9.73 3.69 -1.11
C MET A 103 -11.24 3.66 -0.94
N GLU A 104 -11.79 2.44 -0.98
CA GLU A 104 -13.22 2.23 -0.73
C GLU A 104 -13.52 0.74 -0.73
N GLY A 105 -13.07 0.07 -1.79
CA GLY A 105 -13.33 -1.35 -1.95
C GLY A 105 -12.87 -2.19 -0.78
N CYS A 106 -13.84 -2.74 -0.06
CA CYS A 106 -13.57 -3.64 1.04
C CYS A 106 -14.63 -4.74 1.07
N ASN A 107 -15.89 -4.32 1.10
CA ASN A 107 -17.01 -5.26 1.11
C ASN A 107 -18.14 -4.75 0.22
N MET A 23 8.33 17.12 2.56
CA MET A 23 8.08 15.68 2.77
C MET A 23 7.09 15.16 1.74
N GLN A 24 7.55 14.25 0.89
CA GLN A 24 6.70 13.67 -0.14
C GLN A 24 6.47 12.20 0.13
N ILE A 25 5.28 11.72 -0.21
CA ILE A 25 4.96 10.32 -0.03
C ILE A 25 4.84 9.62 -1.38
N HIS A 26 5.16 8.34 -1.39
CA HIS A 26 5.02 7.53 -2.59
C HIS A 26 3.63 6.91 -2.62
N VAL A 27 2.90 7.19 -3.68
CA VAL A 27 1.56 6.65 -3.84
C VAL A 27 1.60 5.41 -4.72
N TYR A 28 1.40 4.24 -4.11
CA TYR A 28 1.37 2.99 -4.85
C TYR A 28 -0.04 2.41 -4.90
N ASP A 29 -0.68 2.54 -6.05
CA ASP A 29 -1.98 1.92 -6.28
C ASP A 29 -1.78 0.42 -6.41
N THR A 30 -2.19 -0.31 -5.40
CA THR A 30 -1.90 -1.73 -5.33
C THR A 30 -3.14 -2.58 -5.62
N TYR A 31 -3.03 -3.41 -6.65
CA TYR A 31 -4.07 -4.37 -6.97
C TYR A 31 -3.85 -5.66 -6.20
N VAL A 32 -4.62 -5.87 -5.14
CA VAL A 32 -4.56 -7.11 -4.41
C VAL A 32 -5.81 -7.93 -4.66
N LYS A 33 -5.65 -9.01 -5.41
CA LYS A 33 -6.77 -9.86 -5.76
C LYS A 33 -7.07 -10.85 -4.64
N ALA A 34 -8.14 -10.60 -3.90
CA ALA A 34 -8.61 -11.57 -2.93
C ALA A 34 -9.29 -12.70 -3.68
N LYS A 35 -9.18 -13.92 -3.16
CA LYS A 35 -9.64 -15.10 -3.88
C LYS A 35 -11.15 -15.04 -4.11
N ASP A 36 -11.88 -14.54 -3.13
CA ASP A 36 -13.31 -14.35 -3.27
C ASP A 36 -13.76 -13.15 -2.45
N GLY A 37 -12.83 -12.24 -2.21
CA GLY A 37 -13.12 -11.10 -1.37
C GLY A 37 -12.94 -9.78 -2.09
N HIS A 38 -13.14 -9.80 -3.42
CA HIS A 38 -13.06 -8.59 -4.25
C HIS A 38 -11.61 -8.15 -4.43
N VAL A 39 -11.32 -7.59 -5.59
CA VAL A 39 -10.00 -7.04 -5.86
C VAL A 39 -9.82 -5.74 -5.08
N MET A 40 -8.96 -5.79 -4.08
CA MET A 40 -8.77 -4.67 -3.18
C MET A 40 -7.88 -3.61 -3.81
N HIS A 41 -8.44 -2.44 -4.02
CA HIS A 41 -7.66 -1.31 -4.55
C HIS A 41 -7.35 -0.36 -3.41
N PHE A 42 -6.09 -0.19 -3.11
CA PHE A 42 -5.68 0.73 -2.06
C PHE A 42 -4.36 1.41 -2.41
N ASP A 43 -4.21 2.63 -1.92
CA ASP A 43 -2.99 3.39 -2.16
C ASP A 43 -2.05 3.23 -0.99
N VAL A 44 -0.92 2.59 -1.23
CA VAL A 44 0.11 2.47 -0.21
C VAL A 44 0.96 3.72 -0.21
N PHE A 45 0.73 4.59 0.76
CA PHE A 45 1.51 5.81 0.89
C PHE A 45 2.78 5.47 1.66
N THR A 46 3.89 5.44 0.95
CA THR A 46 5.12 4.95 1.55
C THR A 46 6.23 6.00 1.48
N ASP A 47 7.07 6.01 2.51
CA ASP A 47 8.24 6.89 2.54
C ASP A 47 9.37 6.30 1.71
N VAL A 48 9.54 5.00 1.84
CA VAL A 48 10.65 4.28 1.21
C VAL A 48 10.55 4.33 -0.32
N ARG A 49 11.69 4.44 -0.98
CA ARG A 49 11.74 4.50 -2.44
C ARG A 49 12.08 3.13 -3.02
N ASP A 50 11.80 2.10 -2.25
CA ASP A 50 12.06 0.73 -2.67
C ASP A 50 10.78 0.03 -3.07
N ASP A 51 10.71 -0.45 -4.30
CA ASP A 51 9.55 -1.18 -4.78
C ASP A 51 9.34 -2.42 -3.94
N LYS A 52 10.44 -3.08 -3.59
CA LYS A 52 10.41 -4.25 -2.73
C LYS A 52 9.79 -3.92 -1.39
N LYS A 53 10.09 -2.73 -0.90
CA LYS A 53 9.65 -2.33 0.43
C LYS A 53 8.17 -1.98 0.43
N ALA A 54 7.73 -1.32 -0.64
CA ALA A 54 6.31 -0.99 -0.79
C ALA A 54 5.48 -2.27 -0.84
N ILE A 55 5.92 -3.21 -1.67
CA ILE A 55 5.30 -4.53 -1.76
C ILE A 55 5.35 -5.23 -0.41
N GLU A 56 6.51 -5.14 0.24
CA GLU A 56 6.75 -5.78 1.52
C GLU A 56 5.77 -5.27 2.58
N PHE A 57 5.60 -3.96 2.64
CA PHE A 57 4.67 -3.35 3.60
C PHE A 57 3.26 -3.82 3.34
N ALA A 58 2.88 -3.92 2.07
CA ALA A 58 1.56 -4.39 1.70
C ALA A 58 1.36 -5.84 2.12
N LYS A 59 2.37 -6.67 1.88
CA LYS A 59 2.29 -8.08 2.24
C LYS A 59 2.33 -8.28 3.75
N GLN A 60 3.06 -7.43 4.45
CA GLN A 60 3.07 -7.46 5.92
C GLN A 60 1.67 -7.18 6.45
N TRP A 61 0.97 -6.27 5.77
CA TRP A 61 -0.42 -5.97 6.09
C TRP A 61 -1.31 -7.16 5.73
N LEU A 62 -1.07 -7.74 4.56
CA LEU A 62 -1.80 -8.92 4.12
C LEU A 62 -1.62 -10.08 5.10
N SER A 63 -0.40 -10.25 5.60
CA SER A 63 -0.12 -11.29 6.58
C SER A 63 -0.93 -11.08 7.85
N SER A 64 -1.11 -9.81 8.22
CA SER A 64 -1.83 -9.48 9.44
C SER A 64 -3.33 -9.76 9.29
N ILE A 65 -3.88 -9.47 8.10
CA ILE A 65 -5.29 -9.69 7.86
C ILE A 65 -5.58 -11.16 7.53
N GLY A 66 -4.53 -11.95 7.35
CA GLY A 66 -4.69 -13.38 7.17
C GLY A 66 -4.61 -13.83 5.72
N GLU A 67 -4.12 -12.95 4.85
CA GLU A 67 -3.93 -13.31 3.45
C GLU A 67 -2.49 -13.73 3.19
N GLU A 68 -1.64 -13.51 4.20
CA GLU A 68 -0.21 -13.79 4.11
C GLU A 68 0.45 -12.94 3.02
N GLY A 69 0.45 -13.44 1.80
CA GLY A 69 1.04 -12.73 0.70
C GLY A 69 0.47 -13.17 -0.62
N ALA A 70 -0.52 -12.44 -1.10
CA ALA A 70 -1.14 -12.73 -2.40
C ALA A 70 -0.18 -12.36 -3.52
N THR A 71 -0.62 -12.51 -4.76
CA THR A 71 0.19 -12.14 -5.91
C THR A 71 0.40 -10.63 -5.94
N VAL A 72 1.53 -10.18 -5.41
CA VAL A 72 1.86 -8.77 -5.39
C VAL A 72 3.27 -8.56 -5.92
N THR A 73 3.37 -8.23 -7.19
CA THR A 73 4.65 -7.92 -7.81
C THR A 73 4.59 -6.54 -8.47
N SER A 74 5.60 -6.24 -9.28
CA SER A 74 5.70 -4.95 -9.97
C SER A 74 4.46 -4.68 -10.83
N GLU A 75 3.78 -5.74 -11.25
CA GLU A 75 2.62 -5.61 -12.10
C GLU A 75 1.41 -5.13 -11.30
N GLU A 76 1.20 -5.72 -10.13
CA GLU A 76 0.02 -5.41 -9.31
C GLU A 76 0.15 -4.07 -8.61
N CYS A 77 1.37 -3.70 -8.23
CA CYS A 77 1.59 -2.43 -7.55
C CYS A 77 2.01 -1.36 -8.55
N ARG A 78 1.16 -0.36 -8.73
CA ARG A 78 1.45 0.71 -9.67
C ARG A 78 1.93 1.95 -8.93
N PHE A 79 3.08 2.47 -9.32
CA PHE A 79 3.58 3.72 -8.78
C PHE A 79 2.86 4.88 -9.46
N CYS A 80 1.98 5.53 -8.71
CA CYS A 80 1.23 6.65 -9.24
C CYS A 80 2.13 7.88 -9.35
N HIS A 81 2.67 8.30 -8.21
CA HIS A 81 3.53 9.48 -8.15
C HIS A 81 3.96 9.74 -6.72
N SER A 82 4.72 10.81 -6.52
CA SER A 82 5.13 11.25 -5.20
C SER A 82 4.66 12.68 -4.97
N GLU A 83 3.85 12.88 -3.94
CA GLU A 83 3.28 14.20 -3.67
C GLU A 83 3.35 14.56 -2.20
N LYS A 84 3.04 15.81 -1.89
CA LYS A 84 3.02 16.30 -0.52
C LYS A 84 1.80 15.73 0.20
N ALA A 85 2.04 15.14 1.36
CA ALA A 85 0.98 14.50 2.12
C ALA A 85 0.45 15.40 3.22
N PRO A 86 -0.82 15.23 3.61
CA PRO A 86 -1.40 15.92 4.75
C PRO A 86 -0.64 15.58 6.03
N ASP A 87 -0.47 16.57 6.89
CA ASP A 87 0.35 16.42 8.11
C ASP A 87 -0.10 15.24 8.96
N GLU A 88 -1.39 14.92 8.90
CA GLU A 88 -1.96 13.83 9.69
C GLU A 88 -1.29 12.49 9.37
N VAL A 89 -1.15 12.18 8.08
CA VAL A 89 -0.61 10.89 7.67
C VAL A 89 0.91 10.89 7.77
N ILE A 90 1.50 12.06 7.93
CA ILE A 90 2.95 12.19 8.07
C ILE A 90 3.42 11.47 9.31
N GLU A 91 2.58 11.47 10.34
CA GLU A 91 2.88 10.75 11.58
C GLU A 91 3.02 9.26 11.30
N ALA A 92 2.09 8.71 10.53
CA ALA A 92 2.13 7.29 10.18
C ALA A 92 3.33 6.97 9.31
N ILE A 93 3.65 7.88 8.39
CA ILE A 93 4.80 7.70 7.50
C ILE A 93 6.11 7.77 8.28
N LYS A 94 6.15 8.63 9.29
CA LYS A 94 7.32 8.77 10.13
C LYS A 94 7.44 7.61 11.12
N GLN A 95 6.29 7.09 11.53
CA GLN A 95 6.24 6.02 12.52
C GLN A 95 6.46 4.65 11.87
N ASN A 96 5.52 4.24 11.02
CA ASN A 96 5.56 2.92 10.43
C ASN A 96 6.27 2.92 9.08
N GLY A 97 6.29 4.08 8.44
CA GLY A 97 6.98 4.19 7.16
C GLY A 97 6.03 4.14 5.99
N TYR A 98 4.77 3.82 6.26
CA TYR A 98 3.76 3.67 5.23
C TYR A 98 2.37 3.88 5.82
N PHE A 99 1.42 4.17 4.95
CA PHE A 99 0.03 4.31 5.34
C PHE A 99 -0.87 3.62 4.32
N ILE A 100 -1.68 2.69 4.78
CA ILE A 100 -2.57 1.95 3.89
C ILE A 100 -3.95 2.60 3.84
N TYR A 101 -4.26 3.23 2.72
CA TYR A 101 -5.59 3.78 2.51
C TYR A 101 -6.31 2.99 1.43
N LYS A 102 -7.40 2.34 1.81
CA LYS A 102 -8.19 1.58 0.86
C LYS A 102 -9.10 2.51 0.08
N MET A 103 -9.10 2.36 -1.23
CA MET A 103 -9.86 3.23 -2.12
C MET A 103 -11.34 2.85 -2.09
N GLU A 104 -11.61 1.59 -2.35
CA GLU A 104 -12.98 1.08 -2.36
C GLU A 104 -13.03 -0.29 -1.71
N GLY A 105 -14.24 -0.75 -1.41
CA GLY A 105 -14.39 -1.98 -0.65
C GLY A 105 -14.25 -1.72 0.84
N CYS A 106 -14.20 -0.45 1.20
CA CYS A 106 -14.04 -0.03 2.58
C CYS A 106 -15.14 0.95 2.98
N ASN A 107 -16.18 0.43 3.60
CA ASN A 107 -17.30 1.27 4.03
C ASN A 107 -17.65 0.94 5.48
N MET A 23 10.58 15.03 2.65
CA MET A 23 9.62 13.92 2.82
C MET A 23 8.37 14.18 1.99
N GLN A 24 8.03 13.21 1.14
CA GLN A 24 6.90 13.35 0.23
C GLN A 24 6.26 11.98 0.01
N ILE A 25 4.95 11.94 -0.04
CA ILE A 25 4.22 10.68 -0.17
C ILE A 25 4.40 10.06 -1.54
N HIS A 26 4.89 8.83 -1.55
CA HIS A 26 4.93 8.03 -2.75
C HIS A 26 3.68 7.17 -2.79
N VAL A 27 2.82 7.43 -3.77
CA VAL A 27 1.55 6.73 -3.87
C VAL A 27 1.70 5.44 -4.65
N TYR A 28 1.61 4.32 -3.94
CA TYR A 28 1.64 3.02 -4.58
C TYR A 28 0.26 2.38 -4.55
N ASP A 29 -0.51 2.58 -5.61
CA ASP A 29 -1.80 1.90 -5.74
C ASP A 29 -1.57 0.42 -5.99
N THR A 30 -1.81 -0.37 -4.97
CA THR A 30 -1.48 -1.78 -5.01
C THR A 30 -2.73 -2.64 -5.15
N TYR A 31 -2.77 -3.44 -6.21
CA TYR A 31 -3.89 -4.34 -6.44
C TYR A 31 -3.68 -5.65 -5.69
N VAL A 32 -4.66 -6.05 -4.91
CA VAL A 32 -4.62 -7.32 -4.23
C VAL A 32 -5.81 -8.17 -4.64
N LYS A 33 -5.53 -9.25 -5.35
CA LYS A 33 -6.58 -10.12 -5.82
C LYS A 33 -7.04 -11.04 -4.71
N ALA A 34 -8.23 -10.78 -4.18
CA ALA A 34 -8.83 -11.66 -3.21
C ALA A 34 -9.39 -12.89 -3.90
N LYS A 35 -9.39 -14.01 -3.21
CA LYS A 35 -9.82 -15.27 -3.79
C LYS A 35 -11.31 -15.22 -4.12
N ASP A 36 -12.10 -14.60 -3.25
CA ASP A 36 -13.53 -14.46 -3.50
C ASP A 36 -14.07 -13.16 -2.90
N GLY A 37 -13.31 -12.57 -1.98
CA GLY A 37 -13.76 -11.37 -1.30
C GLY A 37 -13.51 -10.09 -2.07
N HIS A 38 -13.51 -10.19 -3.41
CA HIS A 38 -13.39 -9.03 -4.30
C HIS A 38 -11.98 -8.47 -4.34
N VAL A 39 -11.54 -8.11 -5.53
CA VAL A 39 -10.21 -7.54 -5.75
C VAL A 39 -10.13 -6.16 -5.13
N MET A 40 -9.33 -6.03 -4.10
CA MET A 40 -9.20 -4.77 -3.38
C MET A 40 -7.89 -4.09 -3.78
N HIS A 41 -7.93 -2.78 -3.89
CA HIS A 41 -6.72 -2.02 -4.15
C HIS A 41 -6.76 -0.72 -3.36
N PHE A 42 -5.64 -0.36 -2.78
CA PHE A 42 -5.57 0.76 -1.86
C PHE A 42 -4.32 1.59 -2.14
N ASP A 43 -4.25 2.77 -1.53
CA ASP A 43 -3.12 3.66 -1.74
C ASP A 43 -2.10 3.47 -0.63
N VAL A 44 -0.94 2.94 -0.99
CA VAL A 44 0.16 2.81 -0.05
C VAL A 44 1.00 4.08 -0.06
N PHE A 45 0.86 4.88 0.97
CA PHE A 45 1.62 6.11 1.09
C PHE A 45 2.87 5.89 1.92
N THR A 46 4.02 5.99 1.29
CA THR A 46 5.28 5.88 2.02
C THR A 46 6.29 6.90 1.48
N ASP A 47 7.27 7.24 2.29
CA ASP A 47 8.32 8.16 1.86
C ASP A 47 9.51 7.39 1.32
N VAL A 48 9.54 6.10 1.60
CA VAL A 48 10.62 5.25 1.14
C VAL A 48 10.65 5.19 -0.39
N ARG A 49 11.83 5.40 -0.96
CA ARG A 49 11.99 5.32 -2.39
C ARG A 49 12.54 3.95 -2.76
N ASP A 50 11.66 2.97 -2.83
CA ASP A 50 12.03 1.60 -3.14
C ASP A 50 10.79 0.77 -3.43
N ASP A 51 10.84 0.02 -4.52
CA ASP A 51 9.68 -0.76 -4.96
C ASP A 51 9.58 -2.07 -4.19
N LYS A 52 10.74 -2.61 -3.82
CA LYS A 52 10.79 -3.88 -3.10
C LYS A 52 10.21 -3.72 -1.71
N LYS A 53 10.61 -2.65 -1.04
CA LYS A 53 10.14 -2.35 0.30
C LYS A 53 8.64 -2.07 0.29
N ALA A 54 8.17 -1.46 -0.80
CA ALA A 54 6.75 -1.18 -0.97
C ALA A 54 5.96 -2.48 -1.09
N ILE A 55 6.48 -3.39 -1.90
CA ILE A 55 5.89 -4.72 -2.04
C ILE A 55 5.85 -5.43 -0.68
N GLU A 56 6.92 -5.26 0.08
CA GLU A 56 7.00 -5.82 1.43
C GLU A 56 5.87 -5.27 2.31
N PHE A 57 5.68 -3.95 2.27
CA PHE A 57 4.65 -3.29 3.07
C PHE A 57 3.27 -3.84 2.76
N ALA A 58 3.00 -4.02 1.47
CA ALA A 58 1.70 -4.54 1.03
C ALA A 58 1.44 -5.92 1.62
N LYS A 59 2.46 -6.77 1.59
CA LYS A 59 2.32 -8.14 2.09
C LYS A 59 2.11 -8.15 3.60
N GLN A 60 2.76 -7.21 4.30
CA GLN A 60 2.63 -7.10 5.75
C GLN A 60 1.17 -6.92 6.15
N TRP A 61 0.49 -6.02 5.46
CA TRP A 61 -0.92 -5.76 5.71
C TRP A 61 -1.75 -7.00 5.39
N LEU A 62 -1.40 -7.66 4.29
CA LEU A 62 -2.12 -8.85 3.84
C LEU A 62 -1.98 -10.00 4.85
N SER A 63 -0.75 -10.20 5.33
CA SER A 63 -0.52 -11.23 6.34
C SER A 63 -1.30 -10.92 7.62
N SER A 64 -1.44 -9.64 7.92
CA SER A 64 -2.12 -9.20 9.12
C SER A 64 -3.63 -9.42 9.03
N ILE A 65 -4.23 -9.05 7.88
CA ILE A 65 -5.68 -9.16 7.73
C ILE A 65 -6.13 -10.62 7.58
N GLY A 66 -5.23 -11.49 7.16
CA GLY A 66 -5.57 -12.90 7.06
C GLY A 66 -5.24 -13.50 5.71
N GLU A 67 -4.99 -12.65 4.72
CA GLU A 67 -4.61 -13.12 3.40
C GLU A 67 -3.33 -13.93 3.45
N GLU A 68 -2.43 -13.53 4.35
CA GLU A 68 -1.16 -14.21 4.58
C GLU A 68 -0.21 -14.01 3.39
N GLY A 69 -0.51 -14.68 2.29
CA GLY A 69 0.36 -14.60 1.13
C GLY A 69 -0.41 -14.41 -0.16
N ALA A 70 -0.32 -13.23 -0.72
CA ALA A 70 -0.95 -12.93 -1.99
C ALA A 70 0.10 -12.48 -3.00
N THR A 71 -0.20 -12.64 -4.27
CA THR A 71 0.74 -12.29 -5.33
C THR A 71 0.92 -10.78 -5.43
N VAL A 72 2.06 -10.30 -4.93
CA VAL A 72 2.37 -8.88 -5.02
C VAL A 72 3.68 -8.68 -5.78
N THR A 73 3.55 -8.28 -7.03
CA THR A 73 4.70 -8.05 -7.88
C THR A 73 4.70 -6.61 -8.39
N SER A 74 5.55 -6.33 -9.37
CA SER A 74 5.59 -5.02 -10.01
C SER A 74 4.33 -4.81 -10.85
N GLU A 75 3.53 -5.86 -10.98
CA GLU A 75 2.29 -5.80 -11.71
C GLU A 75 1.19 -5.23 -10.84
N GLU A 76 1.16 -5.68 -9.58
CA GLU A 76 0.09 -5.29 -8.66
C GLU A 76 0.47 -4.02 -7.90
N CYS A 77 1.71 -3.95 -7.44
CA CYS A 77 2.18 -2.79 -6.71
C CYS A 77 2.88 -1.83 -7.67
N ARG A 78 2.24 -0.70 -7.94
CA ARG A 78 2.76 0.24 -8.93
C ARG A 78 2.91 1.62 -8.32
N PHE A 79 3.90 2.36 -8.79
CA PHE A 79 4.09 3.75 -8.37
C PHE A 79 3.26 4.64 -9.27
N CYS A 80 2.24 5.26 -8.71
CA CYS A 80 1.33 6.09 -9.48
C CYS A 80 1.78 7.55 -9.52
N HIS A 81 2.12 8.10 -8.36
CA HIS A 81 2.48 9.51 -8.28
C HIS A 81 3.06 9.85 -6.92
N SER A 82 3.55 11.06 -6.82
CA SER A 82 4.09 11.59 -5.57
C SER A 82 3.73 13.07 -5.52
N GLU A 83 3.34 13.57 -4.34
CA GLU A 83 2.77 14.91 -4.26
C GLU A 83 2.79 15.43 -2.84
N LYS A 84 2.32 16.66 -2.67
CA LYS A 84 2.32 17.33 -1.37
C LYS A 84 1.62 16.48 -0.32
N ALA A 85 2.40 15.98 0.62
CA ALA A 85 1.89 15.09 1.65
C ALA A 85 1.20 15.87 2.77
N PRO A 86 -0.02 15.45 3.13
CA PRO A 86 -0.72 15.98 4.30
C PRO A 86 0.08 15.72 5.58
N ASP A 87 0.04 16.66 6.51
CA ASP A 87 0.86 16.58 7.71
C ASP A 87 0.53 15.34 8.55
N GLU A 88 -0.76 15.02 8.64
CA GLU A 88 -1.22 13.94 9.49
C GLU A 88 -0.77 12.57 8.98
N VAL A 89 -0.70 12.40 7.67
CA VAL A 89 -0.34 11.11 7.09
C VAL A 89 1.15 10.84 7.27
N ILE A 90 1.91 11.92 7.52
CA ILE A 90 3.33 11.82 7.77
C ILE A 90 3.59 10.99 9.02
N GLU A 91 2.74 11.17 10.01
CA GLU A 91 2.84 10.47 11.28
C GLU A 91 2.73 8.96 11.07
N ALA A 92 1.78 8.56 10.24
CA ALA A 92 1.54 7.14 9.97
C ALA A 92 2.74 6.52 9.26
N ILE A 93 3.35 7.28 8.35
CA ILE A 93 4.52 6.81 7.63
C ILE A 93 5.71 6.66 8.58
N LYS A 94 5.74 7.49 9.61
CA LYS A 94 6.78 7.37 10.63
C LYS A 94 6.61 6.08 11.43
N GLN A 95 5.42 5.92 11.99
CA GLN A 95 5.15 4.84 12.93
C GLN A 95 5.14 3.47 12.26
N ASN A 96 4.40 3.35 11.17
CA ASN A 96 4.23 2.05 10.52
C ASN A 96 5.22 1.87 9.37
N GLY A 97 5.76 2.98 8.89
CA GLY A 97 6.64 2.93 7.73
C GLY A 97 5.88 3.12 6.44
N TYR A 98 4.56 3.02 6.55
CA TYR A 98 3.68 3.15 5.40
C TYR A 98 2.26 3.44 5.87
N PHE A 99 1.57 4.28 5.12
CA PHE A 99 0.18 4.60 5.42
C PHE A 99 -0.73 3.92 4.40
N ILE A 100 -1.55 3.00 4.88
CA ILE A 100 -2.49 2.30 4.02
C ILE A 100 -3.81 3.06 3.96
N TYR A 101 -4.09 3.65 2.82
CA TYR A 101 -5.35 4.34 2.62
C TYR A 101 -6.32 3.40 1.91
N LYS A 102 -7.30 2.91 2.66
CA LYS A 102 -8.28 1.98 2.12
C LYS A 102 -9.17 2.66 1.09
N MET A 103 -8.85 2.45 -0.17
CA MET A 103 -9.66 2.96 -1.26
C MET A 103 -10.96 2.16 -1.35
N GLU A 104 -11.98 2.75 -1.99
CA GLU A 104 -13.27 2.09 -2.16
C GLU A 104 -13.12 0.66 -2.69
N GLY A 105 -13.77 -0.27 -2.02
CA GLY A 105 -13.65 -1.67 -2.39
C GLY A 105 -12.99 -2.48 -1.30
N CYS A 106 -12.29 -1.80 -0.42
CA CYS A 106 -11.63 -2.44 0.72
C CYS A 106 -12.49 -2.31 1.97
N ASN A 107 -12.50 -3.33 2.80
CA ASN A 107 -13.24 -3.28 4.06
C ASN A 107 -12.27 -2.93 5.19
#